data_6E84
# 
_entry.id   6E84 
# 
_audit_conform.dict_name       mmcif_pdbx.dic 
_audit_conform.dict_version    5.379 
_audit_conform.dict_location   http://mmcif.pdb.org/dictionaries/ascii/mmcif_pdbx.dic 
# 
loop_
_database_2.database_id 
_database_2.database_code 
_database_2.pdbx_database_accession 
_database_2.pdbx_DOI 
PDB   6E84         pdb_00006e84 10.2210/pdb6e84/pdb 
WWPDB D_1000235874 ?            ?                   
# 
_pdbx_database_related.db_name        PDB 
_pdbx_database_related.details        . 
_pdbx_database_related.db_id          6E81 
_pdbx_database_related.content_type   unspecified 
# 
_pdbx_database_status.status_code                     REL 
_pdbx_database_status.status_code_sf                  REL 
_pdbx_database_status.status_code_mr                  ? 
_pdbx_database_status.entry_id                        6E84 
_pdbx_database_status.recvd_initial_deposition_date   2018-07-27 
_pdbx_database_status.SG_entry                        N 
_pdbx_database_status.deposit_site                    RCSB 
_pdbx_database_status.process_site                    RCSB 
_pdbx_database_status.status_code_cs                  ? 
_pdbx_database_status.methods_development_category    ? 
_pdbx_database_status.pdb_format_compatible           Y 
_pdbx_database_status.status_code_nmr_data            ? 
# 
loop_
_audit_author.name 
_audit_author.pdbx_ordinal 
_audit_author.identifier_ORCID 
'Sjekloca, L.'        1 0000-0002-4508-1743 
;Ferre-D'Amare, A.R.
;
2 0000-0003-4549-1619 
# 
_citation.abstract                  ? 
_citation.abstract_id_CAS           ? 
_citation.book_id_ISBN              ? 
_citation.book_publisher            ? 
_citation.book_publisher_city       ? 
_citation.book_title                ? 
_citation.coordinate_linkage        ? 
_citation.country                   US 
_citation.database_id_Medline       ? 
_citation.details                   ? 
_citation.id                        primary 
_citation.journal_abbrev            'Cell Chem Biol' 
_citation.journal_id_ASTM           ? 
_citation.journal_id_CSD            ? 
_citation.journal_id_ISSN           2451-9456 
_citation.journal_full              ? 
_citation.journal_issue             ? 
_citation.journal_volume            26 
_citation.language                  ? 
_citation.page_first                1159 
_citation.page_last                 ? 
_citation.title                     
'Binding between G Quadruplexes at the Homodimer Interface of the Corn RNA Aptamer Strongly Activates Thioflavin T Fluorescence.' 
_citation.year                      2019 
_citation.database_id_CSD           ? 
_citation.pdbx_database_id_DOI      10.1016/j.chembiol.2019.04.012 
_citation.pdbx_database_id_PubMed   31178406 
_citation.unpublished_flag          ? 
# 
loop_
_citation_author.citation_id 
_citation_author.name 
_citation_author.ordinal 
_citation_author.identifier_ORCID 
primary 'Sjekloca, L.'        1 ? 
primary 
;Ferre-D'Amare, A.R.
;
2 ? 
# 
_cell.angle_alpha                  90.000 
_cell.angle_alpha_esd              ? 
_cell.angle_beta                   90.000 
_cell.angle_beta_esd               ? 
_cell.angle_gamma                  120.000 
_cell.angle_gamma_esd              ? 
_cell.entry_id                     6E84 
_cell.details                      ? 
_cell.formula_units_Z              ? 
_cell.length_a                     128.611 
_cell.length_a_esd                 ? 
_cell.length_b                     128.611 
_cell.length_b_esd                 ? 
_cell.length_c                     40.843 
_cell.length_c_esd                 ? 
_cell.volume                       ? 
_cell.volume_esd                   ? 
_cell.Z_PDB                        18 
_cell.reciprocal_angle_alpha       ? 
_cell.reciprocal_angle_beta        ? 
_cell.reciprocal_angle_gamma       ? 
_cell.reciprocal_angle_alpha_esd   ? 
_cell.reciprocal_angle_beta_esd    ? 
_cell.reciprocal_angle_gamma_esd   ? 
_cell.reciprocal_length_a          ? 
_cell.reciprocal_length_b          ? 
_cell.reciprocal_length_c          ? 
_cell.reciprocal_length_a_esd      ? 
_cell.reciprocal_length_b_esd      ? 
_cell.reciprocal_length_c_esd      ? 
_cell.pdbx_unique_axis             ? 
# 
_symmetry.entry_id                         6E84 
_symmetry.cell_setting                     ? 
_symmetry.Int_Tables_number                155 
_symmetry.space_group_name_Hall            ? 
_symmetry.space_group_name_H-M             'H 3 2' 
_symmetry.pdbx_full_space_group_name_H-M   ? 
# 
loop_
_entity.id 
_entity.type 
_entity.src_method 
_entity.pdbx_description 
_entity.formula_weight 
_entity.pdbx_number_of_molecules 
_entity.pdbx_ec 
_entity.pdbx_mutation 
_entity.pdbx_fragment 
_entity.details 
1 polymer     syn 'RNA (36-MER)'                                                                   11794.100 1 ? ? ? ? 
2 non-polymer syn 'POTASSIUM ION'                                                                  39.098    1 ? ? ? ? 
3 non-polymer syn '1-methyl-4-[(Z)-(3-methyl-1,3-benzothiazol-2(3H)-ylidene)methyl]quinolin-1-ium' 305.417   1 ? ? ? ? 
# 
_entity_poly.entity_id                      1 
_entity_poly.type                           polyribonucleotide 
_entity_poly.nstd_linkage                   no 
_entity_poly.nstd_monomer                   no 
_entity_poly.pdbx_seq_one_letter_code       GGCGCGAGGAAGGAGGUCUGAGGAGGUCACUGCGCC 
_entity_poly.pdbx_seq_one_letter_code_can   GGCGCGAGGAAGGAGGUCUGAGGAGGUCACUGCGCC 
_entity_poly.pdbx_strand_id                 A 
_entity_poly.pdbx_target_identifier         ? 
# 
loop_
_entity_poly_seq.entity_id 
_entity_poly_seq.num 
_entity_poly_seq.mon_id 
_entity_poly_seq.hetero 
1 1  G n 
1 2  G n 
1 3  C n 
1 4  G n 
1 5  C n 
1 6  G n 
1 7  A n 
1 8  G n 
1 9  G n 
1 10 A n 
1 11 A n 
1 12 G n 
1 13 G n 
1 14 A n 
1 15 G n 
1 16 G n 
1 17 U n 
1 18 C n 
1 19 U n 
1 20 G n 
1 21 A n 
1 22 G n 
1 23 G n 
1 24 A n 
1 25 G n 
1 26 G n 
1 27 U n 
1 28 C n 
1 29 A n 
1 30 C n 
1 31 U n 
1 32 G n 
1 33 C n 
1 34 G n 
1 35 C n 
1 36 C n 
# 
_pdbx_entity_src_syn.entity_id              1 
_pdbx_entity_src_syn.pdbx_src_id            1 
_pdbx_entity_src_syn.pdbx_alt_source_flag   sample 
_pdbx_entity_src_syn.pdbx_beg_seq_num       1 
_pdbx_entity_src_syn.pdbx_end_seq_num       36 
_pdbx_entity_src_syn.organism_scientific    'synthetic construct' 
_pdbx_entity_src_syn.organism_common_name   ? 
_pdbx_entity_src_syn.ncbi_taxonomy_id       32630 
_pdbx_entity_src_syn.details                ? 
# 
_struct_ref.id                         1 
_struct_ref.db_name                    PDB 
_struct_ref.db_code                    6E84 
_struct_ref.pdbx_db_accession          6E84 
_struct_ref.pdbx_db_isoform            ? 
_struct_ref.entity_id                  1 
_struct_ref.pdbx_seq_one_letter_code   ? 
_struct_ref.pdbx_align_begin           1 
# 
_struct_ref_seq.align_id                      1 
_struct_ref_seq.ref_id                        1 
_struct_ref_seq.pdbx_PDB_id_code              6E84 
_struct_ref_seq.pdbx_strand_id                A 
_struct_ref_seq.seq_align_beg                 1 
_struct_ref_seq.pdbx_seq_align_beg_ins_code   ? 
_struct_ref_seq.seq_align_end                 36 
_struct_ref_seq.pdbx_seq_align_end_ins_code   ? 
_struct_ref_seq.pdbx_db_accession             6E84 
_struct_ref_seq.db_align_beg                  1 
_struct_ref_seq.pdbx_db_align_beg_ins_code    ? 
_struct_ref_seq.db_align_end                  36 
_struct_ref_seq.pdbx_db_align_end_ins_code    ? 
_struct_ref_seq.pdbx_auth_seq_align_beg       1 
_struct_ref_seq.pdbx_auth_seq_align_end       36 
# 
loop_
_chem_comp.id 
_chem_comp.type 
_chem_comp.mon_nstd_flag 
_chem_comp.name 
_chem_comp.pdbx_synonyms 
_chem_comp.formula 
_chem_comp.formula_weight 
A   'RNA linking' y "ADENOSINE-5'-MONOPHOSPHATE"                                                     ?                 
'C10 H14 N5 O7 P' 347.221 
C   'RNA linking' y "CYTIDINE-5'-MONOPHOSPHATE"                                                      ?                 
'C9 H14 N3 O8 P'  323.197 
G   'RNA linking' y "GUANOSINE-5'-MONOPHOSPHATE"                                                     ?                 
'C10 H14 N5 O8 P' 363.221 
J0D non-polymer   . '1-methyl-4-[(Z)-(3-methyl-1,3-benzothiazol-2(3H)-ylidene)methyl]quinolin-1-ium' 'Thiazole orange' 
'C19 H17 N2 S 1'  305.417 
K   non-polymer   . 'POTASSIUM ION'                                                                  ?                 'K 1' 
39.098  
U   'RNA linking' y "URIDINE-5'-MONOPHOSPHATE"                                                       ?                 
'C9 H13 N2 O9 P'  324.181 
# 
_exptl.absorpt_coefficient_mu     ? 
_exptl.absorpt_correction_T_max   ? 
_exptl.absorpt_correction_T_min   ? 
_exptl.absorpt_correction_type    ? 
_exptl.absorpt_process_details    ? 
_exptl.entry_id                   6E84 
_exptl.crystals_number            1 
_exptl.details                    ? 
_exptl.method                     'X-RAY DIFFRACTION' 
_exptl.method_details             ? 
# 
_exptl_crystal.colour                      ? 
_exptl_crystal.density_diffrn              ? 
_exptl_crystal.density_Matthews            2.75 
_exptl_crystal.density_method              ? 
_exptl_crystal.density_percent_sol         55.35 
_exptl_crystal.description                 ? 
_exptl_crystal.F_000                       ? 
_exptl_crystal.id                          1 
_exptl_crystal.preparation                 ? 
_exptl_crystal.size_max                    ? 
_exptl_crystal.size_mid                    ? 
_exptl_crystal.size_min                    ? 
_exptl_crystal.size_rad                    ? 
_exptl_crystal.colour_lustre               ? 
_exptl_crystal.colour_modifier             ? 
_exptl_crystal.colour_primary              ? 
_exptl_crystal.density_meas                ? 
_exptl_crystal.density_meas_esd            ? 
_exptl_crystal.density_meas_gt             ? 
_exptl_crystal.density_meas_lt             ? 
_exptl_crystal.density_meas_temp           ? 
_exptl_crystal.density_meas_temp_esd       ? 
_exptl_crystal.density_meas_temp_gt        ? 
_exptl_crystal.density_meas_temp_lt        ? 
_exptl_crystal.pdbx_crystal_image_url      ? 
_exptl_crystal.pdbx_crystal_image_format   ? 
_exptl_crystal.pdbx_mosaicity              ? 
_exptl_crystal.pdbx_mosaicity_esd          ? 
# 
_exptl_crystal_grow.apparatus       ? 
_exptl_crystal_grow.atmosphere      ? 
_exptl_crystal_grow.crystal_id      1 
_exptl_crystal_grow.details         ? 
_exptl_crystal_grow.method          'VAPOR DIFFUSION, HANGING DROP' 
_exptl_crystal_grow.method_ref      ? 
_exptl_crystal_grow.pH              ? 
_exptl_crystal_grow.pressure        ? 
_exptl_crystal_grow.pressure_esd    ? 
_exptl_crystal_grow.seeding         ? 
_exptl_crystal_grow.seeding_ref     ? 
_exptl_crystal_grow.temp            294 
_exptl_crystal_grow.temp_details    ? 
_exptl_crystal_grow.temp_esd        ? 
_exptl_crystal_grow.time            ? 
_exptl_crystal_grow.pdbx_details    
'20 % PEG 4000, 5% PEG 400, 10% glycerol, 0.2 M ammonium acetate pH 6.7, 0.1 M sodium citrate pH 5.6, 0.5 mM thiazole orange' 
_exptl_crystal_grow.pdbx_pH_range   ? 
# 
_diffrn.ambient_environment              ? 
_diffrn.ambient_temp                     100 
_diffrn.ambient_temp_details             ? 
_diffrn.ambient_temp_esd                 ? 
_diffrn.crystal_id                       1 
_diffrn.crystal_support                  ? 
_diffrn.crystal_treatment                ? 
_diffrn.details                          ? 
_diffrn.id                               1 
_diffrn.ambient_pressure                 ? 
_diffrn.ambient_pressure_esd             ? 
_diffrn.ambient_pressure_gt              ? 
_diffrn.ambient_pressure_lt              ? 
_diffrn.ambient_temp_gt                  ? 
_diffrn.ambient_temp_lt                  ? 
_diffrn.pdbx_serial_crystal_experiment   ? 
# 
_diffrn_detector.details                      ? 
_diffrn_detector.detector                     PIXEL 
_diffrn_detector.diffrn_id                    1 
_diffrn_detector.type                         'DECTRIS PILATUS3 6M' 
_diffrn_detector.area_resol_mean              ? 
_diffrn_detector.dtime                        ? 
_diffrn_detector.pdbx_frames_total            ? 
_diffrn_detector.pdbx_collection_time_total   ? 
_diffrn_detector.pdbx_collection_date         2018-04-28 
_diffrn_detector.pdbx_frequency               ? 
# 
_diffrn_radiation.collimation                      ? 
_diffrn_radiation.diffrn_id                        1 
_diffrn_radiation.filter_edge                      ? 
_diffrn_radiation.inhomogeneity                    ? 
_diffrn_radiation.monochromator                    ? 
_diffrn_radiation.polarisn_norm                    ? 
_diffrn_radiation.polarisn_ratio                   ? 
_diffrn_radiation.probe                            ? 
_diffrn_radiation.type                             ? 
_diffrn_radiation.xray_symbol                      ? 
_diffrn_radiation.wavelength_id                    1 
_diffrn_radiation.pdbx_monochromatic_or_laue_m_l   M 
_diffrn_radiation.pdbx_wavelength_list             ? 
_diffrn_radiation.pdbx_wavelength                  ? 
_diffrn_radiation.pdbx_diffrn_protocol             'SINGLE WAVELENGTH' 
_diffrn_radiation.pdbx_analyzer                    ? 
_diffrn_radiation.pdbx_scattering_type             x-ray 
# 
_diffrn_radiation_wavelength.id           1 
_diffrn_radiation_wavelength.wavelength   1 
_diffrn_radiation_wavelength.wt           1.0 
# 
_diffrn_source.current                     ? 
_diffrn_source.details                     ? 
_diffrn_source.diffrn_id                   1 
_diffrn_source.power                       ? 
_diffrn_source.size                        ? 
_diffrn_source.source                      SYNCHROTRON 
_diffrn_source.target                      ? 
_diffrn_source.type                        'ALS BEAMLINE 5.0.1' 
_diffrn_source.voltage                     ? 
_diffrn_source.take-off_angle              ? 
_diffrn_source.pdbx_wavelength_list        1 
_diffrn_source.pdbx_wavelength             ? 
_diffrn_source.pdbx_synchrotron_beamline   5.0.1 
_diffrn_source.pdbx_synchrotron_site       ALS 
# 
_reflns.B_iso_Wilson_estimate            80.050 
_reflns.entry_id                         6E84 
_reflns.data_reduction_details           ? 
_reflns.data_reduction_method            ? 
_reflns.d_resolution_high                2.850 
_reflns.d_resolution_low                 38.350 
_reflns.details                          ? 
_reflns.limit_h_max                      ? 
_reflns.limit_h_min                      ? 
_reflns.limit_k_max                      ? 
_reflns.limit_k_min                      ? 
_reflns.limit_l_max                      ? 
_reflns.limit_l_min                      ? 
_reflns.number_all                       ? 
_reflns.number_obs                       3104 
_reflns.observed_criterion               ? 
_reflns.observed_criterion_F_max         ? 
_reflns.observed_criterion_F_min         ? 
_reflns.observed_criterion_I_max         ? 
_reflns.observed_criterion_I_min         ? 
_reflns.observed_criterion_sigma_F       ? 
_reflns.observed_criterion_sigma_I       ? 
_reflns.percent_possible_obs             100.000 
_reflns.R_free_details                   ? 
_reflns.Rmerge_F_all                     ? 
_reflns.Rmerge_F_obs                     ? 
_reflns.Friedel_coverage                 ? 
_reflns.number_gt                        ? 
_reflns.threshold_expression             ? 
_reflns.pdbx_redundancy                  18.900 
_reflns.pdbx_Rmerge_I_obs                0.086 
_reflns.pdbx_Rmerge_I_all                ? 
_reflns.pdbx_Rsym_value                  ? 
_reflns.pdbx_netI_over_av_sigmaI         ? 
_reflns.pdbx_netI_over_sigmaI            16.300 
_reflns.pdbx_res_netI_over_av_sigmaI_2   ? 
_reflns.pdbx_res_netI_over_sigmaI_2      ? 
_reflns.pdbx_chi_squared                 ? 
_reflns.pdbx_scaling_rejects             65 
_reflns.pdbx_d_res_high_opt              ? 
_reflns.pdbx_d_res_low_opt               ? 
_reflns.pdbx_d_res_opt_method            ? 
_reflns.phase_calculation_details        ? 
_reflns.pdbx_Rrim_I_all                  0.088 
_reflns.pdbx_Rpim_I_all                  0.020 
_reflns.pdbx_d_opt                       ? 
_reflns.pdbx_number_measured_all         58519 
_reflns.pdbx_diffrn_id                   1 
_reflns.pdbx_ordinal                     1 
_reflns.pdbx_CC_half                     1.000 
_reflns.pdbx_R_split                     ? 
# 
loop_
_reflns_shell.d_res_high 
_reflns_shell.d_res_low 
_reflns_shell.meanI_over_sigI_all 
_reflns_shell.meanI_over_sigI_obs 
_reflns_shell.number_measured_all 
_reflns_shell.number_measured_obs 
_reflns_shell.number_possible 
_reflns_shell.number_unique_all 
_reflns_shell.number_unique_obs 
_reflns_shell.percent_possible_all 
_reflns_shell.percent_possible_obs 
_reflns_shell.Rmerge_F_all 
_reflns_shell.Rmerge_F_obs 
_reflns_shell.Rmerge_I_all 
_reflns_shell.Rmerge_I_obs 
_reflns_shell.meanI_over_sigI_gt 
_reflns_shell.meanI_over_uI_all 
_reflns_shell.meanI_over_uI_gt 
_reflns_shell.number_measured_gt 
_reflns_shell.number_unique_gt 
_reflns_shell.percent_possible_gt 
_reflns_shell.Rmerge_F_gt 
_reflns_shell.Rmerge_I_gt 
_reflns_shell.pdbx_redundancy 
_reflns_shell.pdbx_Rsym_value 
_reflns_shell.pdbx_chi_squared 
_reflns_shell.pdbx_netI_over_sigmaI_all 
_reflns_shell.pdbx_netI_over_sigmaI_obs 
_reflns_shell.pdbx_Rrim_I_all 
_reflns_shell.pdbx_Rpim_I_all 
_reflns_shell.pdbx_rejects 
_reflns_shell.pdbx_ordinal 
_reflns_shell.pdbx_diffrn_id 
_reflns_shell.pdbx_CC_half 
_reflns_shell.pdbx_R_split 
2.850  2.920  ? ? ? ? ? ? 244 100.000 ? ? ? ? 1.049 ? ? ? ? ? ? ? ? 18.000 ? ? ? ? 1.079 0.250 ? 1 1 0.684 ? 
12.750 38.350 ? ? ? ? ? ? 42  98.000  ? ? ? ? 0.028 ? ? ? ? ? ? ? ? 15.500 ? ? ? ? 0.028 0.007 ? 2 1 1.000 ? 
# 
_refine.aniso_B[1][1]                            ? 
_refine.aniso_B[1][2]                            ? 
_refine.aniso_B[1][3]                            ? 
_refine.aniso_B[2][2]                            ? 
_refine.aniso_B[2][3]                            ? 
_refine.aniso_B[3][3]                            ? 
_refine.B_iso_max                                382.080 
_refine.B_iso_mean                               130.8393 
_refine.B_iso_min                                45.830 
_refine.correlation_coeff_Fo_to_Fc               ? 
_refine.correlation_coeff_Fo_to_Fc_free          ? 
_refine.details                                  ? 
_refine.diff_density_max                         ? 
_refine.diff_density_max_esd                     ? 
_refine.diff_density_min                         ? 
_refine.diff_density_min_esd                     ? 
_refine.diff_density_rms                         ? 
_refine.diff_density_rms_esd                     ? 
_refine.entry_id                                 6E84 
_refine.pdbx_refine_id                           'X-RAY DIFFRACTION' 
_refine.ls_abs_structure_details                 ? 
_refine.ls_abs_structure_Flack                   ? 
_refine.ls_abs_structure_Flack_esd               ? 
_refine.ls_abs_structure_Rogers                  ? 
_refine.ls_abs_structure_Rogers_esd              ? 
_refine.ls_d_res_high                            2.9010 
_refine.ls_d_res_low                             38.3460 
_refine.ls_extinction_coef                       ? 
_refine.ls_extinction_coef_esd                   ? 
_refine.ls_extinction_expression                 ? 
_refine.ls_extinction_method                     ? 
_refine.ls_goodness_of_fit_all                   ? 
_refine.ls_goodness_of_fit_all_esd               ? 
_refine.ls_goodness_of_fit_obs                   ? 
_refine.ls_goodness_of_fit_obs_esd               ? 
_refine.ls_hydrogen_treatment                    ? 
_refine.ls_matrix_type                           ? 
_refine.ls_number_constraints                    ? 
_refine.ls_number_parameters                     ? 
_refine.ls_number_reflns_all                     ? 
_refine.ls_number_reflns_obs                     2937 
_refine.ls_number_reflns_R_free                  293 
_refine.ls_number_reflns_R_work                  ? 
_refine.ls_number_restraints                     ? 
_refine.ls_percent_reflns_obs                    99.7300 
_refine.ls_percent_reflns_R_free                 9.9800 
_refine.ls_R_factor_all                          ? 
_refine.ls_R_factor_obs                          0.2401 
_refine.ls_R_factor_R_free                       0.2931 
_refine.ls_R_factor_R_free_error                 ? 
_refine.ls_R_factor_R_free_error_details         ? 
_refine.ls_R_factor_R_work                       0.2345 
_refine.ls_R_Fsqd_factor_obs                     ? 
_refine.ls_R_I_factor_obs                        ? 
_refine.ls_redundancy_reflns_all                 ? 
_refine.ls_redundancy_reflns_obs                 ? 
_refine.ls_restrained_S_all                      ? 
_refine.ls_restrained_S_obs                      ? 
_refine.ls_shift_over_esd_max                    ? 
_refine.ls_shift_over_esd_mean                   ? 
_refine.ls_structure_factor_coef                 ? 
_refine.ls_weighting_details                     ? 
_refine.ls_weighting_scheme                      ? 
_refine.ls_wR_factor_all                         ? 
_refine.ls_wR_factor_obs                         ? 
_refine.ls_wR_factor_R_free                      ? 
_refine.ls_wR_factor_R_work                      ? 
_refine.occupancy_max                            ? 
_refine.occupancy_min                            ? 
_refine.solvent_model_details                    ? 
_refine.solvent_model_param_bsol                 ? 
_refine.solvent_model_param_ksol                 ? 
_refine.ls_R_factor_gt                           ? 
_refine.ls_goodness_of_fit_gt                    ? 
_refine.ls_goodness_of_fit_ref                   ? 
_refine.ls_shift_over_su_max                     ? 
_refine.ls_shift_over_su_max_lt                  ? 
_refine.ls_shift_over_su_mean                    ? 
_refine.ls_shift_over_su_mean_lt                 ? 
_refine.pdbx_ls_sigma_I                          ? 
_refine.pdbx_ls_sigma_F                          1.510 
_refine.pdbx_ls_sigma_Fsqd                       ? 
_refine.pdbx_data_cutoff_high_absF               ? 
_refine.pdbx_data_cutoff_high_rms_absF           ? 
_refine.pdbx_data_cutoff_low_absF                ? 
_refine.pdbx_isotropic_thermal_model             ? 
_refine.pdbx_ls_cross_valid_method               THROUGHOUT 
_refine.pdbx_method_to_determine_struct          'MOLECULAR REPLACEMENT' 
_refine.pdbx_starting_model                      6E81 
_refine.pdbx_stereochemistry_target_values       ? 
_refine.pdbx_R_Free_selection_details            ? 
_refine.pdbx_stereochem_target_val_spec_case     ? 
_refine.pdbx_overall_ESU_R                       ? 
_refine.pdbx_overall_ESU_R_Free                  ? 
_refine.pdbx_solvent_vdw_probe_radii             1.1100 
_refine.pdbx_solvent_ion_probe_radii             ? 
_refine.pdbx_solvent_shrinkage_radii             0.9000 
_refine.pdbx_real_space_R                        ? 
_refine.pdbx_density_correlation                 ? 
_refine.pdbx_pd_number_of_powder_patterns        ? 
_refine.pdbx_pd_number_of_points                 ? 
_refine.pdbx_pd_meas_number_of_points            ? 
_refine.pdbx_pd_proc_ls_prof_R_factor            ? 
_refine.pdbx_pd_proc_ls_prof_wR_factor           ? 
_refine.pdbx_pd_Marquardt_correlation_coeff      ? 
_refine.pdbx_pd_Fsqrd_R_factor                   ? 
_refine.pdbx_pd_ls_matrix_band_width             ? 
_refine.pdbx_overall_phase_error                 25.6700 
_refine.pdbx_overall_SU_R_free_Cruickshank_DPI   ? 
_refine.pdbx_overall_SU_R_free_Blow_DPI          ? 
_refine.pdbx_overall_SU_R_Blow_DPI               ? 
_refine.pdbx_TLS_residual_ADP_flag               ? 
_refine.pdbx_diffrn_id                           1 
_refine.overall_SU_B                             ? 
_refine.overall_SU_ML                            0.3800 
_refine.overall_SU_R_Cruickshank_DPI             ? 
_refine.overall_SU_R_free                        ? 
_refine.overall_FOM_free_R_set                   ? 
_refine.overall_FOM_work_R_set                   ? 
_refine.pdbx_average_fsc_overall                 ? 
_refine.pdbx_average_fsc_work                    ? 
_refine.pdbx_average_fsc_free                    ? 
# 
_refine_hist.cycle_id                         final 
_refine_hist.pdbx_refine_id                   'X-RAY DIFFRACTION' 
_refine_hist.d_res_high                       2.9010 
_refine_hist.d_res_low                        38.3460 
_refine_hist.pdbx_number_atoms_ligand         23 
_refine_hist.number_atoms_solvent             0 
_refine_hist.number_atoms_total               808 
_refine_hist.pdbx_number_residues_total       36 
_refine_hist.pdbx_B_iso_mean_ligand           72.19 
_refine_hist.pdbx_number_atoms_protein        0 
_refine_hist.pdbx_number_atoms_nucleic_acid   785 
# 
loop_
_refine_ls_restr.pdbx_refine_id 
_refine_ls_restr.criterion 
_refine_ls_restr.dev_ideal 
_refine_ls_restr.dev_ideal_target 
_refine_ls_restr.number 
_refine_ls_restr.rejects 
_refine_ls_restr.type 
_refine_ls_restr.weight 
_refine_ls_restr.pdbx_restraint_function 
'X-RAY DIFFRACTION' ? 0.008  ? 905  ? f_bond_d           ? ? 
'X-RAY DIFFRACTION' ? 1.451  ? 1410 ? f_angle_d          ? ? 
'X-RAY DIFFRACTION' ? 0.063  ? 180  ? f_chiral_restr     ? ? 
'X-RAY DIFFRACTION' ? 0.009  ? 38   ? f_plane_restr      ? ? 
'X-RAY DIFFRACTION' ? 20.792 ? 431  ? f_dihedral_angle_d ? ? 
# 
loop_
_refine_ls_shell.pdbx_refine_id 
_refine_ls_shell.d_res_high 
_refine_ls_shell.d_res_low 
_refine_ls_shell.number_reflns_all 
_refine_ls_shell.number_reflns_obs 
_refine_ls_shell.number_reflns_R_free 
_refine_ls_shell.number_reflns_R_work 
_refine_ls_shell.percent_reflns_obs 
_refine_ls_shell.percent_reflns_R_free 
_refine_ls_shell.R_factor_all 
_refine_ls_shell.R_factor_obs 
_refine_ls_shell.R_factor_R_free 
_refine_ls_shell.R_factor_R_free_error 
_refine_ls_shell.R_factor_R_work 
_refine_ls_shell.redundancy_reflns_all 
_refine_ls_shell.redundancy_reflns_obs 
_refine_ls_shell.wR_factor_all 
_refine_ls_shell.wR_factor_obs 
_refine_ls_shell.wR_factor_R_free 
_refine_ls_shell.wR_factor_R_work 
_refine_ls_shell.pdbx_total_number_of_bins_used 
_refine_ls_shell.pdbx_phase_error 
_refine_ls_shell.pdbx_fsc_work 
_refine_ls_shell.pdbx_fsc_free 
'X-RAY DIFFRACTION' 2.9011 3.6547  1447 . 144 1303 100.0000 . . . 0.3639 0.0000 0.2948 . . . . . . 2 . . . 
'X-RAY DIFFRACTION' 3.6547 38.3495 1490 . 149 1341 100.0000 . . . 0.2712 0.0000 0.2148 . . . . . . 2 . . . 
# 
_struct.entry_id                     6E84 
_struct.title                        'Crystal structure of the Corn aptamer in complex with TO' 
_struct.pdbx_model_details           ? 
_struct.pdbx_formula_weight          ? 
_struct.pdbx_formula_weight_method   ? 
_struct.pdbx_model_type_details      ? 
_struct.pdbx_CASP_flag               N 
# 
_struct_keywords.entry_id        6E84 
_struct_keywords.text            'polyribonucleotide, fluorigenic aptamer, G-quadruplex, thiazole orange, RNA' 
_struct_keywords.pdbx_keywords   RNA 
# 
loop_
_struct_asym.id 
_struct_asym.pdbx_blank_PDB_chainid_flag 
_struct_asym.pdbx_modified 
_struct_asym.entity_id 
_struct_asym.details 
A N N 1 ? 
B N N 2 ? 
C N N 3 ? 
# 
loop_
_struct_conn.id 
_struct_conn.conn_type_id 
_struct_conn.pdbx_leaving_atom_flag 
_struct_conn.pdbx_PDB_id 
_struct_conn.ptnr1_label_asym_id 
_struct_conn.ptnr1_label_comp_id 
_struct_conn.ptnr1_label_seq_id 
_struct_conn.ptnr1_label_atom_id 
_struct_conn.pdbx_ptnr1_label_alt_id 
_struct_conn.pdbx_ptnr1_PDB_ins_code 
_struct_conn.pdbx_ptnr1_standard_comp_id 
_struct_conn.ptnr1_symmetry 
_struct_conn.ptnr2_label_asym_id 
_struct_conn.ptnr2_label_comp_id 
_struct_conn.ptnr2_label_seq_id 
_struct_conn.ptnr2_label_atom_id 
_struct_conn.pdbx_ptnr2_label_alt_id 
_struct_conn.pdbx_ptnr2_PDB_ins_code 
_struct_conn.ptnr1_auth_asym_id 
_struct_conn.ptnr1_auth_comp_id 
_struct_conn.ptnr1_auth_seq_id 
_struct_conn.ptnr2_auth_asym_id 
_struct_conn.ptnr2_auth_comp_id 
_struct_conn.ptnr2_auth_seq_id 
_struct_conn.ptnr2_symmetry 
_struct_conn.pdbx_ptnr3_label_atom_id 
_struct_conn.pdbx_ptnr3_label_seq_id 
_struct_conn.pdbx_ptnr3_label_comp_id 
_struct_conn.pdbx_ptnr3_label_asym_id 
_struct_conn.pdbx_ptnr3_label_alt_id 
_struct_conn.pdbx_ptnr3_PDB_ins_code 
_struct_conn.details 
_struct_conn.pdbx_dist_value 
_struct_conn.pdbx_value_order 
_struct_conn.pdbx_role 
metalc1  metalc ? ? A G 12 O6 ? ? ? 1_555 B K .  K  ? ? A G 12 A K 101 1_555 ? ? ? ? ? ? ?             3.140 ? ? 
metalc2  metalc ? ? A G 13 O6 ? ? ? 1_555 B K .  K  ? ? A G 13 A K 101 1_555 ? ? ? ? ? ? ?             2.691 ? ? 
metalc3  metalc ? ? A G 15 O6 ? ? ? 1_555 B K .  K  ? ? A G 15 A K 101 1_555 ? ? ? ? ? ? ?             2.592 ? ? 
metalc4  metalc ? ? A G 16 O6 ? ? ? 1_555 B K .  K  ? ? A G 16 A K 101 1_555 ? ? ? ? ? ? ?             3.080 ? ? 
metalc5  metalc ? ? A G 22 O6 ? ? ? 1_555 B K .  K  ? ? A G 22 A K 101 1_555 ? ? ? ? ? ? ?             2.652 ? ? 
metalc6  metalc ? ? A G 23 O6 ? ? ? 1_555 B K .  K  ? ? A G 23 A K 101 1_555 ? ? ? ? ? ? ?             3.246 ? ? 
metalc7  metalc ? ? A G 25 O6 ? ? ? 1_555 B K .  K  ? ? A G 25 A K 101 1_555 ? ? ? ? ? ? ?             2.816 ? ? 
metalc8  metalc ? ? A G 26 O6 ? ? ? 1_555 B K .  K  ? ? A G 26 A K 101 1_555 ? ? ? ? ? ? ?             3.041 ? ? 
hydrog1  hydrog ? ? A G 1  N1 ? ? ? 1_555 A C 36 N3 ? ? A G 1  A C 36  1_555 ? ? ? ? ? ? WATSON-CRICK  ?     ? ? 
hydrog2  hydrog ? ? A G 1  N2 ? ? ? 1_555 A C 36 O2 ? ? A G 1  A C 36  1_555 ? ? ? ? ? ? WATSON-CRICK  ?     ? ? 
hydrog3  hydrog ? ? A G 1  O6 ? ? ? 1_555 A C 36 N4 ? ? A G 1  A C 36  1_555 ? ? ? ? ? ? WATSON-CRICK  ?     ? ? 
hydrog4  hydrog ? ? A G 2  N2 ? ? ? 1_555 A C 35 O2 ? ? A G 2  A C 35  1_555 ? ? ? ? ? ? 'G-C PAIR'    ?     ? ? 
hydrog5  hydrog ? ? A G 4  N1 ? ? ? 1_555 A C 33 N3 ? ? A G 4  A C 33  1_555 ? ? ? ? ? ? WATSON-CRICK  ?     ? ? 
hydrog6  hydrog ? ? A G 4  N2 ? ? ? 1_555 A C 33 O2 ? ? A G 4  A C 33  1_555 ? ? ? ? ? ? WATSON-CRICK  ?     ? ? 
hydrog7  hydrog ? ? A G 4  O6 ? ? ? 1_555 A C 33 N4 ? ? A G 4  A C 33  1_555 ? ? ? ? ? ? WATSON-CRICK  ?     ? ? 
hydrog8  hydrog ? ? A C 5  N3 ? ? ? 1_555 A G 32 N1 ? ? A C 5  A G 32  1_555 ? ? ? ? ? ? WATSON-CRICK  ?     ? ? 
hydrog9  hydrog ? ? A C 5  N4 ? ? ? 1_555 A G 32 O6 ? ? A C 5  A G 32  1_555 ? ? ? ? ? ? WATSON-CRICK  ?     ? ? 
hydrog10 hydrog ? ? A C 5  O2 ? ? ? 1_555 A G 32 N2 ? ? A C 5  A G 32  1_555 ? ? ? ? ? ? WATSON-CRICK  ?     ? ? 
hydrog11 hydrog ? ? A G 6  N7 ? ? ? 1_555 A A 14 N6 ? ? A G 6  A A 14  1_555 ? ? ? ? ? ? 'G-A MISPAIR' ?     ? ? 
hydrog12 hydrog ? ? A A 7  N6 ? ? ? 1_555 A A 14 N7 ? ? A A 7  A A 14  1_555 ? ? ? ? ? ? 'A-A MISPAIR' ?     ? ? 
hydrog13 hydrog ? ? A G 9  N1 ? ? ? 1_555 A C 18 N3 ? ? A G 9  A C 18  1_555 ? ? ? ? ? ? WATSON-CRICK  ?     ? ? 
hydrog14 hydrog ? ? A G 9  N2 ? ? ? 1_555 A C 18 O2 ? ? A G 9  A C 18  1_555 ? ? ? ? ? ? WATSON-CRICK  ?     ? ? 
hydrog15 hydrog ? ? A G 9  O6 ? ? ? 1_555 A C 18 N4 ? ? A G 9  A C 18  1_555 ? ? ? ? ? ? WATSON-CRICK  ?     ? ? 
hydrog16 hydrog ? ? A G 12 N1 ? ? ? 1_555 A G 15 O6 ? ? A G 12 A G 15  1_555 ? ? ? ? ? ? TYPE_6_PAIR   ?     ? ? 
hydrog17 hydrog ? ? A G 12 N2 ? ? ? 1_555 A G 15 N7 ? ? A G 12 A G 15  1_555 ? ? ? ? ? ? TYPE_6_PAIR   ?     ? ? 
hydrog18 hydrog ? ? A G 12 N7 ? ? ? 1_555 A G 25 N2 ? ? A G 12 A G 25  1_555 ? ? ? ? ? ? TYPE_6_PAIR   ?     ? ? 
hydrog19 hydrog ? ? A G 12 O6 ? ? ? 1_555 A G 25 N1 ? ? A G 12 A G 25  1_555 ? ? ? ? ? ? TYPE_6_PAIR   ?     ? ? 
hydrog20 hydrog ? ? A G 13 N1 ? ? ? 1_555 A G 15 O6 ? ? A G 13 A G 15  1_555 ? ? ? ? ? ? TYPE_6_PAIR   ?     ? ? 
hydrog21 hydrog ? ? A G 13 N2 ? ? ? 1_555 A G 15 N7 ? ? A G 13 A G 15  1_555 ? ? ? ? ? ? TYPE_6_PAIR   ?     ? ? 
hydrog22 hydrog ? ? A G 13 N1 ? ? ? 1_555 A G 16 O6 ? ? A G 13 A G 16  1_555 ? ? ? ? ? ? TYPE_6_PAIR   ?     ? ? 
hydrog23 hydrog ? ? A G 13 N2 ? ? ? 1_555 A G 16 N7 ? ? A G 13 A G 16  1_555 ? ? ? ? ? ? TYPE_6_PAIR   ?     ? ? 
hydrog24 hydrog ? ? A G 13 N7 ? ? ? 1_555 A G 26 N2 ? ? A G 13 A G 26  1_555 ? ? ? ? ? ? TYPE_6_PAIR   ?     ? ? 
hydrog25 hydrog ? ? A G 13 O6 ? ? ? 1_555 A G 26 N1 ? ? A G 13 A G 26  1_555 ? ? ? ? ? ? TYPE_6_PAIR   ?     ? ? 
hydrog26 hydrog ? ? A G 15 N1 ? ? ? 1_555 A G 22 O6 ? ? A G 15 A G 22  1_555 ? ? ? ? ? ? TYPE_6_PAIR   ?     ? ? 
hydrog27 hydrog ? ? A G 15 N2 ? ? ? 1_555 A G 22 N7 ? ? A G 15 A G 22  1_555 ? ? ? ? ? ? TYPE_6_PAIR   ?     ? ? 
hydrog28 hydrog ? ? A G 16 N1 ? ? ? 1_555 A G 23 O6 ? ? A G 16 A G 23  1_555 ? ? ? ? ? ? TYPE_6_PAIR   ?     ? ? 
hydrog29 hydrog ? ? A G 16 N2 ? ? ? 1_555 A G 23 N7 ? ? A G 16 A G 23  1_555 ? ? ? ? ? ? TYPE_6_PAIR   ?     ? ? 
hydrog30 hydrog ? ? A C 18 O2 ? ? ? 1_555 A G 20 N2 ? ? A C 18 A G 20  1_555 ? ? ? ? ? ? 'C-G PAIR'    ?     ? ? 
hydrog31 hydrog ? ? A G 20 N2 ? ? ? 1_555 A C 28 O2 ? ? A G 20 A C 28  1_555 ? ? ? ? ? ? 'G-C PAIR'    ?     ? ? 
hydrog32 hydrog ? ? A A 21 N6 ? ? ? 1_555 A U 27 O4 ? ? A A 21 A U 27  1_555 ? ? ? ? ? ? 'A-U PAIR'    ?     ? ? 
hydrog33 hydrog ? ? A G 22 N1 ? ? ? 1_555 A G 25 O6 ? ? A G 22 A G 25  1_555 ? ? ? ? ? ? TYPE_6_PAIR   ?     ? ? 
hydrog34 hydrog ? ? A G 22 N2 ? ? ? 1_555 A G 25 N7 ? ? A G 22 A G 25  1_555 ? ? ? ? ? ? TYPE_6_PAIR   ?     ? ? 
hydrog35 hydrog ? ? A G 23 N1 ? ? ? 1_555 A G 26 O6 ? ? A G 23 A G 26  1_555 ? ? ? ? ? ? TYPE_6_PAIR   ?     ? ? 
hydrog36 hydrog ? ? A G 23 N2 ? ? ? 1_555 A G 26 N7 ? ? A G 23 A G 26  1_555 ? ? ? ? ? ? TYPE_6_PAIR   ?     ? ? 
# 
loop_
_struct_conn_type.id 
_struct_conn_type.criteria 
_struct_conn_type.reference 
metalc ? ? 
hydrog ? ? 
# 
loop_
_struct_site.id 
_struct_site.pdbx_evidence_code 
_struct_site.pdbx_auth_asym_id 
_struct_site.pdbx_auth_comp_id 
_struct_site.pdbx_auth_seq_id 
_struct_site.pdbx_auth_ins_code 
_struct_site.pdbx_num_residues 
_struct_site.details 
AC1 Software A K   101 ? 8 'binding site for residue K A 101'   
AC2 Software A J0D 102 ? 7 'binding site for residue J0D A 102' 
# 
loop_
_struct_site_gen.id 
_struct_site_gen.site_id 
_struct_site_gen.pdbx_num_res 
_struct_site_gen.label_comp_id 
_struct_site_gen.label_asym_id 
_struct_site_gen.label_seq_id 
_struct_site_gen.pdbx_auth_ins_code 
_struct_site_gen.auth_comp_id 
_struct_site_gen.auth_asym_id 
_struct_site_gen.auth_seq_id 
_struct_site_gen.label_atom_id 
_struct_site_gen.label_alt_id 
_struct_site_gen.symmetry 
_struct_site_gen.details 
1  AC1 8 G A 12 ? G A 12 . ? 1_555 ? 
2  AC1 8 G A 13 ? G A 13 . ? 1_555 ? 
3  AC1 8 G A 15 ? G A 15 . ? 1_555 ? 
4  AC1 8 G A 16 ? G A 16 . ? 1_555 ? 
5  AC1 8 G A 22 ? G A 22 . ? 1_555 ? 
6  AC1 8 G A 23 ? G A 23 . ? 1_555 ? 
7  AC1 8 G A 25 ? G A 25 . ? 1_555 ? 
8  AC1 8 G A 26 ? G A 26 . ? 1_555 ? 
9  AC2 7 G A 12 ? G A 12 . ? 4_555 ? 
10 AC2 7 G A 12 ? G A 12 . ? 1_555 ? 
11 AC2 7 G A 15 ? G A 15 . ? 1_555 ? 
12 AC2 7 G A 15 ? G A 15 . ? 4_555 ? 
13 AC2 7 G A 22 ? G A 22 . ? 4_555 ? 
14 AC2 7 G A 25 ? G A 25 . ? 1_555 ? 
15 AC2 7 G A 25 ? G A 25 . ? 4_555 ? 
# 
_atom_sites.entry_id                    6E84 
_atom_sites.fract_transf_matrix[1][1]   0.00452231 
_atom_sites.fract_transf_matrix[1][2]   -0.00697015 
_atom_sites.fract_transf_matrix[1][3]   -0.00340108 
_atom_sites.fract_transf_matrix[2][1]   0.00224816 
_atom_sites.fract_transf_matrix[2][2]   -0.00690166 
_atom_sites.fract_transf_matrix[2][3]   0.00528369 
_atom_sites.fract_transf_matrix[3][1]   -0.02115089 
_atom_sites.fract_transf_matrix[3][2]   -0.01106301 
_atom_sites.fract_transf_matrix[3][3]   -0.00545123 
_atom_sites.fract_transf_vector[1]      0.122157 
_atom_sites.fract_transf_vector[2]      0.214810 
_atom_sites.fract_transf_vector[3]      0.173897 
# 
loop_
_atom_type.symbol 
C 
K 
N 
O 
P 
S 
# 
loop_
_atom_site.group_PDB 
_atom_site.id 
_atom_site.type_symbol 
_atom_site.label_atom_id 
_atom_site.label_alt_id 
_atom_site.label_comp_id 
_atom_site.label_asym_id 
_atom_site.label_entity_id 
_atom_site.label_seq_id 
_atom_site.pdbx_PDB_ins_code 
_atom_site.Cartn_x 
_atom_site.Cartn_y 
_atom_site.Cartn_z 
_atom_site.occupancy 
_atom_site.B_iso_or_equiv 
_atom_site.pdbx_formal_charge 
_atom_site.auth_seq_id 
_atom_site.auth_comp_id 
_atom_site.auth_asym_id 
_atom_site.auth_atom_id 
_atom_site.pdbx_PDB_model_num 
ATOM   1   P P     . G   A 1 1  ? -14.168 0.564   -2.888  1.00 165.46 ? 1   G   A P     1 
ATOM   2   O OP1   . G   A 1 1  ? -13.083 1.414   -2.334  1.00 164.47 ? 1   G   A OP1   1 
ATOM   3   O OP2   . G   A 1 1  ? -15.245 0.075   -1.986  1.00 155.13 ? 1   G   A OP2   1 
ATOM   4   O "O5'" . G   A 1 1  ? -14.853 1.377   -4.074  1.00 162.16 ? 1   G   A "O5'" 1 
ATOM   5   C "C5'" . G   A 1 1  ? -14.218 1.515   -5.335  1.00 152.53 ? 1   G   A "C5'" 1 
ATOM   6   C "C4'" . G   A 1 1  ? -14.854 2.617   -6.146  1.00 152.22 ? 1   G   A "C4'" 1 
ATOM   7   O "O4'" . G   A 1 1  ? -16.128 2.980   -5.555  1.00 163.92 ? 1   G   A "O4'" 1 
ATOM   8   C "C3'" . G   A 1 1  ? -14.100 3.934   -6.195  1.00 150.29 ? 1   G   A "C3'" 1 
ATOM   9   O "O3'" . G   A 1 1  ? -13.021 3.943   -7.105  1.00 157.43 ? 1   G   A "O3'" 1 
ATOM   10  C "C2'" . G   A 1 1  ? -15.199 4.931   -6.532  1.00 141.60 ? 1   G   A "C2'" 1 
ATOM   11  O "O2'" . G   A 1 1  ? -15.561 4.863   -7.905  1.00 107.72 ? 1   G   A "O2'" 1 
ATOM   12  C "C1'" . G   A 1 1  ? -16.350 4.370   -5.709  1.00 161.93 ? 1   G   A "C1'" 1 
ATOM   13  N N9    . G   A 1 1  ? -16.428 4.992   -4.372  1.00 159.38 ? 1   G   A N9    1 
ATOM   14  C C8    . G   A 1 1  ? -16.438 4.337   -3.163  1.00 160.33 ? 1   G   A C8    1 
ATOM   15  N N7    . G   A 1 1  ? -16.533 5.141   -2.142  1.00 155.92 ? 1   G   A N7    1 
ATOM   16  C C5    . G   A 1 1  ? -16.596 6.405   -2.714  1.00 156.18 ? 1   G   A C5    1 
ATOM   17  C C6    . G   A 1 1  ? -16.703 7.672   -2.089  1.00 154.04 ? 1   G   A C6    1 
ATOM   18  O O6    . G   A 1 1  ? -16.766 7.914   -0.873  1.00 149.00 ? 1   G   A O6    1 
ATOM   19  N N1    . G   A 1 1  ? -16.731 8.696   -3.042  1.00 150.44 ? 1   G   A N1    1 
ATOM   20  C C2    . G   A 1 1  ? -16.664 8.525   -4.409  1.00 143.86 ? 1   G   A C2    1 
ATOM   21  N N2    . G   A 1 1  ? -16.706 9.630   -5.166  1.00 150.35 ? 1   G   A N2    1 
ATOM   22  N N3    . G   A 1 1  ? -16.564 7.347   -4.996  1.00 133.94 ? 1   G   A N3    1 
ATOM   23  C C4    . G   A 1 1  ? -16.535 6.337   -4.093  1.00 145.13 ? 1   G   A C4    1 
ATOM   24  P P     . G   A 1 2  ? -11.583 4.442   -6.603  1.00 146.17 ? 2   G   A P     1 
ATOM   25  O OP1   . G   A 1 2  ? -10.576 3.768   -7.469  1.00 138.46 ? 2   G   A OP1   1 
ATOM   26  O OP2   . G   A 1 2  ? -11.567 4.293   -5.118  1.00 128.12 ? 2   G   A OP2   1 
ATOM   27  O "O5'" . G   A 1 2  ? -11.590 6.016   -6.871  1.00 135.73 ? 2   G   A "O5'" 1 
ATOM   28  C "C5'" . G   A 1 2  ? -11.849 6.560   -8.157  1.00 133.72 ? 2   G   A "C5'" 1 
ATOM   29  C "C4'" . G   A 1 2  ? -12.052 8.049   -8.062  1.00 142.79 ? 2   G   A "C4'" 1 
ATOM   30  O "O4'" . G   A 1 2  ? -13.313 8.314   -7.395  1.00 154.22 ? 2   G   A "O4'" 1 
ATOM   31  C "C3'" . G   A 1 2  ? -11.033 8.782   -7.208  1.00 168.63 ? 2   G   A "C3'" 1 
ATOM   32  O "O3'" . G   A 1 2  ? -9.820  9.055   -7.883  1.00 179.97 ? 2   G   A "O3'" 1 
ATOM   33  C "C2'" . G   A 1 2  ? -11.807 10.006  -6.746  1.00 172.37 ? 2   G   A "C2'" 1 
ATOM   34  O "O2'" . G   A 1 2  ? -11.958 10.938  -7.806  1.00 180.72 ? 2   G   A "O2'" 1 
ATOM   35  C "C1'" . G   A 1 2  ? -13.165 9.382   -6.482  1.00 159.90 ? 2   G   A "C1'" 1 
ATOM   36  N N9    . G   A 1 2  ? -13.247 8.817   -5.121  1.00 153.46 ? 2   G   A N9    1 
ATOM   37  C C8    . G   A 1 2  ? -13.144 7.485   -4.787  1.00 142.77 ? 2   G   A C8    1 
ATOM   38  N N7    . G   A 1 2  ? -13.260 7.260   -3.508  1.00 139.19 ? 2   G   A N7    1 
ATOM   39  C C5    . G   A 1 2  ? -13.454 8.523   -2.961  1.00 152.82 ? 2   G   A C5    1 
ATOM   40  C C6    . G   A 1 2  ? -13.640 8.909   -1.610  1.00 168.67 ? 2   G   A C6    1 
ATOM   41  O O6    . G   A 1 2  ? -13.677 8.185   -0.604  1.00 174.25 ? 2   G   A O6    1 
ATOM   42  N N1    . G   A 1 2  ? -13.793 10.288  -1.499  1.00 181.22 ? 2   G   A N1    1 
ATOM   43  C C2    . G   A 1 2  ? -13.772 11.178  -2.547  1.00 176.87 ? 2   G   A C2    1 
ATOM   44  N N2    . G   A 1 2  ? -13.942 12.465  -2.232  1.00 194.47 ? 2   G   A N2    1 
ATOM   45  N N3    . G   A 1 2  ? -13.597 10.838  -3.811  1.00 152.61 ? 2   G   A N3    1 
ATOM   46  C C4    . G   A 1 2  ? -13.446 9.500   -3.942  1.00 155.23 ? 2   G   A C4    1 
ATOM   47  P P     . C   A 1 3  ? -8.446  8.447   -7.316  1.00 172.39 ? 3   C   A P     1 
ATOM   48  O OP1   . C   A 1 3  ? -7.687  7.898   -8.467  1.00 174.85 ? 3   C   A OP1   1 
ATOM   49  O OP2   . C   A 1 3  ? -8.754  7.604   -6.125  1.00 135.20 ? 3   C   A OP2   1 
ATOM   50  O "O5'" . C   A 1 3  ? -7.654  9.728   -6.811  1.00 198.77 ? 3   C   A "O5'" 1 
ATOM   51  C "C5'" . C   A 1 3  ? -7.514  10.864  -7.650  1.00 202.62 ? 3   C   A "C5'" 1 
ATOM   52  C "C4'" . C   A 1 3  ? -7.883  12.133  -6.926  1.00 191.97 ? 3   C   A "C4'" 1 
ATOM   53  O "O4'" . C   A 1 3  ? -9.218  12.013  -6.362  1.00 181.06 ? 3   C   A "O4'" 1 
ATOM   54  C "C3'" . C   A 1 3  ? -7.027  12.488  -5.724  1.00 188.99 ? 3   C   A "C3'" 1 
ATOM   55  O "O3'" . C   A 1 3  ? -5.774  13.053  -6.057  1.00 211.44 ? 3   C   A "O3'" 1 
ATOM   56  C "C2'" . C   A 1 3  ? -7.942  13.426  -4.960  1.00 174.19 ? 3   C   A "C2'" 1 
ATOM   57  O "O2'" . C   A 1 3  ? -8.029  14.670  -5.633  1.00 175.06 ? 3   C   A "O2'" 1 
ATOM   58  C "C1'" . C   A 1 3  ? -9.279  12.718  -5.136  1.00 176.65 ? 3   C   A "C1'" 1 
ATOM   59  N N1    . C   A 1 3  ? -9.555  11.768  -4.028  1.00 178.00 ? 3   C   A N1    1 
ATOM   60  C C2    . C   A 1 3  ? -9.969  12.301  -2.800  1.00 177.60 ? 3   C   A C2    1 
ATOM   61  O O2    . C   A 1 3  ? -10.086 13.536  -2.676  1.00 162.32 ? 3   C   A O2    1 
ATOM   62  N N3    . C   A 1 3  ? -10.238 11.460  -1.772  1.00 180.61 ? 3   C   A N3    1 
ATOM   63  C C4    . C   A 1 3  ? -10.107 10.144  -1.913  1.00 169.56 ? 3   C   A C4    1 
ATOM   64  N N4    . C   A 1 3  ? -10.387 9.384   -0.849  1.00 162.98 ? 3   C   A N4    1 
ATOM   65  C C5    . C   A 1 3  ? -9.684  9.569   -3.148  1.00 170.26 ? 3   C   A C5    1 
ATOM   66  C C6    . C   A 1 3  ? -9.425  10.409  -4.164  1.00 174.06 ? 3   C   A C6    1 
ATOM   67  P P     . G   A 1 4  ? -4.518  12.824  -5.081  1.00 230.09 ? 4   G   A P     1 
ATOM   68  O OP1   . G   A 1 4  ? -3.306  13.393  -5.721  1.00 239.11 ? 4   G   A OP1   1 
ATOM   69  O OP2   . G   A 1 4  ? -4.539  11.398  -4.657  1.00 224.99 ? 4   G   A OP2   1 
ATOM   70  O "O5'" . G   A 1 4  ? -4.845  13.720  -3.806  1.00 234.47 ? 4   G   A "O5'" 1 
ATOM   71  C "C5'" . G   A 1 4  ? -5.235  13.115  -2.585  1.00 246.19 ? 4   G   A "C5'" 1 
ATOM   72  C "C4'" . G   A 1 4  ? -5.783  14.127  -1.616  1.00 255.58 ? 4   G   A "C4'" 1 
ATOM   73  O "O4'" . G   A 1 4  ? -7.152  13.775  -1.277  1.00 268.25 ? 4   G   A "O4'" 1 
ATOM   74  C "C3'" . G   A 1 4  ? -5.076  14.209  -0.270  1.00 248.67 ? 4   G   A "C3'" 1 
ATOM   75  O "O3'" . G   A 1 4  ? -3.907  15.013  -0.299  1.00 221.57 ? 4   G   A "O3'" 1 
ATOM   76  C "C2'" . G   A 1 4  ? -6.166  14.759  0.638   1.00 269.57 ? 4   G   A "C2'" 1 
ATOM   77  O "O2'" . G   A 1 4  ? -6.337  16.154  0.433   1.00 282.07 ? 4   G   A "O2'" 1 
ATOM   78  C "C1'" . G   A 1 4  ? -7.396  14.043  0.085   1.00 270.37 ? 4   G   A "C1'" 1 
ATOM   79  N N9    . G   A 1 4  ? -7.638  12.757  0.758   1.00 265.12 ? 4   G   A N9    1 
ATOM   80  C C8    . G   A 1 4  ? -7.889  11.565  0.128   1.00 262.42 ? 4   G   A C8    1 
ATOM   81  N N7    . G   A 1 4  ? -8.079  10.577  0.949   1.00 260.78 ? 4   G   A N7    1 
ATOM   82  C C5    . G   A 1 4  ? -7.942  11.158  2.195   1.00 263.36 ? 4   G   A C5    1 
ATOM   83  C C6    . G   A 1 4  ? -8.056  10.575  3.469   1.00 268.10 ? 4   G   A C6    1 
ATOM   84  O O6    . G   A 1 4  ? -8.276  9.394   3.749   1.00 266.56 ? 4   G   A O6    1 
ATOM   85  N N1    . G   A 1 4  ? -7.838  11.500  4.483   1.00 276.49 ? 4   G   A N1    1 
ATOM   86  C C2    . G   A 1 4  ? -7.573  12.830  4.293   1.00 285.33 ? 4   G   A C2    1 
ATOM   87  N N2    . G   A 1 4  ? -7.407  13.573  5.398   1.00 296.77 ? 4   G   A N2    1 
ATOM   88  N N3    . G   A 1 4  ? -7.480  13.390  3.104   1.00 278.67 ? 4   G   A N3    1 
ATOM   89  C C4    . G   A 1 4  ? -7.674  12.502  2.107   1.00 266.93 ? 4   G   A C4    1 
ATOM   90  P P     . C   A 1 5  ? -2.450  14.353  -0.495  1.00 196.28 ? 5   C   A P     1 
ATOM   91  O OP1   . C   A 1 5  ? -1.440  15.312  0.002   1.00 202.41 ? 5   C   A OP1   1 
ATOM   92  O OP2   . C   A 1 5  ? -2.338  13.851  -1.885  1.00 194.74 ? 5   C   A OP2   1 
ATOM   93  O "O5'" . C   A 1 5  ? -2.406  13.146  0.538   1.00 162.13 ? 5   C   A "O5'" 1 
ATOM   94  C "C5'" . C   A 1 5  ? -1.524  13.187  1.650   1.00 128.02 ? 5   C   A "C5'" 1 
ATOM   95  C "C4'" . C   A 1 5  ? -2.285  13.266  2.948   1.00 125.40 ? 5   C   A "C4'" 1 
ATOM   96  O "O4'" . C   A 1 5  ? -3.686  12.951  2.712   1.00 152.68 ? 5   C   A "O4'" 1 
ATOM   97  C "C3'" . C   A 1 5  ? -1.845  12.278  4.008   1.00 95.16  ? 5   C   A "C3'" 1 
ATOM   98  O "O3'" . C   A 1 5  ? -0.747  12.748  4.746   1.00 103.22 ? 5   C   A "O3'" 1 
ATOM   99  C "C2'" . C   A 1 5  ? -3.105  12.070  4.839   1.00 109.34 ? 5   C   A "C2'" 1 
ATOM   100 O "O2'" . C   A 1 5  ? -3.297  13.100  5.787   1.00 109.39 ? 5   C   A "O2'" 1 
ATOM   101 C "C1'" . C   A 1 5  ? -4.194  12.159  3.768   1.00 150.01 ? 5   C   A "C1'" 1 
ATOM   102 N N1    . C   A 1 5  ? -4.520  10.814  3.224   1.00 158.58 ? 5   C   A N1    1 
ATOM   103 C C2    . C   A 1 5  ? -5.275  9.886   3.964   1.00 143.43 ? 5   C   A C2    1 
ATOM   104 O O2    . C   A 1 5  ? -5.715  10.201  5.081   1.00 130.56 ? 5   C   A O2    1 
ATOM   105 N N3    . C   A 1 5  ? -5.519  8.658   3.432   1.00 155.51 ? 5   C   A N3    1 
ATOM   106 C C4    . C   A 1 5  ? -5.039  8.324   2.221   1.00 158.49 ? 5   C   A C4    1 
ATOM   107 N N4    . C   A 1 5  ? -5.282  7.104   1.718   1.00 127.23 ? 5   C   A N4    1 
ATOM   108 C C5    . C   A 1 5  ? -4.260  9.244   1.460   1.00 170.76 ? 5   C   A C5    1 
ATOM   109 C C6    . C   A 1 5  ? -4.030  10.452  1.996   1.00 167.19 ? 5   C   A C6    1 
ATOM   110 P P     . G   A 1 6  ? 0.373   11.733  5.291   1.00 142.37 ? 6   G   A P     1 
ATOM   111 O OP1   . G   A 1 6  ? 1.333   12.498  6.118   1.00 172.13 ? 6   G   A OP1   1 
ATOM   112 O OP2   . G   A 1 6  ? 0.890   10.989  4.119   1.00 159.33 ? 6   G   A OP2   1 
ATOM   113 O "O5'" . G   A 1 6  ? -0.398  10.808  6.338   1.00 122.37 ? 6   G   A "O5'" 1 
ATOM   114 C "C5'" . G   A 1 6  ? -0.271  11.031  7.734   1.00 106.46 ? 6   G   A "C5'" 1 
ATOM   115 C "C4'" . G   A 1 6  ? -1.532  10.652  8.466   1.00 109.80 ? 6   G   A "C4'" 1 
ATOM   116 O "O4'" . G   A 1 6  ? -2.646  10.660  7.540   1.00 113.22 ? 6   G   A "O4'" 1 
ATOM   117 C "C3'" . G   A 1 6  ? -1.546  9.252   9.065   1.00 121.30 ? 6   G   A "C3'" 1 
ATOM   118 O "O3'" . G   A 1 6  ? -0.962  9.197   10.346  1.00 131.79 ? 6   G   A "O3'" 1 
ATOM   119 C "C2'" . G   A 1 6  ? -3.019  8.905   9.089   1.00 144.77 ? 6   G   A "C2'" 1 
ATOM   120 O "O2'" . G   A 1 6  ? -3.657  9.526   10.191  1.00 176.42 ? 6   G   A "O2'" 1 
ATOM   121 C "C1'" . G   A 1 6  ? -3.501  9.563   7.803   1.00 142.96 ? 6   G   A "C1'" 1 
ATOM   122 N N9    . G   A 1 6  ? -3.424  8.626   6.666   1.00 155.46 ? 6   G   A N9    1 
ATOM   123 C C8    . G   A 1 6  ? -2.888  8.875   5.431   1.00 163.03 ? 6   G   A C8    1 
ATOM   124 N N7    . G   A 1 6  ? -2.946  7.870   4.607   1.00 168.26 ? 6   G   A N7    1 
ATOM   125 C C5    . G   A 1 6  ? -3.550  6.875   5.352   1.00 157.09 ? 6   G   A C5    1 
ATOM   126 C C6    . G   A 1 6  ? -3.864  5.544   4.986   1.00 150.56 ? 6   G   A C6    1 
ATOM   127 O O6    . G   A 1 6  ? -3.678  4.974   3.896   1.00 134.21 ? 6   G   A O6    1 
ATOM   128 N N1    . G   A 1 6  ? -4.452  4.873   6.056   1.00 165.53 ? 6   G   A N1    1 
ATOM   129 C C2    . G   A 1 6  ? -4.705  5.409   7.298   1.00 158.79 ? 6   G   A C2    1 
ATOM   130 N N2    . G   A 1 6  ? -5.293  4.607   8.206   1.00 167.97 ? 6   G   A N2    1 
ATOM   131 N N3    . G   A 1 6  ? -4.411  6.648   7.634   1.00 138.45 ? 6   G   A N3    1 
ATOM   132 C C4    . G   A 1 6  ? -3.847  7.322   6.623   1.00 145.97 ? 6   G   A C4    1 
ATOM   133 P P     . A   A 1 7  ? 0.441   8.456   10.545  1.00 154.77 ? 7   A   A P     1 
ATOM   134 O OP1   . A   A 1 7  ? 0.984   8.882   11.861  1.00 177.99 ? 7   A   A OP1   1 
ATOM   135 O OP2   . A   A 1 7  ? 1.221   8.647   9.282   1.00 132.09 ? 7   A   A OP2   1 
ATOM   136 O "O5'" . A   A 1 7  ? 0.061   6.918   10.679  1.00 152.95 ? 7   A   A "O5'" 1 
ATOM   137 C "C5'" . A   A 1 7  ? -0.928  6.467   11.592  1.00 153.70 ? 7   A   A "C5'" 1 
ATOM   138 C "C4'" . A   A 1 7  ? -1.456  5.123   11.162  1.00 144.38 ? 7   A   A "C4'" 1 
ATOM   139 O "O4'" . A   A 1 7  ? -2.224  5.297   9.948   1.00 126.30 ? 7   A   A "O4'" 1 
ATOM   140 C "C3'" . A   A 1 7  ? -0.381  4.102   10.804  1.00 139.15 ? 7   A   A "C3'" 1 
ATOM   141 O "O3'" . A   A 1 7  ? 0.025   3.339   11.927  1.00 155.02 ? 7   A   A "O3'" 1 
ATOM   142 C "C2'" . A   A 1 7  ? -1.035  3.254   9.728   1.00 128.63 ? 7   A   A "C2'" 1 
ATOM   143 O "O2'" . A   A 1 7  ? -1.810  2.225   10.315  1.00 148.76 ? 7   A   A "O2'" 1 
ATOM   144 C "C1'" . A   A 1 7  ? -1.971  4.247   9.052   1.00 114.85 ? 7   A   A "C1'" 1 
ATOM   145 N N9    . A   A 1 7  ? -1.415  4.833   7.827   1.00 115.13 ? 7   A   A N9    1 
ATOM   146 C C8    . A   A 1 7  ? -0.987  6.122   7.663   1.00 123.70 ? 7   A   A C8    1 
ATOM   147 N N7    . A   A 1 7  ? -0.569  6.399   6.451   1.00 121.41 ? 7   A   A N7    1 
ATOM   148 C C5    . A   A 1 7  ? -0.746  5.206   5.777   1.00 118.51 ? 7   A   A C5    1 
ATOM   149 C C6    . A   A 1 7  ? -0.493  4.842   4.448   1.00 116.02 ? 7   A   A C6    1 
ATOM   150 N N6    . A   A 1 7  ? 0.017   5.675   3.536   1.00 81.69  ? 7   A   A N6    1 
ATOM   151 N N1    . A   A 1 7  ? -0.799  3.569   4.097   1.00 133.32 ? 7   A   A N1    1 
ATOM   152 C C2    . A   A 1 7  ? -1.316  2.734   5.011   1.00 120.23 ? 7   A   A C2    1 
ATOM   153 N N3    . A   A 1 7  ? -1.583  2.968   6.290   1.00 116.71 ? 7   A   A N3    1 
ATOM   154 C C4    . A   A 1 7  ? -1.274  4.233   6.608   1.00 119.68 ? 7   A   A C4    1 
ATOM   155 P P     . G   A 1 8  ? 1.555   2.869   12.101  1.00 179.51 ? 8   G   A P     1 
ATOM   156 O OP1   . G   A 1 8  ? 1.631   2.057   13.347  1.00 187.80 ? 8   G   A OP1   1 
ATOM   157 O OP2   . G   A 1 8  ? 2.433   4.055   11.925  1.00 187.64 ? 8   G   A OP2   1 
ATOM   158 O "O5'" . G   A 1 8  ? 1.827   1.905   10.862  1.00 163.72 ? 8   G   A "O5'" 1 
ATOM   159 C "C5'" . G   A 1 8  ? 1.455   0.536   10.891  1.00 129.01 ? 8   G   A "C5'" 1 
ATOM   160 C "C4'" . G   A 1 8  ? 1.349   -0.001  9.493   1.00 111.69 ? 8   G   A "C4'" 1 
ATOM   161 O "O4'" . G   A 1 8  ? 0.603   0.938   8.679   1.00 101.70 ? 8   G   A "O4'" 1 
ATOM   162 C "C3'" . G   A 1 8  ? 2.666   -0.167  8.758   1.00 123.02 ? 8   G   A "C3'" 1 
ATOM   163 O "O3'" . G   A 1 8  ? 3.325   -1.383  9.083   1.00 140.63 ? 8   G   A "O3'" 1 
ATOM   164 C "C2'" . G   A 1 8  ? 2.249   -0.072  7.294   1.00 112.75 ? 8   G   A "C2'" 1 
ATOM   165 O "O2'" . G   A 1 8  ? 1.747   -1.322  6.840   1.00 84.55  ? 8   G   A "O2'" 1 
ATOM   166 C "C1'" . G   A 1 8  ? 1.096   0.938   7.361   1.00 103.44 ? 8   G   A "C1'" 1 
ATOM   167 N N9    . G   A 1 8  ? 1.514   2.313   7.036   1.00 91.87  ? 8   G   A N9    1 
ATOM   168 C C8    . G   A 1 8  ? 1.591   3.340   7.923   1.00 116.77 ? 8   G   A C8    1 
ATOM   169 N N7    . G   A 1 8  ? 1.987   4.461   7.389   1.00 145.75 ? 8   G   A N7    1 
ATOM   170 C C5    . G   A 1 8  ? 2.188   4.157   6.050   1.00 120.00 ? 8   G   A C5    1 
ATOM   171 C C6    . G   A 1 8  ? 2.623   4.989   4.976   1.00 119.81 ? 8   G   A C6    1 
ATOM   172 O O6    . G   A 1 8  ? 2.931   6.204   5.005   1.00 118.06 ? 8   G   A O6    1 
ATOM   173 N N1    . G   A 1 8  ? 2.676   4.266   3.783   1.00 97.02  ? 8   G   A N1    1 
ATOM   174 C C2    . G   A 1 8  ? 2.364   2.936   3.641   1.00 109.13 ? 8   G   A C2    1 
ATOM   175 N N2    . G   A 1 8  ? 2.475   2.417   2.402   1.00 106.15 ? 8   G   A N2    1 
ATOM   176 N N3    . G   A 1 8  ? 1.971   2.161   4.645   1.00 119.86 ? 8   G   A N3    1 
ATOM   177 C C4    . G   A 1 8  ? 1.895   2.832   5.817   1.00 104.48 ? 8   G   A C4    1 
ATOM   178 P P     . G   A 1 9  ? 4.574   -1.382  10.096  1.00 131.71 ? 9   G   A P     1 
ATOM   179 O OP1   . G   A 1 9  ? 4.099   -1.896  11.410  1.00 134.47 ? 9   G   A OP1   1 
ATOM   180 O OP2   . G   A 1 9  ? 5.187   -0.041  9.960   1.00 136.42 ? 9   G   A OP2   1 
ATOM   181 O "O5'" . G   A 1 9  ? 5.615   -2.414  9.467   1.00 129.54 ? 9   G   A "O5'" 1 
ATOM   182 C "C5'" . G   A 1 9  ? 6.016   -3.584  10.169  1.00 121.51 ? 9   G   A "C5'" 1 
ATOM   183 C "C4'" . G   A 1 9  ? 5.753   -4.834  9.354   1.00 91.13  ? 9   G   A "C4'" 1 
ATOM   184 O "O4'" . G   A 1 9  ? 4.508   -4.669  8.653   1.00 93.32  ? 9   G   A "O4'" 1 
ATOM   185 C "C3'" . G   A 1 9  ? 6.745   -5.164  8.248   1.00 68.04  ? 9   G   A "C3'" 1 
ATOM   186 O "O3'" . G   A 1 9  ? 7.903   -5.816  8.720   1.00 80.78  ? 9   G   A "O3'" 1 
ATOM   187 C "C2'" . G   A 1 9  ? 5.927   -6.019  7.304   1.00 96.82  ? 9   G   A "C2'" 1 
ATOM   188 O "O2'" . G   A 1 9  ? 5.835   -7.344  7.812   1.00 114.50 ? 9   G   A "O2'" 1 
ATOM   189 C "C1'" . G   A 1 9  ? 4.551   -5.362  7.424   1.00 99.79  ? 9   G   A "C1'" 1 
ATOM   190 N N9    . G   A 1 9  ? 4.255   -4.378  6.375   1.00 78.66  ? 9   G   A N9    1 
ATOM   191 C C8    . G   A 1 9  ? 4.638   -3.078  6.437   1.00 74.72  ? 9   G   A C8    1 
ATOM   192 N N7    . G   A 1 9  ? 4.224   -2.382  5.423   1.00 85.97  ? 9   G   A N7    1 
ATOM   193 C C5    . G   A 1 9  ? 3.502   -3.269  4.659   1.00 81.26  ? 9   G   A C5    1 
ATOM   194 C C6    . G   A 1 9  ? 2.828   -3.047  3.436   1.00 94.54  ? 9   G   A C6    1 
ATOM   195 O O6    . G   A 1 9  ? 2.744   -1.985  2.793   1.00 85.95  ? 9   G   A O6    1 
ATOM   196 N N1    . G   A 1 9  ? 2.214   -4.220  2.993   1.00 115.19 ? 9   G   A N1    1 
ATOM   197 C C2    . G   A 1 9  ? 2.248   -5.442  3.640   1.00 105.87 ? 9   G   A C2    1 
ATOM   198 N N2    . G   A 1 9  ? 1.587   -6.454  3.042   1.00 68.24  ? 9   G   A N2    1 
ATOM   199 N N3    . G   A 1 9  ? 2.890   -5.647  4.792   1.00 105.42 ? 9   G   A N3    1 
ATOM   200 C C4    . G   A 1 9  ? 3.498   -4.517  5.235   1.00 83.89  ? 9   G   A C4    1 
ATOM   201 P P     . A   A 1 10 ? 9.223   -4.946  9.041   1.00 107.90 ? 10  A   A P     1 
ATOM   202 O OP1   . A   A 1 10 ? 9.895   -5.625  10.184  1.00 131.49 ? 10  A   A OP1   1 
ATOM   203 O OP2   . A   A 1 10 ? 8.894   -3.473  9.046   1.00 64.93  ? 10  A   A OP2   1 
ATOM   204 O "O5'" . A   A 1 10 ? 10.160  -5.190  7.788   1.00 98.82  ? 10  A   A "O5'" 1 
ATOM   205 C "C5'" . A   A 1 10 ? 10.330  -6.487  7.263   1.00 101.23 ? 10  A   A "C5'" 1 
ATOM   206 C "C4'" . A   A 1 10 ? 10.322  -6.436  5.766   1.00 99.94  ? 10  A   A "C4'" 1 
ATOM   207 O "O4'" . A   A 1 10 ? 9.018   -6.026  5.287   1.00 95.44  ? 10  A   A "O4'" 1 
ATOM   208 C "C3'" . A   A 1 10 ? 11.264  -5.429  5.138   1.00 103.28 ? 10  A   A "C3'" 1 
ATOM   209 O "O3'" . A   A 1 10 ? 12.613  -5.877  5.116   1.00 126.30 ? 10  A   A "O3'" 1 
ATOM   210 C "C2'" . A   A 1 10 ? 10.652  -5.235  3.747   1.00 90.99  ? 10  A   A "C2'" 1 
ATOM   211 O "O2'" . A   A 1 10 ? 11.078  -6.243  2.851   1.00 72.38  ? 10  A   A "O2'" 1 
ATOM   212 C "C1'" . A   A 1 10 ? 9.153   -5.438  4.016   1.00 84.59  ? 10  A   A "C1'" 1 
ATOM   213 N N9    . A   A 1 10 ? 8.418   -4.174  3.958   1.00 78.85  ? 10  A   A N9    1 
ATOM   214 C C8    . A   A 1 10 ? 8.544   -3.098  4.788   1.00 100.88 ? 10  A   A C8    1 
ATOM   215 N N7    . A   A 1 10 ? 7.782   -2.089  4.437   1.00 126.13 ? 10  A   A N7    1 
ATOM   216 C C5    . A   A 1 10 ? 7.138   -2.530  3.289   1.00 99.51  ? 10  A   A C5    1 
ATOM   217 C C6    . A   A 1 10 ? 6.199   -1.932  2.435   1.00 96.06  ? 10  A   A C6    1 
ATOM   218 N N6    . A   A 1 10 ? 5.707   -0.707  2.596   1.00 111.45 ? 10  A   A N6    1 
ATOM   219 N N1    . A   A 1 10 ? 5.770   -2.642  1.386   1.00 81.20  ? 10  A   A N1    1 
ATOM   220 C C2    . A   A 1 10 ? 6.237   -3.877  1.228   1.00 74.14  ? 10  A   A C2    1 
ATOM   221 N N3    . A   A 1 10 ? 7.117   -4.543  1.958   1.00 76.97  ? 10  A   A N3    1 
ATOM   222 C C4    . A   A 1 10 ? 7.534   -3.809  2.985   1.00 76.41  ? 10  A   A C4    1 
ATOM   223 P P     . A   A 1 11 ? 13.692  -5.424  6.232   1.00 127.84 ? 11  A   A P     1 
ATOM   224 O OP1   . A   A 1 11 ? 14.056  -6.648  6.988   1.00 140.25 ? 11  A   A OP1   1 
ATOM   225 O OP2   . A   A 1 11 ? 13.367  -4.123  6.908   1.00 86.51  ? 11  A   A OP2   1 
ATOM   226 O "O5'" . A   A 1 11 ? 14.984  -5.134  5.372   1.00 116.38 ? 11  A   A "O5'" 1 
ATOM   227 C "C5'" . A   A 1 11 ? 15.576  -3.843  5.365   1.00 101.78 ? 11  A   A "C5'" 1 
ATOM   228 C "C4'" . A   A 1 11 ? 16.313  -3.626  4.078   1.00 98.44  ? 11  A   A "C4'" 1 
ATOM   229 O "O4'" . A   A 1 11 ? 16.862  -4.900  3.625   1.00 127.06 ? 11  A   A "O4'" 1 
ATOM   230 C "C3'" . A   A 1 11 ? 15.446  -3.131  2.942   1.00 84.40  ? 11  A   A "C3'" 1 
ATOM   231 O "O3'" . A   A 1 11 ? 16.285  -2.375  2.096   1.00 79.56  ? 11  A   A "O3'" 1 
ATOM   232 C "C2'" . A   A 1 11 ? 15.051  -4.429  2.233   1.00 96.66  ? 11  A   A "C2'" 1 
ATOM   233 O "O2'" . A   A 1 11 ? 14.639  -4.312  0.883   1.00 101.38 ? 11  A   A "O2'" 1 
ATOM   234 C "C1'" . A   A 1 11 ? 16.337  -5.219  2.348   1.00 89.81  ? 11  A   A "C1'" 1 
ATOM   235 N N9    . A   A 1 11 ? 16.140  -6.656  2.236   1.00 56.95  ? 11  A   A N9    1 
ATOM   236 C C8    . A   A 1 11 ? 15.745  -7.531  3.205   1.00 82.26  ? 11  A   A C8    1 
ATOM   237 N N7    . A   A 1 11 ? 15.672  -8.774  2.759   1.00 97.13  ? 11  A   A N7    1 
ATOM   238 C C5    . A   A 1 11 ? 16.029  -8.689  1.418   1.00 69.29  ? 11  A   A C5    1 
ATOM   239 C C6    . A   A 1 11 ? 16.138  -9.647  0.397   1.00 80.69  ? 11  A   A C6    1 
ATOM   240 N N6    . A   A 1 11 ? 15.881  -10.947 0.587   1.00 106.19 ? 11  A   A N6    1 
ATOM   241 N N1    . A   A 1 11 ? 16.513  -9.236  -0.836  1.00 62.71  ? 11  A   A N1    1 
ATOM   242 C C2    . A   A 1 11 ? 16.728  -7.942  -1.000  1.00 66.94  ? 11  A   A C2    1 
ATOM   243 N N3    . A   A 1 11 ? 16.683  -6.953  -0.108  1.00 83.96  ? 11  A   A N3    1 
ATOM   244 C C4    . A   A 1 11 ? 16.324  -7.391  1.096   1.00 73.01  ? 11  A   A C4    1 
ATOM   245 P P     . G   A 1 12 ? 16.528  -0.843  2.416   1.00 88.65  ? 12  G   A P     1 
ATOM   246 O OP1   . G   A 1 12 ? 17.966  -0.729  2.104   1.00 99.44  ? 12  G   A OP1   1 
ATOM   247 O OP2   . G   A 1 12 ? 15.942  -0.428  3.741   1.00 52.93  ? 12  G   A OP2   1 
ATOM   248 O "O5'" . G   A 1 12 ? 15.730  -0.100  1.255   1.00 108.47 ? 12  G   A "O5'" 1 
ATOM   249 C "C5'" . G   A 1 12 ? 15.541  1.307   1.287   1.00 110.19 ? 12  G   A "C5'" 1 
ATOM   250 C "C4'" . G   A 1 12 ? 14.088  1.696   1.159   1.00 104.04 ? 12  G   A "C4'" 1 
ATOM   251 O "O4'" . G   A 1 12 ? 13.535  1.189   -0.098  1.00 76.69  ? 12  G   A "O4'" 1 
ATOM   252 C "C3'" . G   A 1 12 ? 13.165  1.177   2.267   1.00 103.02 ? 12  G   A "C3'" 1 
ATOM   253 O "O3'" . G   A 1 12 ? 12.165  2.187   2.485   1.00 87.17  ? 12  G   A "O3'" 1 
ATOM   254 C "C2'" . G   A 1 12 ? 12.578  -0.076  1.610   1.00 109.10 ? 12  G   A "C2'" 1 
ATOM   255 O "O2'" . G   A 1 12 ? 11.410  -0.613  2.201   1.00 117.30 ? 12  G   A "O2'" 1 
ATOM   256 C "C1'" . G   A 1 12 ? 12.375  0.433   0.187   1.00 105.87 ? 12  G   A "C1'" 1 
ATOM   257 N N9    . G   A 1 12 ? 12.178  -0.570  -0.867  1.00 103.10 ? 12  G   A N9    1 
ATOM   258 C C8    . G   A 1 12 ? 12.828  -1.735  -1.139  1.00 111.28 ? 12  G   A C8    1 
ATOM   259 N N7    . G   A 1 12 ? 12.345  -2.348  -2.188  1.00 115.62 ? 12  G   A N7    1 
ATOM   260 C C5    . G   A 1 12 ? 11.324  -1.544  -2.646  1.00 106.70 ? 12  G   A C5    1 
ATOM   261 C C6    . G   A 1 12 ? 10.431  -1.666  -3.740  1.00 85.37  ? 12  G   A C6    1 
ATOM   262 O O6    . G   A 1 12 ? 10.357  -2.550  -4.583  1.00 87.37  ? 12  G   A O6    1 
ATOM   263 N N1    . G   A 1 12 ? 9.546   -0.602  -3.819  1.00 79.94  ? 12  G   A N1    1 
ATOM   264 C C2    . G   A 1 12 ? 9.520   0.457   -2.946  1.00 87.66  ? 12  G   A C2    1 
ATOM   265 N N2    . G   A 1 12 ? 8.616   1.424   -3.150  1.00 59.23  ? 12  G   A N2    1 
ATOM   266 N N3    . G   A 1 12 ? 10.346  0.572   -1.926  1.00 126.85 ? 12  G   A N3    1 
ATOM   267 C C4    . G   A 1 12 ? 11.218  -0.449  -1.836  1.00 115.35 ? 12  G   A C4    1 
ATOM   268 P P     . G   A 1 13 ? 10.954  2.032   3.548   1.00 109.05 ? 13  G   A P     1 
ATOM   269 O OP1   . G   A 1 13 ? 10.881  3.202   4.451   1.00 118.77 ? 13  G   A OP1   1 
ATOM   270 O OP2   . G   A 1 13 ? 10.925  0.679   4.178   1.00 91.17  ? 13  G   A OP2   1 
ATOM   271 O "O5'" . G   A 1 13 ? 9.696   2.244   2.606   1.00 104.94 ? 13  G   A "O5'" 1 
ATOM   272 C "C5'" . G   A 1 13 ? 9.777   3.118   1.482   1.00 103.57 ? 13  G   A "C5'" 1 
ATOM   273 C "C4'" . G   A 1 13 ? 8.422   3.677   1.145   1.00 110.55 ? 13  G   A "C4'" 1 
ATOM   274 O "O4'" . G   A 1 13 ? 7.834   2.880   0.090   1.00 98.06  ? 13  G   A "O4'" 1 
ATOM   275 C "C3'" . G   A 1 13 ? 7.434   3.627   2.294   1.00 124.42 ? 13  G   A "C3'" 1 
ATOM   276 O "O3'" . G   A 1 13 ? 6.420   4.603   2.078   1.00 131.76 ? 13  G   A "O3'" 1 
ATOM   277 C "C2'" . G   A 1 13 ? 6.837   2.239   2.143   1.00 125.29 ? 13  G   A "C2'" 1 
ATOM   278 O "O2'" . G   A 1 13 ? 5.580   2.094   2.767   1.00 126.29 ? 13  G   A "O2'" 1 
ATOM   279 C "C1'" . G   A 1 13 ? 6.789   2.076   0.613   1.00 114.73 ? 13  G   A "C1'" 1 
ATOM   280 N N9    . G   A 1 13 ? 7.123   0.736   0.146   1.00 109.13 ? 13  G   A N9    1 
ATOM   281 C C8    . G   A 1 13 ? 8.047   -0.124  0.672   1.00 102.42 ? 13  G   A C8    1 
ATOM   282 N N7    . G   A 1 13 ? 8.160   -1.228  -0.007  1.00 101.21 ? 13  G   A N7    1 
ATOM   283 C C5    . G   A 1 13 ? 7.283   -1.057  -1.059  1.00 89.96  ? 13  G   A C5    1 
ATOM   284 C C6    . G   A 1 13 ? 6.982   -1.898  -2.144  1.00 84.60  ? 13  G   A C6    1 
ATOM   285 O O6    . G   A 1 13 ? 7.440   -3.014  -2.395  1.00 104.49 ? 13  G   A O6    1 
ATOM   286 N N1    . G   A 1 13 ? 6.050   -1.310  -2.989  1.00 67.13  ? 13  G   A N1    1 
ATOM   287 C C2    . G   A 1 13 ? 5.468   -0.084  -2.804  1.00 75.17  ? 13  G   A C2    1 
ATOM   288 N N2    . G   A 1 13 ? 4.569   0.296   -3.721  1.00 85.20  ? 13  G   A N2    1 
ATOM   289 N N3    . G   A 1 13 ? 5.747   0.711   -1.799  1.00 89.67  ? 13  G   A N3    1 
ATOM   290 C C4    . G   A 1 13 ? 6.650   0.155   -0.985  1.00 91.45  ? 13  G   A C4    1 
ATOM   291 P P     . A   A 1 14 ? 6.572   6.058   2.729   1.00 126.50 ? 14  A   A P     1 
ATOM   292 O OP1   . A   A 1 14 ? 7.891   6.050   3.410   1.00 143.18 ? 14  A   A OP1   1 
ATOM   293 O OP2   . A   A 1 14 ? 5.354   6.323   3.539   1.00 133.88 ? 14  A   A OP2   1 
ATOM   294 O "O5'" . A   A 1 14 ? 6.567   7.077   1.493   1.00 107.20 ? 14  A   A "O5'" 1 
ATOM   295 C "C5'" . A   A 1 14 ? 7.131   6.758   0.228   1.00 77.45  ? 14  A   A "C5'" 1 
ATOM   296 C "C4'" . A   A 1 14 ? 6.083   6.169   -0.678  1.00 129.41 ? 14  A   A "C4'" 1 
ATOM   297 O "O4'" . A   A 1 14 ? 5.024   5.561   0.110   1.00 143.04 ? 14  A   A "O4'" 1 
ATOM   298 C "C3'" . A   A 1 14 ? 5.338   7.130   -1.584  1.00 146.98 ? 14  A   A "C3'" 1 
ATOM   299 O "O3'" . A   A 1 14 ? 6.109   7.509   -2.711  1.00 157.71 ? 14  A   A "O3'" 1 
ATOM   300 C "C2'" . A   A 1 14 ? 4.068   6.343   -1.928  1.00 135.66 ? 14  A   A "C2'" 1 
ATOM   301 O "O2'" . A   A 1 14 ? 4.308   5.410   -2.969  1.00 110.31 ? 14  A   A "O2'" 1 
ATOM   302 C "C1'" . A   A 1 14 ? 3.823   5.560   -0.634  1.00 152.70 ? 14  A   A "C1'" 1 
ATOM   303 N N9    . A   A 1 14 ? 2.711   6.118   0.163   1.00 182.89 ? 14  A   A N9    1 
ATOM   304 C C8    . A   A 1 14 ? 1.385   5.773   0.021   1.00 189.19 ? 14  A   A C8    1 
ATOM   305 N N7    . A   A 1 14 ? 0.571   6.414   0.824   1.00 190.43 ? 14  A   A N7    1 
ATOM   306 C C5    . A   A 1 14 ? 1.413   7.250   1.542   1.00 194.38 ? 14  A   A C5    1 
ATOM   307 C C6    . A   A 1 14 ? 1.146   8.182   2.560   1.00 193.18 ? 14  A   A C6    1 
ATOM   308 N N6    . A   A 1 14 ? -0.093  8.421   3.022   1.00 184.71 ? 14  A   A N6    1 
ATOM   309 N N1    . A   A 1 14 ? 2.206   8.845   3.080   1.00 188.12 ? 14  A   A N1    1 
ATOM   310 C C2    . A   A 1 14 ? 3.428   8.588   2.602   1.00 177.87 ? 14  A   A C2    1 
ATOM   311 N N3    . A   A 1 14 ? 3.800   7.736   1.649   1.00 177.97 ? 14  A   A N3    1 
ATOM   312 C C4    . A   A 1 14 ? 2.735   7.085   1.149   1.00 189.34 ? 14  A   A C4    1 
ATOM   313 P P     . G   A 1 15 ? 5.412   8.136   -4.021  1.00 166.47 ? 15  G   A P     1 
ATOM   314 O OP1   . G   A 1 15 ? 6.516   8.919   -4.656  1.00 155.95 ? 15  G   A OP1   1 
ATOM   315 O OP2   . G   A 1 15 ? 4.138   8.811   -3.655  1.00 176.14 ? 15  G   A OP2   1 
ATOM   316 O "O5'" . G   A 1 15 ? 5.005   6.873   -4.926  1.00 128.41 ? 15  G   A "O5'" 1 
ATOM   317 C "C5'" . G   A 1 15 ? 3.693   6.740   -5.454  1.00 79.88  ? 15  G   A "C5'" 1 
ATOM   318 C "C4'" . G   A 1 15 ? 3.625   5.874   -6.694  1.00 95.19  ? 15  G   A "C4'" 1 
ATOM   319 O "O4'" . G   A 1 15 ? 4.930   5.324   -7.044  1.00 86.95  ? 15  G   A "O4'" 1 
ATOM   320 C "C3'" . G   A 1 15 ? 2.715   4.643   -6.642  1.00 119.77 ? 15  G   A "C3'" 1 
ATOM   321 O "O3'" . G   A 1 15 ? 1.324   4.931   -6.730  1.00 135.36 ? 15  G   A "O3'" 1 
ATOM   322 C "C2'" . G   A 1 15 ? 3.243   3.801   -7.805  1.00 111.46 ? 15  G   A "C2'" 1 
ATOM   323 O "O2'" . G   A 1 15 ? 2.726   4.265   -9.056  1.00 71.51  ? 15  G   A "O2'" 1 
ATOM   324 C "C1'" . G   A 1 15 ? 4.759   4.071   -7.713  1.00 109.20 ? 15  G   A "C1'" 1 
ATOM   325 N N9    . G   A 1 15 ? 5.427   3.001   -6.925  1.00 93.79  ? 15  G   A N9    1 
ATOM   326 C C8    . G   A 1 15 ? 5.847   3.181   -5.624  1.00 85.76  ? 15  G   A C8    1 
ATOM   327 N N7    . G   A 1 15 ? 6.372   2.124   -5.083  1.00 72.18  ? 15  G   A N7    1 
ATOM   328 C C5    . G   A 1 15 ? 6.302   1.159   -6.078  1.00 75.44  ? 15  G   A C5    1 
ATOM   329 C C6    . G   A 1 15 ? 6.733   -0.198  -6.031  1.00 81.06  ? 15  G   A C6    1 
ATOM   330 O O6    . G   A 1 15 ? 7.269   -0.807  -5.102  1.00 103.99 ? 15  G   A O6    1 
ATOM   331 N N1    . G   A 1 15 ? 6.504   -0.878  -7.205  1.00 59.00  ? 15  G   A N1    1 
ATOM   332 C C2    . G   A 1 15 ? 5.926   -0.324  -8.300  1.00 74.67  ? 15  G   A C2    1 
ATOM   333 N N2    . G   A 1 15 ? 5.817   -1.197  -9.321  1.00 56.19  ? 15  G   A N2    1 
ATOM   334 N N3    . G   A 1 15 ? 5.507   0.953   -8.370  1.00 88.31  ? 15  G   A N3    1 
ATOM   335 C C4    . G   A 1 15 ? 5.718   1.661   -7.227  1.00 76.35  ? 15  G   A C4    1 
ATOM   336 P P     . G   A 1 16 ? 0.226   3.882   -6.180  1.00 121.43 ? 16  G   A P     1 
ATOM   337 O OP1   . G   A 1 16 ? -1.120  4.490   -6.273  1.00 144.97 ? 16  G   A OP1   1 
ATOM   338 O OP2   . G   A 1 16 ? 0.690   3.300   -4.899  1.00 125.89 ? 16  G   A OP2   1 
ATOM   339 O "O5'" . G   A 1 16 ? 0.243   2.707   -7.236  1.00 108.07 ? 16  G   A "O5'" 1 
ATOM   340 C "C5'" . G   A 1 16 ? -0.203  2.905   -8.561  1.00 95.83  ? 16  G   A "C5'" 1 
ATOM   341 C "C4'" . G   A 1 16 ? -0.009  1.639   -9.343  1.00 105.13 ? 16  G   A "C4'" 1 
ATOM   342 O "O4'" . G   A 1 16 ? 1.407   1.303   -9.362  1.00 127.21 ? 16  G   A "O4'" 1 
ATOM   343 C "C3'" . G   A 1 16 ? -0.650  0.393   -8.753  1.00 112.67 ? 16  G   A "C3'" 1 
ATOM   344 O "O3'" . G   A 1 16 ? -2.046  0.284   -8.968  1.00 120.53 ? 16  G   A "O3'" 1 
ATOM   345 C "C2'" . G   A 1 16 ? 0.155   -0.702  -9.415  1.00 107.86 ? 16  G   A "C2'" 1 
ATOM   346 O "O2'" . G   A 1 16 ? -0.210  -0.798  -10.782 1.00 105.77 ? 16  G   A "O2'" 1 
ATOM   347 C "C1'" . G   A 1 16 ? 1.560   -0.102  -9.325  1.00 118.73 ? 16  G   A "C1'" 1 
ATOM   348 N N9    . G   A 1 16 ? 2.207   -0.494  -8.048  1.00 100.16 ? 16  G   A N9    1 
ATOM   349 C C8    . G   A 1 16 ? 2.381   0.227   -6.882  1.00 79.37  ? 16  G   A C8    1 
ATOM   350 N N7    . G   A 1 16 ? 2.963   -0.468  -5.936  1.00 61.35  ? 16  G   A N7    1 
ATOM   351 C C5    . G   A 1 16 ? 3.187   -1.742  -6.497  1.00 85.72  ? 16  G   A C5    1 
ATOM   352 C C6    . G   A 1 16 ? 3.781   -2.963  -6.003  1.00 87.88  ? 16  G   A C6    1 
ATOM   353 O O6    . G   A 1 16 ? 4.296   -3.296  -4.911  1.00 80.67  ? 16  G   A O6    1 
ATOM   354 N N1    . G   A 1 16 ? 3.753   -3.949  -6.968  1.00 88.87  ? 16  G   A N1    1 
ATOM   355 C C2    . G   A 1 16 ? 3.253   -3.843  -8.226  1.00 74.31  ? 16  G   A C2    1 
ATOM   356 N N2    . G   A 1 16 ? 3.370   -4.943  -8.989  1.00 55.28  ? 16  G   A N2    1 
ATOM   357 N N3    . G   A 1 16 ? 2.715   -2.742  -8.695  1.00 77.20  ? 16  G   A N3    1 
ATOM   358 C C4    . G   A 1 16 ? 2.711   -1.748  -7.794  1.00 82.44  ? 16  G   A C4    1 
ATOM   359 P P     . U   A 1 17 ? -3.068  0.202   -7.722  1.00 112.90 ? 17  U   A P     1 
ATOM   360 O OP1   . U   A 1 17 ? -4.387  0.367   -8.368  1.00 125.91 ? 17  U   A OP1   1 
ATOM   361 O OP2   . U   A 1 17 ? -2.720  1.145   -6.623  1.00 94.73  ? 17  U   A OP2   1 
ATOM   362 O "O5'" . U   A 1 17 ? -2.890  -1.278  -7.149  1.00 96.40  ? 17  U   A "O5'" 1 
ATOM   363 C "C5'" . U   A 1 17 ? -2.626  -2.369  -8.018  1.00 99.45  ? 17  U   A "C5'" 1 
ATOM   364 C "C4'" . U   A 1 17 ? -1.717  -3.401  -7.387  1.00 101.32 ? 17  U   A "C4'" 1 
ATOM   365 O "O4'" . U   A 1 17 ? -0.411  -2.837  -7.052  1.00 88.98  ? 17  U   A "O4'" 1 
ATOM   366 C "C3'" . U   A 1 17 ? -2.192  -4.030  -6.087  1.00 105.39 ? 17  U   A "C3'" 1 
ATOM   367 O "O3'" . U   A 1 17 ? -3.186  -5.021  -6.320  1.00 118.02 ? 17  U   A "O3'" 1 
ATOM   368 C "C2'" . U   A 1 17 ? -0.894  -4.598  -5.512  1.00 79.94  ? 17  U   A "C2'" 1 
ATOM   369 O "O2'" . U   A 1 17 ? -0.583  -5.827  -6.149  1.00 73.80  ? 17  U   A "O2'" 1 
ATOM   370 C "C1'" . U   A 1 17 ? 0.144   -3.548  -5.958  1.00 73.25  ? 17  U   A "C1'" 1 
ATOM   371 N N1    . U   A 1 17 ? 0.487   -2.608  -4.865  1.00 65.26  ? 17  U   A N1    1 
ATOM   372 C C2    . U   A 1 17 ? 1.323   -3.059  -3.868  1.00 76.65  ? 17  U   A C2    1 
ATOM   373 O O2    . U   A 1 17 ? 1.810   -4.169  -3.875  1.00 97.31  ? 17  U   A O2    1 
ATOM   374 N N3    . U   A 1 17 ? 1.589   -2.167  -2.862  1.00 73.16  ? 17  U   A N3    1 
ATOM   375 C C4    . U   A 1 17 ? 1.112   -0.882  -2.739  1.00 97.23  ? 17  U   A C4    1 
ATOM   376 O O4    . U   A 1 17 ? 1.457   -0.196  -1.773  1.00 125.31 ? 17  U   A O4    1 
ATOM   377 C C5    . U   A 1 17 ? 0.240   -0.483  -3.796  1.00 86.90  ? 17  U   A C5    1 
ATOM   378 C C6    . U   A 1 17 ? -0.036  -1.340  -4.787  1.00 83.64  ? 17  U   A C6    1 
ATOM   379 P P     . C   A 1 18 ? -4.371  -5.356  -5.272  1.00 99.23  ? 18  C   A P     1 
ATOM   380 O OP1   . C   A 1 18 ? -4.940  -6.608  -5.841  1.00 75.22  ? 18  C   A OP1   1 
ATOM   381 O OP2   . C   A 1 18 ? -5.236  -4.177  -4.979  1.00 92.17  ? 18  C   A OP2   1 
ATOM   382 O "O5'" . C   A 1 18 ? -3.631  -5.705  -3.904  1.00 101.22 ? 18  C   A "O5'" 1 
ATOM   383 C "C5'" . C   A 1 18 ? -4.351  -5.761  -2.676  1.00 91.54  ? 18  C   A "C5'" 1 
ATOM   384 C "C4'" . C   A 1 18 ? -3.742  -6.772  -1.733  1.00 86.85  ? 18  C   A "C4'" 1 
ATOM   385 O "O4'" . C   A 1 18 ? -2.355  -6.408  -1.499  1.00 89.02  ? 18  C   A "O4'" 1 
ATOM   386 C "C3'" . C   A 1 18 ? -4.398  -6.872  -0.354  1.00 101.62 ? 18  C   A "C3'" 1 
ATOM   387 O "O3'" . C   A 1 18 ? -4.310  -8.217  0.123   1.00 122.65 ? 18  C   A "O3'" 1 
ATOM   388 C "C2'" . C   A 1 18 ? -3.514  -5.963  0.496   1.00 100.97 ? 18  C   A "C2'" 1 
ATOM   389 O "O2'" . C   A 1 18 ? -3.506  -6.235  1.883   1.00 93.61  ? 18  C   A "O2'" 1 
ATOM   390 C "C1'" . C   A 1 18 ? -2.138  -6.193  -0.123  1.00 99.70  ? 18  C   A "C1'" 1 
ATOM   391 N N1    . C   A 1 18 ? -1.258  -5.029  0.027   1.00 96.60  ? 18  C   A N1    1 
ATOM   392 C C2    . C   A 1 18 ? -0.114  -5.155  0.808   1.00 97.89  ? 18  C   A C2    1 
ATOM   393 O O2    . C   A 1 18 ? 0.154   -6.252  1.317   1.00 105.70 ? 18  C   A O2    1 
ATOM   394 N N3    . C   A 1 18 ? 0.675   -4.079  0.977   1.00 107.13 ? 18  C   A N3    1 
ATOM   395 C C4    . C   A 1 18 ? 0.360   -2.919  0.405   1.00 117.73 ? 18  C   A C4    1 
ATOM   396 N N4    . C   A 1 18 ? 1.193   -1.893  0.602   1.00 146.91 ? 18  C   A N4    1 
ATOM   397 C C5    . C   A 1 18 ? -0.806  -2.755  -0.387  1.00 102.33 ? 18  C   A C5    1 
ATOM   398 C C6    . C   A 1 18 ? -1.586  -3.831  -0.544  1.00 107.56 ? 18  C   A C6    1 
ATOM   399 P P     . U   A 1 19 ? -5.388  -9.334  -0.306  1.00 116.07 ? 19  U   A P     1 
ATOM   400 O OP1   . U   A 1 19 ? -6.449  -8.733  -1.155  1.00 113.32 ? 19  U   A OP1   1 
ATOM   401 O OP2   . U   A 1 19 ? -5.732  -10.079 0.935   1.00 116.65 ? 19  U   A OP2   1 
ATOM   402 O "O5'" . U   A 1 19 ? -4.565  -10.306 -1.260  1.00 98.71  ? 19  U   A "O5'" 1 
ATOM   403 C "C5'" . U   A 1 19 ? -3.443  -11.023 -0.769  1.00 79.96  ? 19  U   A "C5'" 1 
ATOM   404 C "C4'" . U   A 1 19 ? -2.603  -11.533 -1.905  1.00 80.35  ? 19  U   A "C4'" 1 
ATOM   405 O "O4'" . U   A 1 19 ? -1.258  -11.792 -1.426  1.00 87.12  ? 19  U   A "O4'" 1 
ATOM   406 C "C3'" . U   A 1 19 ? -3.069  -12.818 -2.567  1.00 88.33  ? 19  U   A "C3'" 1 
ATOM   407 O "O3'" . U   A 1 19 ? -2.648  -12.769 -3.927  1.00 101.61 ? 19  U   A "O3'" 1 
ATOM   408 C "C2'" . U   A 1 19 ? -2.273  -13.884 -1.808  1.00 86.21  ? 19  U   A "C2'" 1 
ATOM   409 O "O2'" . U   A 1 19 ? -2.116  -15.121 -2.481  1.00 68.51  ? 19  U   A "O2'" 1 
ATOM   410 C "C1'" . U   A 1 19 ? -0.937  -13.166 -1.578  1.00 78.02  ? 19  U   A "C1'" 1 
ATOM   411 N N1    . U   A 1 19 ? -0.266  -13.557 -0.332  1.00 73.31  ? 19  U   A N1    1 
ATOM   412 C C2    . U   A 1 19 ? 0.802   -14.434 -0.280  1.00 70.10  ? 19  U   A C2    1 
ATOM   413 O O2    . U   A 1 19 ? 1.276   -14.956 -1.262  1.00 85.16  ? 19  U   A O2    1 
ATOM   414 N N3    . U   A 1 19 ? 1.286   -14.671 0.991   1.00 80.78  ? 19  U   A N3    1 
ATOM   415 C C4    . U   A 1 19 ? 0.828   -14.104 2.185   1.00 88.69  ? 19  U   A C4    1 
ATOM   416 O O4    . U   A 1 19 ? 1.337   -14.381 3.279   1.00 89.54  ? 19  U   A O4    1 
ATOM   417 C C5    . U   A 1 19 ? -0.270  -13.208 2.037   1.00 94.56  ? 19  U   A C5    1 
ATOM   418 C C6    . U   A 1 19 ? -0.759  -12.978 0.818   1.00 92.93  ? 19  U   A C6    1 
ATOM   419 P P     . G   A 1 20 ? -3.255  -13.777 -5.007  1.00 113.76 ? 20  G   A P     1 
ATOM   420 O OP1   . G   A 1 20 ? -4.533  -14.243 -4.409  1.00 128.81 ? 20  G   A OP1   1 
ATOM   421 O OP2   . G   A 1 20 ? -2.186  -14.736 -5.439  1.00 91.86  ? 20  G   A OP2   1 
ATOM   422 O "O5'" . G   A 1 20 ? -3.639  -12.833 -6.229  1.00 111.87 ? 20  G   A "O5'" 1 
ATOM   423 C "C5'" . G   A 1 20 ? -4.701  -11.902 -6.108  1.00 97.40  ? 20  G   A "C5'" 1 
ATOM   424 C "C4'" . G   A 1 20 ? -4.180  -10.495 -6.106  1.00 92.26  ? 20  G   A "C4'" 1 
ATOM   425 O "O4'" . G   A 1 20 ? -3.342  -10.294 -4.941  1.00 95.61  ? 20  G   A "O4'" 1 
ATOM   426 C "C3'" . G   A 1 20 ? -3.298  -10.165 -7.294  1.00 105.40 ? 20  G   A "C3'" 1 
ATOM   427 O "O3'" . G   A 1 20 ? -4.076  -9.708  -8.390  1.00 113.35 ? 20  G   A "O3'" 1 
ATOM   428 C "C2'" . G   A 1 20 ? -2.315  -9.123  -6.746  1.00 103.09 ? 20  G   A "C2'" 1 
ATOM   429 O "O2'" . G   A 1 20 ? -2.884  -7.823  -6.807  1.00 97.59  ? 20  G   A "O2'" 1 
ATOM   430 C "C1'" . G   A 1 20 ? -2.210  -9.513  -5.272  1.00 102.51 ? 20  G   A "C1'" 1 
ATOM   431 N N9    . G   A 1 20 ? -1.002  -10.287 -4.897  1.00 91.38  ? 20  G   A N9    1 
ATOM   432 C C8    . G   A 1 20 ? -0.489  -11.416 -5.488  1.00 85.66  ? 20  G   A C8    1 
ATOM   433 N N7    . G   A 1 20 ? 0.547   -11.905 -4.846  1.00 83.98  ? 20  G   A N7    1 
ATOM   434 C C5    . G   A 1 20 ? 0.711   -11.069 -3.760  1.00 75.00  ? 20  G   A C5    1 
ATOM   435 C C6    . G   A 1 20 ? 1.660   -11.110 -2.718  1.00 82.91  ? 20  G   A C6    1 
ATOM   436 O O6    . G   A 1 20 ? 2.567   -11.931 -2.591  1.00 110.42 ? 20  G   A O6    1 
ATOM   437 N N1    . G   A 1 20 ? 1.518   -10.076 -1.798  1.00 83.09  ? 20  G   A N1    1 
ATOM   438 C C2    . G   A 1 20 ? 0.544   -9.114  -1.872  1.00 78.15  ? 20  G   A C2    1 
ATOM   439 N N2    . G   A 1 20 ? 0.518   -8.178  -0.903  1.00 72.29  ? 20  G   A N2    1 
ATOM   440 N N3    . G   A 1 20 ? -0.353  -9.081  -2.843  1.00 84.37  ? 20  G   A N3    1 
ATOM   441 C C4    . G   A 1 20 ? -0.222  -10.072 -3.762  1.00 84.10  ? 20  G   A C4    1 
ATOM   442 P P     . A   A 1 21 ? -3.575  -9.911  -9.904  1.00 128.26 ? 21  A   A P     1 
ATOM   443 O OP1   . A   A 1 21 ? -4.569  -9.216  -10.765 1.00 133.85 ? 21  A   A OP1   1 
ATOM   444 O OP2   . A   A 1 21 ? -3.256  -11.352 -10.117 1.00 99.13  ? 21  A   A OP2   1 
ATOM   445 O "O5'" . A   A 1 21 ? -2.236  -9.041  -9.998  1.00 124.32 ? 21  A   A "O5'" 1 
ATOM   446 C "C5'" . A   A 1 21 ? -2.276  -7.613  -9.901  1.00 123.90 ? 21  A   A "C5'" 1 
ATOM   447 C "C4'" . A   A 1 21 ? -0.923  -6.959  -10.114 1.00 104.79 ? 21  A   A "C4'" 1 
ATOM   448 O "O4'" . A   A 1 21 ? -0.065  -7.166  -8.949  1.00 94.84  ? 21  A   A "O4'" 1 
ATOM   449 C "C3'" . A   A 1 21 ? -0.125  -7.476  -11.310 1.00 96.93  ? 21  A   A "C3'" 1 
ATOM   450 O "O3'" . A   A 1 21 ? 0.673   -6.403  -11.794 1.00 83.81  ? 21  A   A "O3'" 1 
ATOM   451 C "C2'" . A   A 1 21 ? 0.774   -8.513  -10.652 1.00 87.95  ? 21  A   A "C2'" 1 
ATOM   452 O "O2'" . A   A 1 21 ? 1.891   -8.929  -11.406 1.00 71.17  ? 21  A   A "O2'" 1 
ATOM   453 C "C1'" . A   A 1 21 ? 1.138   -7.770  -9.376  1.00 81.93  ? 21  A   A "C1'" 1 
ATOM   454 N N9    . A   A 1 21 ? 1.744   -8.583  -8.319  1.00 75.82  ? 21  A   A N9    1 
ATOM   455 C C8    . A   A 1 21 ? 2.486   -9.711  -8.542  1.00 71.32  ? 21  A   A C8    1 
ATOM   456 N N7    . A   A 1 21 ? 3.042   -10.238 -7.476  1.00 53.63  ? 21  A   A N7    1 
ATOM   457 C C5    . A   A 1 21 ? 2.636   -9.399  -6.486  1.00 73.51  ? 21  A   A C5    1 
ATOM   458 C C6    . A   A 1 21 ? 2.919   -9.472  -5.143  1.00 85.47  ? 21  A   A C6    1 
ATOM   459 N N6    . A   A 1 21 ? 3.654   -10.477 -4.671  1.00 103.70 ? 21  A   A N6    1 
ATOM   460 N N1    . A   A 1 21 ? 2.411   -8.506  -4.353  1.00 72.26  ? 21  A   A N1    1 
ATOM   461 C C2    . A   A 1 21 ? 1.680   -7.546  -4.935  1.00 62.10  ? 21  A   A C2    1 
ATOM   462 N N3    . A   A 1 21 ? 1.355   -7.365  -6.216  1.00 62.59  ? 21  A   A N3    1 
ATOM   463 C C4    . A   A 1 21 ? 1.869   -8.352  -6.963  1.00 77.22  ? 21  A   A C4    1 
ATOM   464 P P     . G   A 1 22 ? 0.956   -6.228  -13.365 1.00 102.22 ? 22  G   A P     1 
ATOM   465 O OP1   . G   A 1 22 ? 0.780   -4.770  -13.630 1.00 79.55  ? 22  G   A OP1   1 
ATOM   466 O OP2   . G   A 1 22 ? 0.300   -7.300  -14.154 1.00 110.75 ? 22  G   A OP2   1 
ATOM   467 O "O5'" . G   A 1 22 ? 2.490   -6.583  -13.516 1.00 111.28 ? 22  G   A "O5'" 1 
ATOM   468 C "C5'" . G   A 1 22 ? 3.111   -6.625  -14.789 1.00 88.45  ? 22  G   A "C5'" 1 
ATOM   469 C "C4'" . G   A 1 22 ? 4.595   -6.819  -14.625 1.00 78.24  ? 22  G   A "C4'" 1 
ATOM   470 O "O4'" . G   A 1 22 ? 5.180   -5.669  -13.966 1.00 81.22  ? 22  G   A "O4'" 1 
ATOM   471 C "C3'" . G   A 1 22 ? 4.998   -7.971  -13.733 1.00 60.19  ? 22  G   A "C3'" 1 
ATOM   472 O "O3'" . G   A 1 22 ? 4.878   -9.207  -14.395 1.00 78.77  ? 22  G   A "O3'" 1 
ATOM   473 C "C2'" . G   A 1 22 ? 6.419   -7.597  -13.308 1.00 63.36  ? 22  G   A "C2'" 1 
ATOM   474 O "O2'" . G   A 1 22 ? 7.386   -7.969  -14.292 1.00 59.13  ? 22  G   A "O2'" 1 
ATOM   475 C "C1'" . G   A 1 22 ? 6.338   -6.067  -13.268 1.00 66.20  ? 22  G   A "C1'" 1 
ATOM   476 N N9    . G   A 1 22 ? 6.362   -5.466  -11.923 1.00 65.76  ? 22  G   A N9    1 
ATOM   477 C C8    . G   A 1 22 ? 5.804   -4.249  -11.653 1.00 82.04  ? 22  G   A C8    1 
ATOM   478 N N7    . G   A 1 22 ? 5.997   -3.842  -10.430 1.00 91.95  ? 22  G   A N7    1 
ATOM   479 C C5    . G   A 1 22 ? 6.745   -4.849  -9.849  1.00 63.52  ? 22  G   A C5    1 
ATOM   480 C C6    . G   A 1 22 ? 7.230   -4.967  -8.523  1.00 51.26  ? 22  G   A C6    1 
ATOM   481 O O6    . G   A 1 22 ? 7.112   -4.176  -7.579  1.00 52.53  ? 22  G   A O6    1 
ATOM   482 N N1    . G   A 1 22 ? 7.948   -6.144  -8.346  1.00 63.46  ? 22  G   A N1    1 
ATOM   483 C C2    . G   A 1 22 ? 8.158   -7.099  -9.308  1.00 59.95  ? 22  G   A C2    1 
ATOM   484 N N2    . G   A 1 22 ? 8.860   -8.188  -8.942  1.00 91.60  ? 22  G   A N2    1 
ATOM   485 N N3    . G   A 1 22 ? 7.712   -6.988  -10.544 1.00 49.53  ? 22  G   A N3    1 
ATOM   486 C C4    . G   A 1 22 ? 7.007   -5.857  -10.756 1.00 64.42  ? 22  G   A C4    1 
ATOM   487 P P     . G   A 1 23 ? 3.745   -10.254 -13.940 1.00 102.85 ? 23  G   A P     1 
ATOM   488 O OP1   . G   A 1 23 ? 3.829   -11.305 -14.992 1.00 122.59 ? 23  G   A OP1   1 
ATOM   489 O OP2   . G   A 1 23 ? 2.427   -9.580  -13.656 1.00 93.49  ? 23  G   A OP2   1 
ATOM   490 O "O5'" . G   A 1 23 ? 4.340   -10.894 -12.601 1.00 48.79  ? 23  G   A "O5'" 1 
ATOM   491 C "C5'" . G   A 1 23 ? 5.510   -11.697 -12.676 1.00 75.74  ? 23  G   A "C5'" 1 
ATOM   492 C "C4'" . G   A 1 23 ? 6.199   -11.856 -11.341 1.00 107.50 ? 23  G   A "C4'" 1 
ATOM   493 O "O4'" . G   A 1 23 ? 6.459   -10.555 -10.712 1.00 114.39 ? 23  G   A "O4'" 1 
ATOM   494 C "C3'" . G   A 1 23 ? 5.439   -12.695 -10.303 1.00 93.30  ? 23  G   A "C3'" 1 
ATOM   495 O "O3'" . G   A 1 23 ? 6.342   -13.547 -9.618  1.00 83.85  ? 23  G   A "O3'" 1 
ATOM   496 C "C2'" . G   A 1 23 ? 4.954   -11.648 -9.316  1.00 80.46  ? 23  G   A "C2'" 1 
ATOM   497 O "O2'" . G   A 1 23 ? 4.728   -12.132 -8.009  1.00 53.00  ? 23  G   A "O2'" 1 
ATOM   498 C "C1'" . G   A 1 23 ? 6.104   -10.650 -9.352  1.00 99.36  ? 23  G   A "C1'" 1 
ATOM   499 N N9    . G   A 1 23 ? 5.791   -9.354  -8.736  1.00 87.29  ? 23  G   A N9    1 
ATOM   500 C C8    . G   A 1 23 ? 5.028   -8.286  -9.152  1.00 83.87  ? 23  G   A C8    1 
ATOM   501 N N7    . G   A 1 23 ? 4.962   -7.325  -8.257  1.00 83.60  ? 23  G   A N7    1 
ATOM   502 C C5    . G   A 1 23 ? 5.705   -7.802  -7.187  1.00 72.43  ? 23  G   A C5    1 
ATOM   503 C C6    . G   A 1 23 ? 6.008   -7.224  -5.932  1.00 64.80  ? 23  G   A C6    1 
ATOM   504 O O6    . G   A 1 23 ? 5.662   -6.126  -5.468  1.00 81.68  ? 23  G   A O6    1 
ATOM   505 N N1    . G   A 1 23 ? 6.801   -8.065  -5.162  1.00 55.69  ? 23  G   A N1    1 
ATOM   506 C C2    . G   A 1 23 ? 7.271   -9.290  -5.539  1.00 73.11  ? 23  G   A C2    1 
ATOM   507 N N2    . G   A 1 23 ? 8.026   -9.928  -4.630  1.00 76.73  ? 23  G   A N2    1 
ATOM   508 N N3    . G   A 1 23 ? 7.015   -9.833  -6.717  1.00 70.95  ? 23  G   A N3    1 
ATOM   509 C C4    . G   A 1 23 ? 6.223   -9.043  -7.470  1.00 74.54  ? 23  G   A C4    1 
ATOM   510 P P     . A   A 1 24 ? 6.537   -15.038 -10.126 1.00 106.86 ? 24  A   A P     1 
ATOM   511 O OP1   . A   A 1 24 ? 6.075   -15.040 -11.552 1.00 94.98  ? 24  A   A OP1   1 
ATOM   512 O OP2   . A   A 1 24 ? 5.959   -15.875 -9.040  1.00 118.43 ? 24  A   A OP2   1 
ATOM   513 O "O5'" . A   A 1 24 ? 8.119   -15.263 -10.119 1.00 119.05 ? 24  A   A "O5'" 1 
ATOM   514 C "C5'" . A   A 1 24 ? 8.721   -16.381 -9.457  1.00 113.87 ? 24  A   A "C5'" 1 
ATOM   515 C "C4'" . A   A 1 24 ? 10.085  -16.041 -8.880  1.00 110.49 ? 24  A   A "C4'" 1 
ATOM   516 O "O4'" . A   A 1 24 ? 11.075  -15.982 -9.942  1.00 82.87  ? 24  A   A "O4'" 1 
ATOM   517 C "C3'" . A   A 1 24 ? 10.176  -14.700 -8.157  1.00 117.34 ? 24  A   A "C3'" 1 
ATOM   518 O "O3'" . A   A 1 24 ? 11.156  -14.783 -7.127  1.00 113.64 ? 24  A   A "O3'" 1 
ATOM   519 C "C2'" . A   A 1 24 ? 10.692  -13.777 -9.248  1.00 91.83  ? 24  A   A "C2'" 1 
ATOM   520 O "O2'" . A   A 1 24 ? 11.314  -12.608 -8.765  1.00 90.06  ? 24  A   A "O2'" 1 
ATOM   521 C "C1'" . A   A 1 24 ? 11.661  -14.694 -9.976  1.00 86.14  ? 24  A   A "C1'" 1 
ATOM   522 N N9    . A   A 1 24 ? 11.840  -14.362 -11.384 1.00 129.65 ? 24  A   A N9    1 
ATOM   523 C C8    . A   A 1 24 ? 11.063  -13.548 -12.170 1.00 138.08 ? 24  A   A C8    1 
ATOM   524 N N7    . A   A 1 24 ? 11.486  -13.470 -13.412 1.00 137.22 ? 24  A   A N7    1 
ATOM   525 C C5    . A   A 1 24 ? 12.612  -14.293 -13.431 1.00 139.01 ? 24  A   A C5    1 
ATOM   526 C C6    . A   A 1 24 ? 13.513  -14.654 -14.456 1.00 137.74 ? 24  A   A C6    1 
ATOM   527 N N6    . A   A 1 24 ? 13.410  -14.212 -15.714 1.00 121.34 ? 24  A   A N6    1 
ATOM   528 N N1    . A   A 1 24 ? 14.510  -15.523 -14.139 1.00 143.43 ? 24  A   A N1    1 
ATOM   529 C C2    . A   A 1 24 ? 14.605  -15.990 -12.881 1.00 137.88 ? 24  A   A C2    1 
ATOM   530 N N3    . A   A 1 24 ? 13.817  -15.726 -11.840 1.00 140.56 ? 24  A   A N3    1 
ATOM   531 C C4    . A   A 1 24 ? 12.830  -14.869 -12.189 1.00 142.24 ? 24  A   A C4    1 
ATOM   532 P P     . G   A 1 25 ? 10.848  -14.162 -5.674  1.00 120.12 ? 25  G   A P     1 
ATOM   533 O OP1   . G   A 1 25 ? 10.012  -15.067 -4.830  1.00 103.83 ? 25  G   A OP1   1 
ATOM   534 O OP2   . G   A 1 25 ? 10.489  -12.723 -5.846  1.00 106.90 ? 25  G   A OP2   1 
ATOM   535 O "O5'" . G   A 1 25 ? 12.281  -14.141 -5.035  1.00 99.90  ? 25  G   A "O5'" 1 
ATOM   536 C "C5'" . G   A 1 25 ? 13.218  -13.238 -5.560  1.00 91.34  ? 25  G   A "C5'" 1 
ATOM   537 C "C4'" . G   A 1 25 ? 13.393  -12.079 -4.630  1.00 65.35  ? 25  G   A "C4'" 1 
ATOM   538 O "O4'" . G   A 1 25 ? 13.279  -10.845 -5.348  1.00 75.49  ? 25  G   A "O4'" 1 
ATOM   539 C "C3'" . G   A 1 25 ? 12.398  -11.923 -3.491  1.00 57.01  ? 25  G   A "C3'" 1 
ATOM   540 O "O3'" . G   A 1 25 ? 12.661  -12.815 -2.410  1.00 78.73  ? 25  G   A "O3'" 1 
ATOM   541 C "C2'" . G   A 1 25 ? 12.589  -10.468 -3.098  1.00 71.81  ? 25  G   A "C2'" 1 
ATOM   542 O "O2'" . G   A 1 25 ? 13.700  -10.379 -2.226  1.00 74.75  ? 25  G   A "O2'" 1 
ATOM   543 C "C1'" . G   A 1 25 ? 12.975  -9.820  -4.436  1.00 80.13  ? 25  G   A "C1'" 1 
ATOM   544 N N9    . G   A 1 25 ? 11.949  -8.947  -5.004  1.00 76.93  ? 25  G   A N9    1 
ATOM   545 C C8    . G   A 1 25 ? 11.248  -9.111  -6.164  1.00 75.22  ? 25  G   A C8    1 
ATOM   546 N N7    . G   A 1 25 ? 10.451  -8.117  -6.421  1.00 45.83  ? 25  G   A N7    1 
ATOM   547 C C5    . G   A 1 25 ? 10.653  -7.260  -5.372  1.00 62.44  ? 25  G   A C5    1 
ATOM   548 C C6    . G   A 1 25 ? 10.038  -6.024  -5.123  1.00 65.65  ? 25  G   A C6    1 
ATOM   549 O O6    . G   A 1 25 ? 9.172   -5.428  -5.805  1.00 49.91  ? 25  G   A O6    1 
ATOM   550 N N1    . G   A 1 25 ? 10.566  -5.507  -3.937  1.00 77.32  ? 25  G   A N1    1 
ATOM   551 C C2    . G   A 1 25 ? 11.523  -6.094  -3.141  1.00 65.80  ? 25  G   A C2    1 
ATOM   552 N N2    . G   A 1 25 ? 11.893  -5.435  -2.043  1.00 53.66  ? 25  G   A N2    1 
ATOM   553 N N3    . G   A 1 25 ? 12.076  -7.255  -3.367  1.00 74.86  ? 25  G   A N3    1 
ATOM   554 C C4    . G   A 1 25 ? 11.586  -7.756  -4.494  1.00 66.32  ? 25  G   A C4    1 
ATOM   555 P P     . G   A 1 26 ? 11.490  -13.288 -1.402  1.00 89.02  ? 26  G   A P     1 
ATOM   556 O OP1   . G   A 1 26 ? 12.041  -14.385 -0.567  1.00 121.84 ? 26  G   A OP1   1 
ATOM   557 O OP2   . G   A 1 26 ? 10.237  -13.537 -2.207  1.00 49.00  ? 26  G   A OP2   1 
ATOM   558 O "O5'" . G   A 1 26 ? 11.395  -12.083 -0.368  1.00 51.71  ? 26  G   A "O5'" 1 
ATOM   559 C "C5'" . G   A 1 26 ? 12.572  -11.652 0.291   1.00 53.04  ? 26  G   A "C5'" 1 
ATOM   560 C "C4'" . G   A 1 26 ? 12.345  -10.389 1.075   1.00 76.84  ? 26  G   A "C4'" 1 
ATOM   561 O "O4'" . G   A 1 26 ? 12.212  -9.283  0.168   1.00 86.64  ? 26  G   A "O4'" 1 
ATOM   562 C "C3'" . G   A 1 26 ? 11.068  -10.392 1.891   1.00 81.99  ? 26  G   A "C3'" 1 
ATOM   563 O "O3'" . G   A 1 26 ? 11.293  -10.895 3.187   1.00 89.55  ? 26  G   A "O3'" 1 
ATOM   564 C "C2'" . G   A 1 26 ? 10.618  -8.946  1.905   1.00 72.17  ? 26  G   A "C2'" 1 
ATOM   565 O "O2'" . G   A 1 26 ? 11.099  -8.286  3.058   1.00 57.81  ? 26  G   A "O2'" 1 
ATOM   566 C "C1'" . G   A 1 26 ? 11.277  -8.364  0.653   1.00 93.09  ? 26  G   A "C1'" 1 
ATOM   567 N N9    . G   A 1 26 ? 10.328  -8.063  -0.429  1.00 88.22  ? 26  G   A N9    1 
ATOM   568 C C8    . G   A 1 26 ? 9.931   -8.838  -1.488  1.00 62.22  ? 26  G   A C8    1 
ATOM   569 N N7    . G   A 1 26 ? 9.096   -8.190  -2.254  1.00 64.04  ? 26  G   A N7    1 
ATOM   570 C C5    . G   A 1 26 ? 8.961   -6.937  -1.670  1.00 61.69  ? 26  G   A C5    1 
ATOM   571 C C6    . G   A 1 26 ? 8.217   -5.803  -2.034  1.00 80.00  ? 26  G   A C6    1 
ATOM   572 O O6    . G   A 1 26 ? 7.457   -5.630  -2.995  1.00 117.67 ? 26  G   A O6    1 
ATOM   573 N N1    . G   A 1 26 ? 8.397   -4.778  -1.135  1.00 71.27  ? 26  G   A N1    1 
ATOM   574 C C2    . G   A 1 26 ? 9.193   -4.824  -0.042  1.00 76.54  ? 26  G   A C2    1 
ATOM   575 N N2    . G   A 1 26 ? 9.246   -3.719  0.699   1.00 97.40  ? 26  G   A N2    1 
ATOM   576 N N3    . G   A 1 26 ? 9.885   -5.863  0.319   1.00 73.80  ? 26  G   A N3    1 
ATOM   577 C C4    . G   A 1 26 ? 9.711   -6.859  -0.544  1.00 74.98  ? 26  G   A C4    1 
ATOM   578 P P     . U   A 1 27 ? 10.374  -12.079 3.739   1.00 107.52 ? 27  U   A P     1 
ATOM   579 O OP1   . U   A 1 27 ? 11.070  -12.642 4.933   1.00 127.75 ? 27  U   A OP1   1 
ATOM   580 O OP2   . U   A 1 27 ? 10.088  -12.983 2.559   1.00 68.62  ? 27  U   A OP2   1 
ATOM   581 O "O5'" . U   A 1 27 ? 9.072   -11.297 4.242   1.00 93.08  ? 27  U   A "O5'" 1 
ATOM   582 C "C5'" . U   A 1 27 ? 9.188   -10.067 4.945   1.00 76.29  ? 27  U   A "C5'" 1 
ATOM   583 C "C4'" . U   A 1 27 ? 8.013   -9.145  4.682   1.00 112.23 ? 27  U   A "C4'" 1 
ATOM   584 O "O4'" . U   A 1 27 ? 8.041   -8.681  3.316   1.00 113.17 ? 27  U   A "O4'" 1 
ATOM   585 C "C3'" . U   A 1 27 ? 6.618   -9.737  4.850   1.00 124.87 ? 27  U   A "C3'" 1 
ATOM   586 O "O3'" . U   A 1 27 ? 6.179   -9.678  6.188   1.00 130.80 ? 27  U   A "O3'" 1 
ATOM   587 C "C2'" . U   A 1 27 ? 5.745   -8.880  3.935   1.00 105.69 ? 27  U   A "C2'" 1 
ATOM   588 O "O2'" . U   A 1 27 ? 5.244   -7.733  4.610   1.00 98.90  ? 27  U   A "O2'" 1 
ATOM   589 C "C1'" . U   A 1 27 ? 6.731   -8.426  2.861   1.00 92.88  ? 27  U   A "C1'" 1 
ATOM   590 N N1    . U   A 1 27 ? 6.517   -9.088  1.560   1.00 78.50  ? 27  U   A N1    1 
ATOM   591 C C2    . U   A 1 27 ? 5.527   -8.512  0.817   1.00 55.93  ? 27  U   A C2    1 
ATOM   592 O O2    . U   A 1 27 ? 4.927   -7.547  1.255   1.00 59.26  ? 27  U   A O2    1 
ATOM   593 N N3    . U   A 1 27 ? 5.307   -9.085  -0.417  1.00 59.35  ? 27  U   A N3    1 
ATOM   594 C C4    . U   A 1 27 ? 5.992   -10.164 -0.958  1.00 83.60  ? 27  U   A C4    1 
ATOM   595 O O4    . U   A 1 27 ? 5.688   -10.589 -2.080  1.00 86.45  ? 27  U   A O4    1 
ATOM   596 C C5    . U   A 1 27 ? 7.019   -10.708 -0.111  1.00 88.09  ? 27  U   A C5    1 
ATOM   597 C C6    . U   A 1 27 ? 7.242   -10.164 1.092   1.00 89.62  ? 27  U   A C6    1 
ATOM   598 P P     . C   A 1 28 ? 5.440   -10.927 6.840   1.00 105.34 ? 28  C   A P     1 
ATOM   599 O OP1   . C   A 1 28 ? 5.834   -10.920 8.273   1.00 124.30 ? 28  C   A OP1   1 
ATOM   600 O OP2   . C   A 1 28 ? 5.763   -12.100 5.966   1.00 56.68  ? 28  C   A OP2   1 
ATOM   601 O "O5'" . C   A 1 28 ? 3.893   -10.547 6.761   1.00 88.70  ? 28  C   A "O5'" 1 
ATOM   602 C "C5'" . C   A 1 28 ? 3.460   -9.191  6.803   1.00 93.80  ? 28  C   A "C5'" 1 
ATOM   603 C "C4'" . C   A 1 28 ? 2.200   -8.991  5.988   1.00 112.67 ? 28  C   A "C4'" 1 
ATOM   604 O "O4'" . C   A 1 28 ? 2.532   -9.108  4.577   1.00 99.31  ? 28  C   A "O4'" 1 
ATOM   605 C "C3'" . C   A 1 28 ? 1.067   -9.989  6.253   1.00 112.25 ? 28  C   A "C3'" 1 
ATOM   606 O "O3'" . C   A 1 28 ? -0.203  -9.324  6.212   1.00 132.26 ? 28  C   A "O3'" 1 
ATOM   607 C "C2'" . C   A 1 28 ? 1.188   -10.968 5.090   1.00 91.15  ? 28  C   A "C2'" 1 
ATOM   608 O "O2'" . C   A 1 28 ? -0.027  -11.589 4.729   1.00 108.62 ? 28  C   A "O2'" 1 
ATOM   609 C "C1'" . C   A 1 28 ? 1.724   -10.087 3.964   1.00 68.00  ? 28  C   A "C1'" 1 
ATOM   610 N N1    . C   A 1 28 ? 2.574   -10.820 3.005   1.00 65.85  ? 28  C   A N1    1 
ATOM   611 C C2    . C   A 1 28 ? 2.384   -10.687 1.621   1.00 62.32  ? 28  C   A C2    1 
ATOM   612 O O2    . C   A 1 28 ? 1.489   -9.917  1.241   1.00 71.03  ? 28  C   A O2    1 
ATOM   613 N N3    . C   A 1 28 ? 3.164   -11.374 0.741   1.00 55.66  ? 28  C   A N3    1 
ATOM   614 C C4    . C   A 1 28 ? 4.133   -12.186 1.200   1.00 69.60  ? 28  C   A C4    1 
ATOM   615 N N4    . C   A 1 28 ? 4.912   -12.871 0.323   1.00 53.67  ? 28  C   A N4    1 
ATOM   616 C C5    . C   A 1 28 ? 4.339   -12.339 2.613   1.00 76.53  ? 28  C   A C5    1 
ATOM   617 C C6    . C   A 1 28 ? 3.554   -11.654 3.462   1.00 71.76  ? 28  C   A C6    1 
ATOM   618 P P     . A   A 1 29 ? -1.260  -9.468  7.427   1.00 119.80 ? 29  A   A P     1 
ATOM   619 O OP1   . A   A 1 29 ? -0.945  -10.743 8.126   1.00 115.00 ? 29  A   A OP1   1 
ATOM   620 O OP2   . A   A 1 29 ? -2.616  -9.147  6.889   1.00 74.26  ? 29  A   A OP2   1 
ATOM   621 O "O5'" . A   A 1 29 ? -0.949  -8.247  8.407   1.00 102.54 ? 29  A   A "O5'" 1 
ATOM   622 C "C5'" . A   A 1 29 ? 0.304   -8.135  9.071   1.00 112.73 ? 29  A   A "C5'" 1 
ATOM   623 C "C4'" . A   A 1 29 ? 0.826   -6.714  9.060   1.00 116.73 ? 29  A   A "C4'" 1 
ATOM   624 O "O4'" . A   A 1 29 ? 1.369   -6.377  7.758   1.00 106.60 ? 29  A   A "O4'" 1 
ATOM   625 C "C3'" . A   A 1 29 ? -0.213  -5.638  9.305   1.00 129.15 ? 29  A   A "C3'" 1 
ATOM   626 O "O3'" . A   A 1 29 ? -0.518  -5.471  10.665  1.00 145.45 ? 29  A   A "O3'" 1 
ATOM   627 C "C2'" . A   A 1 29 ? 0.422   -4.410  8.693   1.00 109.82 ? 29  A   A "C2'" 1 
ATOM   628 O "O2'" . A   A 1 29 ? 1.402   -3.898  9.574   1.00 111.92 ? 29  A   A "O2'" 1 
ATOM   629 C "C1'" . A   A 1 29 ? 1.126   -5.012  7.482   1.00 115.53 ? 29  A   A "C1'" 1 
ATOM   630 N N9    . A   A 1 29 ? 0.305   -4.930  6.269   1.00 106.55 ? 29  A   A N9    1 
ATOM   631 C C8    . A   A 1 29 ? -0.190  -5.996  5.590   1.00 88.56  ? 29  A   A C8    1 
ATOM   632 N N7    . A   A 1 29 ? -0.890  -5.659  4.543   1.00 90.55  ? 29  A   A N7    1 
ATOM   633 C C5    . A   A 1 29 ? -0.846  -4.290  4.536   1.00 90.66  ? 29  A   A C5    1 
ATOM   634 C C6    . A   A 1 29 ? -1.399  -3.373  3.655   1.00 77.30  ? 29  A   A C6    1 
ATOM   635 N N6    . A   A 1 29 ? -2.128  -3.751  2.613   1.00 72.67  ? 29  A   A N6    1 
ATOM   636 N N1    . A   A 1 29 ? -1.182  -2.064  3.888   1.00 87.38  ? 29  A   A N1    1 
ATOM   637 C C2    . A   A 1 29 ? -0.453  -1.731  4.956   1.00 94.84  ? 29  A   A C2    1 
ATOM   638 N N3    . A   A 1 29 ? 0.131   -2.520  5.861   1.00 102.32 ? 29  A   A N3    1 
ATOM   639 C C4    . A   A 1 29 ? -0.111  -3.812  5.590   1.00 107.50 ? 29  A   A C4    1 
ATOM   640 P P     . C   A 1 30 ? -2.036  -5.209  11.076  1.00 148.23 ? 30  C   A P     1 
ATOM   641 O OP1   . C   A 1 30 ? -2.042  -5.043  12.557  1.00 148.56 ? 30  C   A OP1   1 
ATOM   642 O OP2   . C   A 1 30 ? -2.815  -6.287  10.412  1.00 157.72 ? 30  C   A OP2   1 
ATOM   643 O "O5'" . C   A 1 30 ? -2.411  -3.825  10.361  1.00 124.26 ? 30  C   A "O5'" 1 
ATOM   644 C "C5'" . C   A 1 30 ? -2.101  -2.599  11.000  1.00 97.94  ? 30  C   A "C5'" 1 
ATOM   645 C "C4'" . C   A 1 30 ? -2.469  -1.386  10.186  1.00 97.75  ? 30  C   A "C4'" 1 
ATOM   646 O "O4'" . C   A 1 30 ? -2.227  -1.583  8.779   1.00 100.09 ? 30  C   A "O4'" 1 
ATOM   647 C "C3'" . C   A 1 30 ? -3.906  -0.932  10.217  1.00 122.15 ? 30  C   A "C3'" 1 
ATOM   648 O "O3'" . C   A 1 30 ? -4.242  -0.306  11.433  1.00 151.83 ? 30  C   A "O3'" 1 
ATOM   649 C "C2'" . C   A 1 30 ? -3.970  0.011   9.016   1.00 114.15 ? 30  C   A "C2'" 1 
ATOM   650 O "O2'" . C   A 1 30 ? -3.502  1.302   9.349   1.00 139.55 ? 30  C   A "O2'" 1 
ATOM   651 C "C1'" . C   A 1 30 ? -2.978  -0.632  8.054   1.00 98.04  ? 30  C   A "C1'" 1 
ATOM   652 N N1    . C   A 1 30 ? -3.639  -1.278  6.906   1.00 97.66  ? 30  C   A N1    1 
ATOM   653 C C2    . C   A 1 30 ? -4.341  -0.470  5.981   1.00 114.63 ? 30  C   A C2    1 
ATOM   654 O O2    . C   A 1 30 ? -4.420  0.764   6.141   1.00 118.60 ? 30  C   A O2    1 
ATOM   655 N N3    . C   A 1 30 ? -4.945  -1.062  4.924   1.00 118.56 ? 30  C   A N3    1 
ATOM   656 C C4    . C   A 1 30 ? -4.854  -2.384  4.768   1.00 139.32 ? 30  C   A C4    1 
ATOM   657 N N4    . C   A 1 30 ? -5.458  -2.918  3.704   1.00 138.00 ? 30  C   A N4    1 
ATOM   658 C C5    . C   A 1 30 ? -4.135  -3.217  5.689   1.00 137.92 ? 30  C   A C5    1 
ATOM   659 C C6    . C   A 1 30 ? -3.539  -2.631  6.740   1.00 104.82 ? 30  C   A C6    1 
ATOM   660 P P     . U   A 1 31 ? -5.771  0.028   11.764  1.00 166.44 ? 31  U   A P     1 
ATOM   661 O OP1   . U   A 1 31 ? -5.747  1.379   12.404  1.00 165.55 ? 31  U   A OP1   1 
ATOM   662 O OP2   . U   A 1 31 ? -6.330  -1.183  12.432  1.00 171.32 ? 31  U   A OP2   1 
ATOM   663 O "O5'" . U   A 1 31 ? -6.461  0.191   10.334  1.00 165.68 ? 31  U   A "O5'" 1 
ATOM   664 C "C5'" . U   A 1 31 ? -7.862  0.326   10.154  1.00 162.17 ? 31  U   A "C5'" 1 
ATOM   665 C "C4'" . U   A 1 31 ? -8.163  0.578   8.699   1.00 146.06 ? 31  U   A "C4'" 1 
ATOM   666 O "O4'" . U   A 1 31 ? -7.198  -0.156  7.905   1.00 122.64 ? 31  U   A "O4'" 1 
ATOM   667 C "C3'" . U   A 1 31 ? -9.507  0.099   8.182   1.00 165.90 ? 31  U   A "C3'" 1 
ATOM   668 O "O3'" . U   A 1 31 ? -10.558 1.014   8.447   1.00 188.96 ? 31  U   A "O3'" 1 
ATOM   669 C "C2'" . U   A 1 31 ? -9.221  -0.118  6.701   1.00 147.31 ? 31  U   A "C2'" 1 
ATOM   670 O "O2'" . U   A 1 31 ? -9.116  1.134   6.032   1.00 140.43 ? 31  U   A "O2'" 1 
ATOM   671 C "C1'" . U   A 1 31 ? -7.817  -0.700  6.767   1.00 118.92 ? 31  U   A "C1'" 1 
ATOM   672 N N1    . U   A 1 31 ? -7.787  -2.172  6.921   1.00 108.03 ? 31  U   A N1    1 
ATOM   673 C C2    . U   A 1 31 ? -8.002  -2.999  5.830   1.00 131.44 ? 31  U   A C2    1 
ATOM   674 O O2    . U   A 1 31 ? -8.251  -2.578  4.712   1.00 136.44 ? 31  U   A O2    1 
ATOM   675 N N3    . U   A 1 31 ? -7.929  -4.351  6.103   1.00 130.55 ? 31  U   A N3    1 
ATOM   676 C C4    . U   A 1 31 ? -7.659  -4.950  7.328   1.00 114.66 ? 31  U   A C4    1 
ATOM   677 O O4    . U   A 1 31 ? -7.614  -6.186  7.427   1.00 97.65  ? 31  U   A O4    1 
ATOM   678 C C5    . U   A 1 31 ? -7.447  -4.016  8.394   1.00 102.77 ? 31  U   A C5    1 
ATOM   679 C C6    . U   A 1 31 ? -7.501  -2.703  8.153   1.00 88.83  ? 31  U   A C6    1 
ATOM   680 P P     . G   A 1 32 ? -11.307 0.992   9.869   1.00 185.58 ? 32  G   A P     1 
ATOM   681 O OP1   . G   A 1 32 ? -11.072 -0.328  10.513  1.00 160.59 ? 32  G   A OP1   1 
ATOM   682 O OP2   . G   A 1 32 ? -12.690 1.476   9.631   1.00 191.73 ? 32  G   A OP2   1 
ATOM   683 O "O5'" . G   A 1 32 ? -10.540 2.089   10.738  1.00 199.51 ? 32  G   A "O5'" 1 
ATOM   684 C "C5'" . G   A 1 32 ? -11.029 3.423   10.835  1.00 213.53 ? 32  G   A "C5'" 1 
ATOM   685 C "C4'" . G   A 1 32 ? -9.950  4.399   11.243  1.00 234.74 ? 32  G   A "C4'" 1 
ATOM   686 O "O4'" . G   A 1 32 ? -8.840  4.299   10.307  1.00 229.67 ? 32  G   A "O4'" 1 
ATOM   687 C "C3'" . G   A 1 32 ? -10.385 5.861   11.231  1.00 262.39 ? 32  G   A "C3'" 1 
ATOM   688 O "O3'" . G   A 1 32 ? -9.708  6.595   12.249  1.00 309.03 ? 32  G   A "O3'" 1 
ATOM   689 C "C2'" . G   A 1 32 ? -9.912  6.344   9.870   1.00 242.79 ? 32  G   A "C2'" 1 
ATOM   690 O "O2'" . G   A 1 32 ? -9.652  7.723   9.817   1.00 244.42 ? 32  G   A "O2'" 1 
ATOM   691 C "C1'" . G   A 1 32 ? -8.630  5.546   9.675   1.00 223.00 ? 32  G   A "C1'" 1 
ATOM   692 N N9    . G   A 1 32 ? -8.342  5.309   8.264   1.00 206.22 ? 32  G   A N9    1 
ATOM   693 C C8    . G   A 1 32 ? -8.449  4.138   7.554   1.00 208.37 ? 32  G   A C8    1 
ATOM   694 N N7    . G   A 1 32 ? -8.131  4.271   6.294   1.00 207.44 ? 32  G   A N7    1 
ATOM   695 C C5    . G   A 1 32 ? -7.806  5.613   6.176   1.00 205.39 ? 32  G   A C5    1 
ATOM   696 C C6    . G   A 1 32 ? -7.379  6.352   5.048   1.00 208.36 ? 32  G   A C6    1 
ATOM   697 O O6    . G   A 1 32 ? -7.206  5.946   3.895   1.00 207.06 ? 32  G   A O6    1 
ATOM   698 N N1    . G   A 1 32 ? -7.148  7.685   5.368   1.00 217.19 ? 32  G   A N1    1 
ATOM   699 C C2    . G   A 1 32 ? -7.305  8.233   6.617   1.00 222.96 ? 32  G   A C2    1 
ATOM   700 N N2    . G   A 1 32 ? -7.030  9.542   6.724   1.00 224.84 ? 32  G   A N2    1 
ATOM   701 N N3    . G   A 1 32 ? -7.711  7.555   7.676   1.00 214.84 ? 32  G   A N3    1 
ATOM   702 C C4    . G   A 1 32 ? -7.931  6.263   7.382   1.00 202.75 ? 32  G   A C4    1 
ATOM   703 P P     . C   A 1 33 ? -10.451 7.834   12.957  1.00 353.86 ? 33  C   A P     1 
ATOM   704 O OP1   . C   A 1 33 ? -9.536  8.401   13.984  1.00 363.45 ? 33  C   A OP1   1 
ATOM   705 O OP2   . C   A 1 33 ? -11.811 7.376   13.339  1.00 365.13 ? 33  C   A OP2   1 
ATOM   706 O "O5'" . C   A 1 33 ? -10.619 8.915   11.797  1.00 368.17 ? 33  C   A "O5'" 1 
ATOM   707 C "C5'" . C   A 1 33 ? -11.667 9.874   11.837  1.00 375.17 ? 33  C   A "C5'" 1 
ATOM   708 C "C4'" . C   A 1 33 ? -11.178 11.237  11.420  1.00 375.25 ? 33  C   A "C4'" 1 
ATOM   709 O "O4'" . C   A 1 33 ? -9.910  11.094  10.719  1.00 372.29 ? 33  C   A "O4'" 1 
ATOM   710 C "C3'" . C   A 1 33 ? -12.059 11.982  10.428  1.00 372.73 ? 33  C   A "C3'" 1 
ATOM   711 O "O3'" . C   A 1 33 ? -13.168 12.639  11.015  1.00 365.04 ? 33  C   A "O3'" 1 
ATOM   712 C "C2'" . C   A 1 33 ? -11.067 12.910  9.748   1.00 375.86 ? 33  C   A "C2'" 1 
ATOM   713 O "O2'" . C   A 1 33 ? -10.728 13.992  10.602  1.00 382.08 ? 33  C   A "O2'" 1 
ATOM   714 C "C1'" . C   A 1 33 ? -9.858  11.992  9.630   1.00 369.10 ? 33  C   A "C1'" 1 
ATOM   715 N N1    . C   A 1 33 ? -9.902  11.193  8.382   1.00 357.65 ? 33  C   A N1    1 
ATOM   716 C C2    . C   A 1 33 ? -9.403  11.702  7.183   1.00 355.62 ? 33  C   A C2    1 
ATOM   717 O O2    . C   A 1 33 ? -8.913  12.841  7.167   1.00 360.44 ? 33  C   A O2    1 
ATOM   718 N N3    . C   A 1 33 ? -9.467  10.925  6.074   1.00 346.54 ? 33  C   A N3    1 
ATOM   719 C C4    . C   A 1 33 ? -10.000 9.699   6.120   1.00 336.96 ? 33  C   A C4    1 
ATOM   720 N N4    . C   A 1 33 ? -10.049 8.967   5.007   1.00 329.06 ? 33  C   A N4    1 
ATOM   721 C C5    . C   A 1 33 ? -10.518 9.159   7.317   1.00 339.43 ? 33  C   A C5    1 
ATOM   722 C C6    . C   A 1 33 ? -10.446 9.942   8.392   1.00 347.79 ? 33  C   A C6    1 
ATOM   723 P P     . G   A 1 34 ? -14.633 12.430  10.387  1.00 260.26 ? 34  G   A P     1 
ATOM   724 O OP1   . G   A 1 34 ? -15.547 11.962  11.460  1.00 226.92 ? 34  G   A OP1   1 
ATOM   725 O OP2   . G   A 1 34 ? -14.485 11.622  9.153   1.00 237.53 ? 34  G   A OP2   1 
ATOM   726 O "O5'" . G   A 1 34 ? -15.073 13.893  9.940   1.00 230.56 ? 34  G   A "O5'" 1 
ATOM   727 C "C5'" . G   A 1 34 ? -15.308 14.195  8.574   1.00 204.03 ? 34  G   A "C5'" 1 
ATOM   728 C "C4'" . G   A 1 34 ? -14.216 15.057  7.996   1.00 191.37 ? 34  G   A "C4'" 1 
ATOM   729 O "O4'" . G   A 1 34 ? -12.966 14.324  7.989   1.00 179.94 ? 34  G   A "O4'" 1 
ATOM   730 C "C3'" . G   A 1 34 ? -14.417 15.467  6.549   1.00 196.53 ? 34  G   A "C3'" 1 
ATOM   731 O "O3'" . G   A 1 34 ? -15.241 16.604  6.427   1.00 216.95 ? 34  G   A "O3'" 1 
ATOM   732 C "C2'" . G   A 1 34 ? -12.996 15.683  6.051   1.00 187.67 ? 34  G   A "C2'" 1 
ATOM   733 O "O2'" . G   A 1 34 ? -12.496 16.937  6.484   1.00 177.24 ? 34  G   A "O2'" 1 
ATOM   734 C "C1'" . G   A 1 34 ? -12.252 14.584  6.800   1.00 185.68 ? 34  G   A "C1'" 1 
ATOM   735 N N9    . G   A 1 34 ? -12.193 13.323  6.030   1.00 183.14 ? 34  G   A N9    1 
ATOM   736 C C8    . G   A 1 34 ? -12.603 12.103  6.500   1.00 174.94 ? 34  G   A C8    1 
ATOM   737 N N7    . G   A 1 34 ? -12.452 11.142  5.633   1.00 175.95 ? 34  G   A N7    1 
ATOM   738 C C5    . G   A 1 34 ? -11.900 11.746  4.514   1.00 168.16 ? 34  G   A C5    1 
ATOM   739 C C6    . G   A 1 34 ? -11.513 11.186  3.260   1.00 166.67 ? 34  G   A C6    1 
ATOM   740 O O6    . G   A 1 34 ? -11.572 10.013  2.854   1.00 148.57 ? 34  G   A O6    1 
ATOM   741 N N1    . G   A 1 34 ? -11.003 12.169  2.422   1.00 175.75 ? 34  G   A N1    1 
ATOM   742 C C2    . G   A 1 34 ? -10.872 13.498  2.736   1.00 175.49 ? 34  G   A C2    1 
ATOM   743 N N2    . G   A 1 34 ? -10.347 14.281  1.779   1.00 173.52 ? 34  G   A N2    1 
ATOM   744 N N3    . G   A 1 34 ? -11.223 14.023  3.899   1.00 178.85 ? 34  G   A N3    1 
ATOM   745 C C4    . G   A 1 34 ? -11.728 13.098  4.745   1.00 173.51 ? 34  G   A C4    1 
ATOM   746 P P     . C   A 1 35 ? -16.633 16.483  5.651   1.00 231.03 ? 35  C   A P     1 
ATOM   747 O OP1   . C   A 1 35 ? -17.531 17.565  6.125   1.00 248.92 ? 35  C   A OP1   1 
ATOM   748 O OP2   . C   A 1 35 ? -17.067 15.063  5.738   1.00 240.52 ? 35  C   A OP2   1 
ATOM   749 O "O5'" . C   A 1 35 ? -16.244 16.812  4.146   1.00 221.34 ? 35  C   A "O5'" 1 
ATOM   750 C "C5'" . C   A 1 35 ? -15.688 18.070  3.805   1.00 218.68 ? 35  C   A "C5'" 1 
ATOM   751 C "C4'" . C   A 1 35 ? -15.216 18.072  2.378   1.00 210.91 ? 35  C   A "C4'" 1 
ATOM   752 O "O4'" . C   A 1 35 ? -14.059 17.206  2.256   1.00 200.39 ? 35  C   A "O4'" 1 
ATOM   753 C "C3'" . C   A 1 35 ? -16.205 17.514  1.369   1.00 223.13 ? 35  C   A "C3'" 1 
ATOM   754 O "O3'" . C   A 1 35 ? -17.197 18.447  0.978   1.00 239.34 ? 35  C   A "O3'" 1 
ATOM   755 C "C2'" . C   A 1 35 ? -15.297 17.047  0.241   1.00 207.55 ? 35  C   A "C2'" 1 
ATOM   756 O "O2'" . C   A 1 35 ? -14.854 18.147  -0.542  1.00 194.07 ? 35  C   A "O2'" 1 
ATOM   757 C "C1'" . C   A 1 35 ? -14.108 16.502  1.032   1.00 201.04 ? 35  C   A "C1'" 1 
ATOM   758 N N1    . C   A 1 35 ? -14.264 15.058  1.332   1.00 191.31 ? 35  C   A N1    1 
ATOM   759 C C2    . C   A 1 35 ? -13.933 14.130  0.348   1.00 177.13 ? 35  C   A C2    1 
ATOM   760 O O2    . C   A 1 35 ? -13.514 14.547  -0.741  1.00 162.43 ? 35  C   A O2    1 
ATOM   761 N N3    . C   A 1 35 ? -14.079 12.809  0.607   1.00 187.82 ? 35  C   A N3    1 
ATOM   762 C C4    . C   A 1 35 ? -14.535 12.401  1.793   1.00 189.70 ? 35  C   A C4    1 
ATOM   763 N N4    . C   A 1 35 ? -14.661 11.090  2.007   1.00 181.75 ? 35  C   A N4    1 
ATOM   764 C C5    . C   A 1 35 ? -14.879 13.321  2.818   1.00 195.62 ? 35  C   A C5    1 
ATOM   765 C C6    . C   A 1 35 ? -14.728 14.623  2.545   1.00 198.08 ? 35  C   A C6    1 
ATOM   766 P P     . C   A 1 36 ? -18.745 18.009  0.921   1.00 246.06 ? 36  C   A P     1 
ATOM   767 O OP1   . C   A 1 36 ? -19.560 19.244  0.990   1.00 263.58 ? 36  C   A OP1   1 
ATOM   768 O OP2   . C   A 1 36 ? -18.996 16.911  1.892   1.00 243.76 ? 36  C   A OP2   1 
ATOM   769 O "O5'" . C   A 1 36 ? -18.912 17.421  -0.546  1.00 240.52 ? 36  C   A "O5'" 1 
ATOM   770 C "C5'" . C   A 1 36 ? -18.492 18.172  -1.673  1.00 239.98 ? 36  C   A "C5'" 1 
ATOM   771 C "C4'" . C   A 1 36 ? -18.318 17.290  -2.881  1.00 238.76 ? 36  C   A "C4'" 1 
ATOM   772 O "O4'" . C   A 1 36 ? -17.173 16.416  -2.693  1.00 227.86 ? 36  C   A "O4'" 1 
ATOM   773 C "C3'" . C   A 1 36 ? -19.464 16.334  -3.174  1.00 243.27 ? 36  C   A "C3'" 1 
ATOM   774 O "O3'" . C   A 1 36 ? -20.557 16.951  -3.835  1.00 251.12 ? 36  C   A "O3'" 1 
ATOM   775 C "C2'" . C   A 1 36 ? -18.783 15.247  -3.992  1.00 230.07 ? 36  C   A "C2'" 1 
ATOM   776 O "O2'" . C   A 1 36 ? -18.578 15.683  -5.327  1.00 225.25 ? 36  C   A "O2'" 1 
ATOM   777 C "C1'" . C   A 1 36 ? -17.422 15.161  -3.298  1.00 218.23 ? 36  C   A "C1'" 1 
ATOM   778 N N1    . C   A 1 36 ? -17.394 14.110  -2.251  1.00 196.61 ? 36  C   A N1    1 
ATOM   779 C C2    . C   A 1 36 ? -17.333 12.765  -2.634  1.00 168.83 ? 36  C   A C2    1 
ATOM   780 O O2    . C   A 1 36 ? -17.302 12.478  -3.842  1.00 147.62 ? 36  C   A O2    1 
ATOM   781 N N3    . C   A 1 36 ? -17.309 11.806  -1.678  1.00 159.94 ? 36  C   A N3    1 
ATOM   782 C C4    . C   A 1 36 ? -17.345 12.138  -0.387  1.00 164.82 ? 36  C   A C4    1 
ATOM   783 N N4    . C   A 1 36 ? -17.326 11.156  0.515   1.00 155.28 ? 36  C   A N4    1 
ATOM   784 C C5    . C   A 1 36 ? -17.404 13.497  0.033   1.00 179.57 ? 36  C   A C5    1 
ATOM   785 C C6    . C   A 1 36 ? -17.427 14.436  -0.922  1.00 190.96 ? 36  C   A C6    1 
HETATM 786 K K     . K   B 2 .  ? 7.371   -3.397  -5.057  1.00 70.05  ? 101 K   A K     1 
HETATM 787 C C01   . J0D C 3 .  ? 9.903   0.254   -9.529  0.50 87.07  ? 102 J0D A C01   1 
HETATM 788 C C03   . J0D C 3 .  ? 9.878   1.966   -7.782  0.50 81.03  ? 102 J0D A C03   1 
HETATM 789 C C04   . J0D C 3 .  ? 8.918   2.742   -8.449  0.50 87.68  ? 102 J0D A C04   1 
HETATM 790 C C05   . J0D C 3 .  ? 8.487   3.932   -7.881  0.50 104.68 ? 102 J0D A C05   1 
HETATM 791 C C06   . J0D C 3 .  ? 8.999   4.373   -6.645  0.50 106.52 ? 102 J0D A C06   1 
HETATM 792 C C07   . J0D C 3 .  ? 9.959   3.588   -5.981  0.50 99.04  ? 102 J0D A C07   1 
HETATM 793 C C08   . J0D C 3 .  ? 10.393  2.385   -6.555  0.50 88.05  ? 102 J0D A C08   1 
HETATM 794 C C10   . J0D C 3 .  ? 11.291  0.125   -7.517  0.50 92.09  ? 102 J0D A C10   1 
HETATM 795 C C11   . J0D C 3 .  ? 11.875  -1.054  -7.853  0.50 80.89  ? 102 J0D A C11   1 
HETATM 796 C C12   . J0D C 3 .  ? 12.588  -2.079  -6.939  0.50 58.61  ? 102 J0D A C12   1 
HETATM 797 C C13   . J0D C 3 .  ? 13.152  -1.643  -5.757  0.50 49.21  ? 102 J0D A C13   1 
HETATM 798 C C14   . J0D C 3 .  ? 13.809  -2.512  -4.903  0.50 49.69  ? 102 J0D A C14   1 
HETATM 799 C C16   . J0D C 3 .  ? 13.377  -4.279  -6.349  0.50 53.49  ? 102 J0D A C16   1 
HETATM 800 C C17   . J0D C 3 .  ? 13.532  -5.685  -6.586  0.50 49.90  ? 102 J0D A C17   1 
HETATM 801 C C18   . J0D C 3 .  ? 13.016  -6.263  -7.730  0.50 47.85  ? 102 J0D A C18   1 
HETATM 802 C C19   . J0D C 3 .  ? 12.342  -5.462  -8.650  0.50 49.88  ? 102 J0D A C19   1 
HETATM 803 C C20   . J0D C 3 .  ? 12.180  -4.097  -8.420  0.50 57.76  ? 102 J0D A C20   1 
HETATM 804 C C21   . J0D C 3 .  ? 12.717  -3.483  -7.247  0.50 59.91  ? 102 J0D A C21   1 
HETATM 805 C C22   . J0D C 3 .  ? 14.599  -4.653  -4.279  0.50 58.93  ? 102 J0D A C22   1 
HETATM 806 N N02   . J0D C 3 .  ? 10.386  0.759   -8.264  0.50 86.42  ? 102 J0D A N02   1 
HETATM 807 N N15   . J0D C 3 .  ? 13.906  -3.783  -5.205  0.50 51.29  ? 102 J0D A N15   1 
HETATM 808 S S09   . J0D C 3 .  ? 11.509  1.128   -6.156  0.50 92.52  ? 102 J0D A S09   1 
# 
loop_
_atom_site_anisotrop.id 
_atom_site_anisotrop.type_symbol 
_atom_site_anisotrop.pdbx_label_atom_id 
_atom_site_anisotrop.pdbx_label_alt_id 
_atom_site_anisotrop.pdbx_label_comp_id 
_atom_site_anisotrop.pdbx_label_asym_id 
_atom_site_anisotrop.pdbx_label_seq_id 
_atom_site_anisotrop.pdbx_PDB_ins_code 
_atom_site_anisotrop.U[1][1] 
_atom_site_anisotrop.U[2][2] 
_atom_site_anisotrop.U[3][3] 
_atom_site_anisotrop.U[1][2] 
_atom_site_anisotrop.U[1][3] 
_atom_site_anisotrop.U[2][3] 
_atom_site_anisotrop.pdbx_auth_seq_id 
_atom_site_anisotrop.pdbx_auth_comp_id 
_atom_site_anisotrop.pdbx_auth_asym_id 
_atom_site_anisotrop.pdbx_auth_atom_id 
1   P P     . G   A 1  ? 1.6981 1.9247 2.6637 -0.0672 0.2024 -0.6356 1   G   A P     
2   O OP1   . G   A 1  ? 1.6869 1.9114 2.6510 -0.0681 0.2043 -0.6335 1   G   A OP1   
3   O OP2   . G   A 1  ? 1.5494 1.8083 2.5367 -0.0813 0.2117 -0.6565 1   G   A OP2   
4   O "O5'" . G   A 1  ? 1.6495 1.8681 2.6437 -0.0524 0.1847 -0.6374 1   G   A "O5'" 
5   C "C5'" . G   A 1  ? 1.5463 1.7312 2.5181 -0.0373 0.1733 -0.6156 1   G   A "C5'" 
6   C "C4'" . G   A 1  ? 1.5300 1.7147 2.5390 -0.0263 0.1566 -0.6228 1   G   A "C4'" 
7   O "O4'" . G   A 1  ? 1.6518 1.8699 2.7068 -0.0333 0.1569 -0.6494 1   G   A "O4'" 
8   C "C3'" . G   A 1  ? 1.5033 1.6815 2.5257 -0.0201 0.1488 -0.6215 1   G   A "C3'" 
9   O "O3'" . G   A 1  ? 1.6165 1.7605 2.6048 -0.0093 0.1424 -0.5966 1   G   A "O3'" 
10  C "C2'" . G   A 1  ? 1.3713 1.5651 2.4438 -0.0152 0.1360 -0.6395 1   G   A "C2'" 
11  O "O2'" . G   A 1  ? 0.9501 1.1234 2.0192 -0.0027 0.1222 -0.6280 1   G   A "O2'" 
12  C "C1'" . G   A 1  ? 1.6110 1.8364 2.7053 -0.0273 0.1451 -0.6606 1   G   A "C1'" 
13  N N9    . G   A 1  ? 1.5592 1.8148 2.6815 -0.0389 0.1535 -0.6815 1   G   A N9    
14  C C8    . G   A 1  ? 1.5667 1.8429 2.6823 -0.0540 0.1695 -0.6908 1   G   A C8    
15  N N7    . G   A 1  ? 1.4921 1.7937 2.6384 -0.0622 0.1735 -0.7098 1   G   A N7    
16  C C5    . G   A 1  ? 1.4872 1.7846 2.6625 -0.0514 0.1591 -0.7133 1   G   A C5    
17  C C6    . G   A 1  ? 1.4403 1.7575 2.6551 -0.0536 0.1560 -0.7312 1   G   A C6    
18  O O6    . G   A 1  ? 1.3618 1.7053 2.5940 -0.0657 0.1658 -0.7479 1   G   A O6    
19  N N1    . G   A 1  ? 1.3929 1.6965 2.6267 -0.0400 0.1394 -0.7279 1   G   A N1    
20  C C2    . G   A 1  ? 1.3248 1.5998 2.5416 -0.0266 0.1275 -0.7099 1   G   A C2    
21  N N2    . G   A 1  ? 1.4025 1.6684 2.6418 -0.0155 0.1118 -0.7094 1   G   A N2    
22  N N3    . G   A 1  ? 1.2175 1.4741 2.3975 -0.0246 0.1304 -0.6931 1   G   A N3    
23  C C4    . G   A 1  ? 1.3615 1.6304 2.5224 -0.0372 0.1465 -0.6960 1   G   A C4    
24  P P     . G   A 2  ? 1.4838 1.6175 2.4524 -0.0102 0.1471 -0.5868 2   G   A P     
25  O OP1   . G   A 2  ? 1.4140 1.5128 2.3338 -0.0023 0.1456 -0.5587 2   G   A OP1   
26  O OP2   . G   A 2  ? 1.2437 1.4046 2.2197 -0.0256 0.1624 -0.6025 2   G   A OP2   
27  O "O5'" . G   A 2  ? 1.3386 1.4746 2.3440 -0.0027 0.1336 -0.5948 2   G   A "O5'" 
28  C "C5'" . G   A 2  ? 1.3157 1.4342 2.3310 0.0106  0.1167 -0.5871 2   G   A "C5'" 
29  C "C4'" . G   A 2  ? 1.4124 1.5427 2.4703 0.0138  0.1066 -0.6013 2   G   A "C4'" 
30  O "O4'" . G   A 2  ? 1.5314 1.6949 2.6333 0.0066  0.1081 -0.6279 2   G   A "O4'" 
31  C "C3'" . G   A 2  ? 1.7387 1.8725 2.7958 0.0096  0.1124 -0.6028 2   G   A "C3'" 
32  O "O3'" . G   A 2  ? 1.9020 2.0062 2.9299 0.0183  0.1068 -0.5807 2   G   A "O3'" 
33  C "C2'" . G   A 2  ? 1.7595 1.9195 2.8702 0.0079  0.1062 -0.6271 2   G   A "C2'" 
34  O "O2'" . G   A 2  ? 1.8636 2.0103 2.9926 0.0200  0.0886 -0.6231 2   G   A "O2'" 
35  C "C1'" . G   A 2  ? 1.5867 1.7700 2.7187 0.0016  0.1098 -0.6442 2   G   A "C1'" 
36  N N9    . G   A 2  ? 1.4972 1.7052 2.6282 -0.0133 0.1271 -0.6571 2   G   A N9    
37  C C8    . G   A 2  ? 1.3733 1.5801 2.4712 -0.0208 0.1399 -0.6502 2   G   A C8    
38  N N7    . G   A 2  ? 1.3170 1.5493 2.4225 -0.0347 0.1536 -0.6650 2   G   A N7    
39  C C5    . G   A 2  ? 1.4695 1.7213 2.6158 -0.0362 0.1497 -0.6830 2   G   A C5    
40  C C6    . G   A 2  ? 1.6514 1.9344 2.8229 -0.0492 0.1596 -0.7041 2   G   A C6    
41  O O6    . G   A 2  ? 1.7194 2.0194 2.8817 -0.0626 0.1741 -0.7109 2   G   A O6    
42  N N1    . G   A 2  ? 1.7936 2.0875 3.0044 -0.0456 0.1506 -0.7175 2   G   A N1    
43  C C2    . G   A 2  ? 1.7398 2.0166 2.9638 -0.0318 0.1343 -0.7114 2   G   A C2    
44  N N2    . G   A 2  ? 1.9449 2.2362 3.2080 -0.0308 0.1278 -0.7267 2   G   A N2    
45  N N3    . G   A 2  ? 1.4499 1.6979 2.6508 -0.0201 0.1247 -0.6917 2   G   A N3    
46  C C4    . G   A 2  ? 1.4994 1.7364 2.6620 -0.0230 0.1332 -0.6786 2   G   A C4    
47  P P     . C   A 3  ? 1.8254 1.9165 2.8082 0.0134  0.1199 -0.5649 3   C   A P     
48  O OP1   . C   A 3  ? 1.8820 1.9381 2.8231 0.0233  0.1143 -0.5377 3   C   A OP1   
49  O OP2   . C   A 3  ? 1.3479 1.4619 2.3273 -0.0007 0.1366 -0.5770 3   C   A OP2   
50  O "O5'" . C   A 3  ? 2.1532 2.2476 3.1517 0.0136  0.1180 -0.5693 3   C   A "O5'" 
51  C "C5'" . C   A 3  ? 2.2004 2.2821 3.2163 0.0244  0.1022 -0.5656 3   C   A "C5'" 
52  C "C4'" . C   A 3  ? 2.0418 2.1480 3.1040 0.0209  0.0995 -0.5877 3   C   A "C4'" 
53  O "O4'" . C   A 3  ? 1.8818 2.0181 2.9795 0.0137  0.1025 -0.6112 3   C   A "O4'" 
54  C "C3'" . C   A 3  ? 2.0014 2.1187 3.0608 0.0123  0.1111 -0.5931 3   C   A "C3'" 
55  O "O3'" . C   A 3  ? 2.3001 2.3949 3.3389 0.0185  0.1071 -0.5766 3   C   A "O3'" 
56  C "C2'" . C   A 3  ? 1.7858 1.9352 2.8974 0.0068  0.1098 -0.6207 3   C   A "C2'" 
57  O "O2'" . C   A 3  ? 1.7899 1.9331 2.9287 0.0164  0.0941 -0.6227 3   C   A "O2'" 
58  C "C1'" . C   A 3  ? 1.8072 1.9706 2.9340 0.0046  0.1095 -0.6314 3   C   A "C1'" 
59  N N1    . C   A 3  ? 1.8197 2.0043 2.9390 -0.0092 0.1264 -0.6415 3   C   A N1    
60  C C2    . C   A 3  ? 1.7928 2.0097 2.9457 -0.0199 0.1337 -0.6653 3   C   A C2    
61  O O2    . C   A 3  ? 1.5845 1.8110 2.7721 -0.0173 0.1260 -0.6771 3   C   A O2    
62  N N3    . C   A 3  ? 1.8258 2.0633 2.9732 -0.0334 0.1489 -0.6749 3   C   A N3    
63  C C4    . C   A 3  ? 1.7018 1.9287 2.8119 -0.0362 0.1569 -0.6619 3   C   A C4    
64  N N4    . C   A 3  ? 1.6124 1.8611 2.7191 -0.0503 0.1715 -0.6725 3   C   A N4    
65  C C5    . C   A 3  ? 1.7334 1.9272 2.8087 -0.0249 0.1498 -0.6379 3   C   A C5    
66  C C6    . C   A 3  ? 1.7859 1.9600 2.8674 -0.0119 0.1349 -0.6285 3   C   A C6    
67  P P     . G   A 4  ? 2.5466 2.6397 3.5561 0.0107  0.1214 -0.5703 4   G   A P     
68  O OP1   . G   A 4  ? 2.6772 2.7431 3.6649 0.0196  0.1143 -0.5509 4   G   A OP1   
69  O OP2   . G   A 4  ? 2.4915 2.5868 3.4702 0.0027  0.1352 -0.5655 4   G   A OP2   
70  O "O5'" . G   A 4  ? 2.5777 2.7034 3.6278 0.0011  0.1271 -0.5958 4   G   A "O5'" 
71  C "C5'" . G   A 4  ? 2.7156 2.8678 3.7706 -0.0129 0.1422 -0.6110 4   G   A "C5'" 
72  C "C4'" . G   A 4  ? 2.8086 2.9921 3.9103 -0.0199 0.1435 -0.6368 4   G   A "C4'" 
73  O "O4'" . G   A 4  ? 2.9508 3.1602 4.0812 -0.0263 0.1457 -0.6562 4   G   A "O4'" 
74  C "C3'" . G   A 4  ? 2.7175 2.9166 3.8143 -0.0321 0.1578 -0.6439 4   G   A "C3'" 
75  O "O3'" . G   A 4  ? 2.3825 2.5668 3.4693 -0.0276 0.1551 -0.6340 4   G   A "O3'" 
76  C "C2'" . G   A 4  ? 2.9537 3.1896 4.0991 -0.0410 0.1602 -0.6728 4   G   A "C2'" 
77  O "O2'" . G   A 4  ? 3.0982 3.3385 4.2806 -0.0345 0.1484 -0.6828 4   G   A "O2'" 
78  C "C1'" . G   A 4  ? 2.9591 3.2001 4.1134 -0.0395 0.1565 -0.6774 4   G   A "C1'" 
79  N N9    . G   A 4  ? 2.8957 3.1481 4.0297 -0.0512 0.1711 -0.6792 4   G   A N9    
80  C C8    . G   A 4  ? 2.8756 3.1141 3.9812 -0.0491 0.1723 -0.6665 4   G   A C8    
81  N N7    . G   A 4  ? 2.8542 3.1075 3.9467 -0.0618 0.1862 -0.6713 4   G   A N7    
82  C C5    . G   A 4  ? 2.8716 3.1500 3.9850 -0.0730 0.1944 -0.6880 4   G   A C5    
83  C C6    . G   A 4  ? 2.9240 3.2268 4.0358 -0.0897 0.2097 -0.6999 4   G   A C6    
84  O O6    . G   A 4  ? 2.9107 3.2168 4.0005 -0.0979 0.2192 -0.6972 4   G   A O6    
85  N N1    . G   A 4  ? 3.0149 3.3385 4.1521 -0.0972 0.2136 -0.7155 4   G   A N1    
86  C C2    . G   A 4  ? 3.1191 3.4408 4.2814 -0.0895 0.2041 -0.7198 4   G   A C2    
87  N N2    . G   A 4  ? 3.2486 3.5931 4.4341 -0.0989 0.2100 -0.7359 4   G   A N2    
88  N N3    . G   A 4  ? 3.0415 3.3407 4.2061 -0.0740 0.1896 -0.7090 4   G   A N3    
89  C C4    . G   A 4  ? 2.9081 3.1865 4.0475 -0.0666 0.1855 -0.6934 4   G   A C4    
90  P P     . C   A 5  ? 2.0898 2.2458 3.1223 -0.0258 0.1611 -0.6080 5   C   A P     
91  O OP1   . C   A 5  ? 2.1672 2.3217 3.2017 -0.0264 0.1621 -0.6076 5   C   A OP1   
92  O OP2   . C   A 5  ? 2.0891 2.2147 3.0952 -0.0135 0.1512 -0.5867 5   C   A OP2   
93  O "O5'" . C   A 5  ? 1.6599 1.8302 2.6701 -0.0401 0.1790 -0.6108 5   C   A "O5'" 
94  C "C5'" . C   A 5  ? 1.2291 1.4080 2.2271 -0.0504 0.1914 -0.6125 5   C   A "C5'" 
95  C "C4'" . C   A 5  ? 1.1730 1.3892 2.2025 -0.0651 0.2013 -0.6379 5   C   A "C4'" 
96  O "O4'" . C   A 5  ? 1.5050 1.7363 2.5599 -0.0657 0.1978 -0.6511 5   C   A "O4'" 
97  C "C3'" . C   A 5  ? 0.7958 1.0218 1.7981 -0.0799 0.2182 -0.6370 5   C   A "C3'" 
98  O "O3'" . C   A 5  ? 0.9011 1.1274 1.8935 -0.0848 0.2245 -0.6347 5   C   A "O3'" 
99  C "C2'" . C   A 5  ? 0.9530 1.2134 1.9882 -0.0920 0.2242 -0.6614 5   C   A "C2'" 
100 O "O2'" . C   A 5  ? 0.9323 1.2189 2.0052 -0.0992 0.2262 -0.6824 5   C   A "O2'" 
101 C "C1'" . C   A 5  ? 1.4624 1.7187 2.5187 -0.0811 0.2114 -0.6641 5   C   A "C1'" 
102 N N1    . C   A 5  ? 1.5846 1.8292 2.6116 -0.0805 0.2140 -0.6521 5   C   A N1    
103 C C2    . C   A 5  ? 1.3849 1.6512 2.4134 -0.0936 0.2248 -0.6635 5   C   A C2    
104 O O2    . C   A 5  ? 1.2028 1.4992 2.2587 -0.1061 0.2319 -0.6844 5   C   A O2    
105 N N3    . C   A 5  ? 1.5516 1.8055 2.5515 -0.0926 0.2270 -0.6515 5   C   A N3    
106 C C4    . C   A 5  ? 1.6100 1.8314 2.5803 -0.0793 0.2191 -0.6291 5   C   A C4    
107 N N4    . C   A 5  ? 1.2274 1.4370 2.1697 -0.0786 0.2215 -0.6175 5   C   A N4    
108 C C5    . C   A 5  ? 1.7738 1.9728 2.7415 -0.0662 0.2081 -0.6170 5   C   A C5    
109 C C6    . C   A 5  ? 1.7149 1.9264 2.7110 -0.0674 0.2060 -0.6290 5   C   A C6    
110 P P     . G   A 6  ? 1.4165 1.6324 2.3604 -0.0933 0.2379 -0.6189 6   G   A P     
111 O OP1   . G   A 6  ? 1.7910 2.0125 2.7365 -0.0986 0.2429 -0.6216 6   G   A OP1   
112 O OP2   . G   A 6  ? 1.6558 1.8381 2.5598 -0.0818 0.2328 -0.5934 6   G   A OP2   
113 O "O5'" . G   A 6  ? 1.1526 1.3961 2.1009 -0.1104 0.2509 -0.6335 6   G   A "O5'" 
114 C "C5'" . G   A 6  ? 0.9381 1.2077 1.8991 -0.1262 0.2618 -0.6492 6   G   A "C5'" 
115 C "C4'" . G   A 6  ? 0.9610 1.2618 1.9492 -0.1388 0.2675 -0.6709 6   G   A "C4'" 
116 O "O4'" . G   A 6  ? 0.9975 1.2973 2.0068 -0.1290 0.2574 -0.6752 6   G   A "O4'" 
117 C "C3'" . G   A 6  ? 1.1151 1.4205 2.0732 -0.1523 0.2800 -0.6669 6   G   A "C3'" 
118 O "O3'" . G   A 6  ? 1.2452 1.5656 2.1965 -0.1681 0.2916 -0.6730 6   G   A "O3'" 
119 C "C2'" . G   A 6  ? 1.3961 1.7225 2.3820 -0.1564 0.2791 -0.6837 6   G   A "C2'" 
120 O "O2'" . G   A 6  ? 1.7725 2.1329 2.7978 -0.1689 0.2834 -0.7093 6   G   A "O2'" 
121 C "C1'" . G   A 6  ? 1.3714 1.6839 2.3765 -0.1382 0.2640 -0.6809 6   G   A "C1'" 
122 N N9    . G   A 6  ? 1.5502 1.8349 2.5216 -0.1280 0.2598 -0.6600 6   G   A N9    
123 C C8    . G   A 6  ? 1.6618 1.9157 2.6169 -0.1111 0.2488 -0.6411 6   G   A C8    
124 N N7    . G   A 6  ? 1.7445 1.9786 2.6699 -0.1054 0.2475 -0.6250 6   G   A N7    
125 C C5    . G   A 6  ? 1.5983 1.8510 2.5195 -0.1194 0.2583 -0.6336 6   G   A C5    
126 C C6    . G   A 6  ? 1.5278 1.7717 2.4211 -0.1210 0.2621 -0.6235 6   G   A C6    
127 O O6    . G   A 6  ? 1.3384 1.5559 2.2050 -0.1097 0.2564 -0.6048 6   G   A O6    
128 N N1    . G   A 6  ? 1.7070 1.9766 2.6058 -0.1381 0.2736 -0.6377 6   G   A N1    
129 C C2    . G   A 6  ? 1.6020 1.9019 2.5294 -0.1519 0.2803 -0.6589 6   G   A C2    
130 N N2    . G   A 6  ? 1.7109 2.0323 2.6389 -0.1683 0.2906 -0.6704 6   G   A N2    
131 N N3    . G   A 6  ? 1.3330 1.6411 2.2864 -0.1502 0.2769 -0.6684 6   G   A N3    
132 C C4    . G   A 6  ? 1.4378 1.7216 2.3868 -0.1337 0.2659 -0.6550 6   G   A C4    
133 P P     . A   A 7  ? 1.5607 1.8596 2.4602 -0.1719 0.2994 -0.6511 7   A   A P     
134 O OP1   . A   A 7  ? 1.8465 2.1638 2.7523 -0.1864 0.3081 -0.6619 7   A   A OP1   
135 O OP2   . A   A 7  ? 1.2925 1.5575 2.1689 -0.1534 0.2901 -0.6285 7   A   A OP2   
136 O "O5'" . A   A 7  ? 1.5472 1.8457 2.4185 -0.1812 0.3071 -0.6453 7   A   A "O5'" 
137 C "C5'" . A   A 7  ? 1.5409 1.8680 2.4311 -0.1971 0.3142 -0.6647 7   A   A "C5'" 
138 C "C4'" . A   A 7  ? 1.4333 1.7527 2.2997 -0.1985 0.3165 -0.6561 7   A   A "C4'" 
139 O "O4'" . A   A 7  ? 1.2023 1.5127 2.0840 -0.1827 0.3057 -0.6544 7   A   A "O4'" 
140 C "C3'" . A   A 7  ? 1.3948 1.6853 2.2070 -0.1967 0.3202 -0.6300 7   A   A "C3'" 
141 O "O3'" . A   A 7  ? 1.6003 1.8991 2.3905 -0.2148 0.3316 -0.6307 7   A   A "O3'" 
142 C "C2'" . A   A 7  ? 1.2703 1.5467 2.0703 -0.1872 0.3155 -0.6201 7   A   A "C2'" 
143 O "O2'" . A   A 7  ? 1.5211 1.8131 2.3179 -0.2013 0.3230 -0.6283 7   A   A "O2'" 
144 C "C1'" . A   A 7  ? 1.0788 1.3630 1.9221 -0.1752 0.3045 -0.6329 7   A   A "C1'" 
145 N N9    . A   A 7  ? 1.0938 1.3507 1.9298 -0.1556 0.2933 -0.6170 7   A   A N9    
146 C C8    . A   A 7  ? 1.1965 1.4508 2.0529 -0.1472 0.2862 -0.6198 7   A   A C8    
147 N N7    . A   A 7  ? 1.1806 1.4074 2.0251 -0.1300 0.2758 -0.6033 7   A   A N7    
148 C C5    . A   A 7  ? 1.1591 1.3700 1.9736 -0.1268 0.2763 -0.5890 7   A   A C5    
149 C C6    . A   A 7  ? 1.1459 1.3264 1.9358 -0.1116 0.2678 -0.5685 7   A   A C6    
150 N N6    . A   A 7  ? 0.7177 0.8776 1.5088 -0.0964 0.2564 -0.5583 7   A   A N6    
151 N N1    . A   A 7  ? 1.3766 1.5488 2.1402 -0.1129 0.2712 -0.5589 7   A   A N1    
152 C C2    . A   A 7  ? 1.2045 1.3970 1.9668 -0.1287 0.2822 -0.5690 7   A   A C2    
153 N N3    . A   A 7  ? 1.1434 1.3645 1.9268 -0.1444 0.2906 -0.5880 7   A   A N3    
154 C C4    . A   A 7  ? 1.1696 1.3987 1.9788 -0.1424 0.2871 -0.5973 7   A   A C4    
155 P P     . G   A 8  ? 1.9340 2.2098 2.6766 -0.2167 0.3366 -0.6088 8   G   A P     
156 O OP1   . G   A 8  ? 2.0398 2.3288 2.7671 -0.2378 0.3472 -0.6148 8   G   A OP1   
157 O OP2   . G   A 8  ? 2.0373 2.3047 2.7873 -0.2073 0.3319 -0.6051 8   G   A OP2   
158 O "O5'" . G   A 8  ? 1.7571 2.0019 2.4617 -0.2038 0.3328 -0.5842 8   G   A "O5'" 
159 C "C5'" . G   A 8  ? 1.3269 1.5686 2.0065 -0.2113 0.3379 -0.5782 8   G   A "C5'" 
160 C "C4'" . G   A 8  ? 1.1220 1.3389 1.7828 -0.1949 0.3311 -0.5604 8   G   A "C4'" 
161 O "O4'" . G   A 8  ? 0.9825 1.2025 1.6792 -0.1809 0.3209 -0.5690 8   G   A "O4'" 
162 C "C3'" . G   A 8  ? 1.2895 1.4741 1.9107 -0.1834 0.3285 -0.5343 8   G   A "C3'" 
163 O "O3'" . G   A 8  ? 1.5309 1.7037 2.1089 -0.1922 0.3359 -0.5193 8   G   A "O3'" 
164 C "C2'" . G   A 8  ? 1.1644 1.3311 1.7886 -0.1642 0.3178 -0.5251 8   G   A "C2'" 
165 O "O2'" . G   A 8  ? 0.8169 0.9758 1.4198 -0.1647 0.3195 -0.5167 8   G   A "O2'" 
166 C "C1'" . G   A 8  ? 1.0212 1.2114 1.6977 -0.1626 0.3123 -0.5487 8   G   A "C1'" 
167 N N9    . G   A 8  ? 0.8688 1.0549 1.5669 -0.1515 0.3043 -0.5508 8   G   A N9    
168 C C8    . G   A 8  ? 1.1677 1.3742 1.8949 -0.1584 0.3062 -0.5673 8   G   A C8    
169 N N7    . G   A 8  ? 1.5330 1.7302 2.2748 -0.1459 0.2975 -0.5654 8   G   A N7    
170 C C5    . G   A 8  ? 1.2236 1.3920 1.9437 -0.1298 0.2889 -0.5460 8   G   A C5    
171 C C6    . G   A 8  ? 1.2277 1.3743 1.9501 -0.1123 0.2768 -0.5354 8   G   A C6    
172 O O6    . G   A 8  ? 1.1975 1.3460 1.9421 -0.1073 0.2712 -0.5411 8   G   A O6    
173 N N1    . G   A 8  ? 0.9570 1.0772 1.6521 -0.1005 0.2708 -0.5164 8   G   A N1    
174 C C2    . G   A 8  ? 1.1204 1.2361 1.7899 -0.1046 0.2761 -0.5087 8   G   A C2    
175 N N2    . G   A 8  ? 1.0996 1.1886 1.7452 -0.0914 0.2688 -0.4901 8   G   A N2    
176 N N3    . G   A 8  ? 1.2504 1.3862 1.9175 -0.1209 0.2875 -0.5184 8   G   A N3    
177 C C4    . G   A 8  ? 1.0383 1.1998 1.7317 -0.1329 0.2932 -0.5370 8   G   A C4    
178 P P     . G   A 9  ? 1.4262 1.5970 1.9810 -0.2036 0.3431 -0.5139 9   G   A P     
179 O OP1   . G   A 9  ? 1.4517 1.6457 2.0119 -0.2247 0.3516 -0.5297 9   G   A OP1   
180 O OP2   . G   A 9  ? 1.4807 1.6497 2.0531 -0.1946 0.3383 -0.5155 9   G   A OP2   
181 O "O5'" . G   A 9  ? 1.4266 1.5661 1.9290 -0.1979 0.3438 -0.4855 9   G   A "O5'" 
182 C "C5'" . G   A 9  ? 1.3374 1.4732 1.8060 -0.2119 0.3512 -0.4781 9   G   A "C5'" 
183 C "C4'" . G   A 9  ? 0.9677 1.0864 1.4082 -0.2070 0.3503 -0.4628 9   G   A "C4'" 
184 O "O4'" . G   A 9  ? 0.9832 1.1103 1.4522 -0.1992 0.3454 -0.4728 9   G   A "O4'" 
185 C "C3'" . G   A 9  ? 0.6980 0.7846 1.1028 -0.1919 0.3459 -0.4360 9   G   A "C3'" 
186 O "O3'" . G   A 9  ? 0.8768 0.9496 1.2430 -0.1988 0.3503 -0.4208 9   G   A "O3'" 
187 C "C2'" . G   A 9  ? 1.0676 1.1458 1.4654 -0.1847 0.3429 -0.4298 9   G   A "C2'" 
188 O "O2'" . G   A 9  ? 1.3007 1.3779 1.6721 -0.1976 0.3491 -0.4253 9   G   A "O2'" 
189 C "C1'" . G   A 9  ? 1.0812 1.1845 1.5260 -0.1858 0.3408 -0.4540 9   G   A "C1'" 
190 N N9    . G   A 9  ? 0.8074 0.9052 1.2763 -0.1679 0.3310 -0.4551 9   G   A N9    
191 C C8    . G   A 9  ? 0.7486 0.8501 1.2401 -0.1622 0.3271 -0.4613 9   G   A C8    
192 N N7    . G   A 9  ? 0.8869 0.9815 1.3982 -0.1465 0.3172 -0.4619 9   G   A N7    
193 C C5    . G   A 9  ? 0.8329 0.9197 1.3348 -0.1417 0.3148 -0.4562 9   G   A C5    
194 C C6    . G   A 9  ? 1.0004 1.0768 1.5150 -0.1262 0.3043 -0.4541 9   G   A C6    
195 O O6    . G   A 9  ? 0.8855 0.9572 1.4229 -0.1136 0.2944 -0.4570 9   G   A O6    
196 N N1    . G   A 9  ? 1.2691 1.3402 1.7672 -0.1267 0.3056 -0.4481 9   G   A N1    
197 C C2    . G   A 9  ? 1.1584 1.2331 1.6310 -0.1405 0.3155 -0.4445 9   G   A C2    
198 N N2    . G   A 9  ? 0.6882 0.7565 1.1482 -0.1385 0.3149 -0.4388 9   G   A N2    
199 N N3    . G   A 9  ? 1.1538 1.2374 1.6143 -0.1553 0.3246 -0.4462 9   G   A N3    
200 C C4    . G   A 9  ? 0.8742 0.9633 1.3501 -0.1549 0.3236 -0.4520 9   G   A C4    
201 P P     . A   A 10 ? 1.2250 1.2906 1.5840 -0.1968 0.3502 -0.4145 10  A   A P     
202 O OP1   . A   A 10 ? 1.5320 1.5985 1.8656 -0.2133 0.3569 -0.4123 10  A   A OP1   
203 O OP2   . A   A 10 ? 0.6618 0.7425 1.0626 -0.1911 0.3466 -0.4307 10  A   A OP2   
204 O "O5'" . A   A 10 ? 1.1314 1.1654 1.4581 -0.1798 0.3449 -0.3878 10  A   A "O5'" 
205 C "C5'" . A   A 10 ? 1.1802 1.1954 1.4709 -0.1784 0.3452 -0.3697 10  A   A "C5'" 
206 C "C4'" . A   A 10 ? 1.1724 1.1677 1.4570 -0.1590 0.3375 -0.3551 10  A   A "C4'" 
207 O "O4'" . A   A 10 ? 1.0996 1.1075 1.4189 -0.1531 0.3333 -0.3702 10  A   A "O4'" 
208 C "C3'" . A   A 10 ? 1.2195 1.2007 1.5037 -0.1451 0.3319 -0.3453 10  A   A "C3'" 
209 O "O3'" . A   A 10 ? 1.5307 1.4918 1.7764 -0.1449 0.3333 -0.3245 10  A   A "O3'" 
210 C "C2'" . A   A 10 ? 1.0646 1.0343 1.3586 -0.1275 0.3227 -0.3409 10  A   A "C2'" 
211 O "O2'" . A   A 10 ? 0.8489 0.7947 1.1066 -0.1202 0.3206 -0.3186 10  A   A "O2'" 
212 C "C1'" . A   A 10 ? 0.9667 0.9579 1.2895 -0.1339 0.3239 -0.3607 10  A   A "C1'" 
213 N N9    . A   A 10 ? 0.8741 0.8807 1.2412 -0.1286 0.3186 -0.3796 10  A   A N9    
214 C C8    . A   A 10 ? 1.1384 1.1622 1.5323 -0.1343 0.3201 -0.3950 10  A   A C8    
215 N N7    . A   A 10 ? 1.4424 1.4756 1.8742 -0.1265 0.3131 -0.4092 10  A   A N7    
216 C C5    . A   A 10 ? 1.1107 1.1309 1.5394 -0.1149 0.3061 -0.4022 10  A   A C5    
217 C C6    . A   A 10 ? 1.0572 1.0777 1.5150 -0.1031 0.2959 -0.4101 10  A   A C6    
218 N N6    . A   A 10 ? 1.2336 1.2688 1.7321 -0.1008 0.2908 -0.4275 10  A   A N6    
219 N N1    . A   A 10 ? 0.8788 0.8835 1.3229 -0.0938 0.2906 -0.3994 10  A   A N1    
220 C C2    . A   A 10 ? 0.8073 0.7980 1.2118 -0.0962 0.2956 -0.3823 10  A   A C2    
221 N N3    . A   A 10 ? 0.8537 0.8425 1.2285 -0.1069 0.3049 -0.3733 10  A   A N3    
222 C C4    . A   A 10 ? 0.8368 0.8408 1.2256 -0.1160 0.3096 -0.3840 10  A   A C4    
223 P P     . A   A 11 ? 1.5510 1.5167 1.7896 -0.1553 0.3383 -0.3259 11  A   A P     
224 O OP1   . A   A 11 ? 1.7199 1.6818 1.9272 -0.1692 0.3439 -0.3190 11  A   A OP1   
225 O OP2   . A   A 11 ? 1.0070 0.9949 1.2850 -0.1588 0.3388 -0.3473 11  A   A OP2   
226 O "O5'" . A   A 11 ? 1.4225 1.3628 1.6368 -0.1417 0.3334 -0.3037 11  A   A "O5'" 
227 C "C5'" . A   A 11 ? 1.2319 1.1733 1.4622 -0.1352 0.3306 -0.3069 11  A   A "C5'" 
228 C "C4'" . A   A 11 ? 1.2034 1.1198 1.4169 -0.1178 0.3231 -0.2869 11  A   A "C4'" 
229 O "O4'" . A   A 11 ? 1.5863 1.4823 1.7591 -0.1175 0.3240 -0.2651 11  A   A "O4'" 
230 C "C3'" . A   A 11 ? 1.0193 0.9322 1.2554 -0.1025 0.3141 -0.2907 11  A   A "C3'" 
231 O "O3'" . A   A 11 ? 0.9658 0.8607 1.1965 -0.0882 0.3064 -0.2785 11  A   A "O3'" 
232 C "C2'" . A   A 11 ? 1.1866 1.0871 1.3990 -0.1002 0.3135 -0.2781 11  A   A "C2'" 
233 O "O2'" . A   A 11 ? 1.2501 1.1361 1.4660 -0.0838 0.3036 -0.2713 11  A   A "O2'" 
234 C "C1'" . A   A 11 ? 1.1197 1.0028 1.2900 -0.1041 0.3173 -0.2566 11  A   A "C1'" 
235 N N9    . A   A 11 ? 0.7153 0.5903 0.8584 -0.1096 0.3203 -0.2460 11  A   A N9    
236 C C8    . A   A 11 ? 1.0341 0.9204 1.1710 -0.1253 0.3273 -0.2531 11  A   A C8    
237 N N7    . A   A 11 ? 1.2359 1.1083 1.3460 -0.1256 0.3272 -0.2393 11  A   A N7    
238 C C5    . A   A 11 ? 0.8940 0.7459 0.9929 -0.1097 0.3204 -0.2225 11  A   A C5    
239 C C6    . A   A 11 ? 1.0543 0.8851 1.1267 -0.1026 0.3171 -0.2032 11  A   A C6    
240 N N6    . A   A 11 ? 1.3857 1.2118 1.4371 -0.1108 0.3200 -0.1976 11  A   A N6    
241 N N1    . A   A 11 ? 0.8333 0.6476 0.9016 -0.0870 0.3098 -0.1900 11  A   A N1    
242 C C2    . A   A 11 ? 0.8784 0.6966 0.9684 -0.0787 0.3054 -0.1968 11  A   A C2    
243 N N3    . A   A 11 ? 1.0795 0.9158 1.1947 -0.0838 0.3079 -0.2142 11  A   A N3    
244 C C4    . A   A 11 ? 0.9340 0.7873 1.0527 -0.0997 0.3159 -0.2266 11  A   A C4    
245 P P     . G   A 12 ? 1.0680 0.9717 1.3285 -0.0851 0.3030 -0.2911 12  G   A P     
246 O OP1   . G   A 12 ? 1.2207 1.1046 1.4527 -0.0799 0.3020 -0.2715 12  G   A OP1   
247 O OP2   . G   A 12 ? 0.5966 0.5289 0.8857 -0.1000 0.3103 -0.3145 12  G   A OP2   
248 O "O5'" . G   A 12 ? 1.3127 1.2096 1.5988 -0.0688 0.2901 -0.2955 12  G   A "O5'" 
249 C "C5'" . G   A 12 ? 1.3207 1.2248 1.6413 -0.0637 0.2838 -0.3092 12  G   A "C5'" 
250 C "C4'" . G   A 12 ? 1.2250 1.1441 1.5838 -0.0622 0.2789 -0.3284 12  G   A "C4'" 
251 O "O4'" . G   A 12 ? 0.8868 0.7890 1.2380 -0.0502 0.2699 -0.3185 12  G   A "O4'" 
252 C "C3'" . G   A 12 ? 1.1978 1.1442 1.5721 -0.0784 0.2893 -0.3467 12  G   A "C3'" 
253 O "O3'" . G   A 12 ? 0.9754 0.9410 1.3955 -0.0784 0.2850 -0.3689 12  G   A "O3'" 
254 C "C2'" . G   A 12 ? 1.2844 1.2218 1.6393 -0.0763 0.2889 -0.3375 12  G   A "C2'" 
255 O "O2'" . G   A 12 ? 1.3754 1.3341 1.7473 -0.0871 0.2946 -0.3535 12  G   A "O2'" 
256 C "C1'" . G   A 12 ? 1.2480 1.1654 1.6092 -0.0577 0.2745 -0.3297 12  G   A "C1'" 
257 N N9    . G   A 12 ? 1.2276 1.1260 1.5640 -0.0497 0.2701 -0.3139 12  G   A N9    
258 C C8    . G   A 12 ? 1.3497 1.2329 1.6457 -0.0505 0.2743 -0.2945 12  G   A C8    
259 N N7    . G   A 12 ? 1.4127 1.2816 1.6988 -0.0415 0.2675 -0.2853 12  G   A N7    
260 C C5    . G   A 12 ? 1.2861 1.1605 1.6075 -0.0344 0.2582 -0.2991 12  G   A C5    
261 C C6    . G   A 12 ? 1.0164 0.8811 1.3463 -0.0238 0.2476 -0.2979 12  G   A C6    
262 O O6    . G   A 12 ? 1.0547 0.9035 1.3615 -0.0181 0.2443 -0.2839 12  G   A O6    
263 N N1    . G   A 12 ? 0.9300 0.8061 1.3011 -0.0204 0.2401 -0.3154 12  G   A N1    
264 C C2    . G   A 12 ? 1.0116 0.9065 1.4127 -0.0262 0.2426 -0.3323 12  G   A C2    
265 N N2    . G   A 12 ? 0.6350 0.5397 1.0759 -0.0221 0.2344 -0.3479 12  G   A N2    
266 N N3    . G   A 12 ? 1.5076 1.4115 1.9007 -0.0359 0.2524 -0.3337 12  G   A N3    
267 C C4    . G   A 12 ? 1.3792 1.2716 1.7319 -0.0394 0.2597 -0.3166 12  G   A C4    
268 P P     . G   A 13 ? 1.2317 1.2297 1.6822 -0.0935 0.2926 -0.3934 13  G   A P     
269 O OP1   . G   A 13 ? 1.3361 1.3555 1.8210 -0.1001 0.2942 -0.4127 13  G   A OP1   
270 O OP2   . G   A 13 ? 1.0122 1.0154 1.4364 -0.1069 0.3034 -0.3895 13  G   A OP2   
271 O "O5'" . G   A 13 ? 1.1709 1.1687 1.6478 -0.0831 0.2823 -0.4008 13  G   A "O5'" 
272 C "C5'" . G   A 13 ? 1.1559 1.1360 1.6431 -0.0663 0.2687 -0.3949 13  G   A "C5'" 
273 C "C4'" . G   A 13 ? 1.2264 1.2192 1.7546 -0.0624 0.2608 -0.4122 13  G   A "C4'" 
274 O "O4'" . G   A 13 ? 1.0774 1.0554 1.5928 -0.0540 0.2549 -0.4023 13  G   A "O4'" 
275 C "C3'" . G   A 13 ? 1.3811 1.4072 1.9390 -0.0775 0.2695 -0.4361 13  G   A "C3'" 
276 O "O3'" . G   A 13 ? 1.4547 1.4942 2.0574 -0.0729 0.2609 -0.4536 13  G   A "O3'" 
277 C "C2'" . G   A 13 ? 1.3990 1.4243 1.9372 -0.0819 0.2743 -0.4313 13  G   A "C2'" 
278 O "O2'" . G   A 13 ? 1.3927 1.4451 1.9608 -0.0919 0.2783 -0.4525 13  G   A "O2'" 
279 C "C1'" . G   A 13 ? 1.2790 1.2766 1.8035 -0.0646 0.2621 -0.4147 13  G   A "C1'" 
280 N N9    . G   A 13 ? 1.2279 1.2078 1.7107 -0.0635 0.2655 -0.3957 13  G   A N9    
281 C C8    . G   A 13 ? 1.1569 1.1314 1.6032 -0.0715 0.2756 -0.3832 13  G   A C8    
282 N N7    . G   A 13 ? 1.1581 1.1151 1.5722 -0.0676 0.2755 -0.3665 13  G   A N7    
283 C C5    . G   A 13 ? 1.0129 0.9625 1.4428 -0.0560 0.2645 -0.3679 13  G   A C5    
284 C C6    . G   A 13 ? 0.9579 0.8888 1.3677 -0.0472 0.2589 -0.3542 13  G   A C6    
285 O O6    . G   A 13 ? 1.2265 1.1438 1.5998 -0.0478 0.2631 -0.3378 13  G   A O6    
286 N N1    . G   A 13 ? 0.7281 0.6571 1.1655 -0.0370 0.2471 -0.3612 13  G   A N1    
287 C C2    . G   A 13 ? 0.8109 0.7548 1.2905 -0.0357 0.2414 -0.3792 13  G   A C2    
288 N N2    . G   A 13 ? 0.9318 0.8718 1.4337 -0.0259 0.2296 -0.3832 13  G   A N2    
289 N N3    . G   A 13 ? 0.9822 0.9438 1.4812 -0.0436 0.2466 -0.3921 13  G   A N3    
290 C C4    . G   A 13 ? 1.0132 0.9763 1.4851 -0.0534 0.2580 -0.3855 13  G   A C4    
291 P P     . A   A 14 ? 1.3710 1.4264 2.0092 -0.0750 0.2590 -0.4696 14  A   A P     
292 O OP1   . A   A 14 ? 1.5924 1.6432 2.2047 -0.0810 0.2672 -0.4605 14  A   A OP1   
293 O OP2   . A   A 14 ? 1.4399 1.5280 2.1190 -0.0855 0.2625 -0.4955 14  A   A OP2   
294 O "O5'" . A   A 14 ? 1.1280 1.1644 1.7809 -0.0573 0.2426 -0.4638 14  A   A "O5'" 
295 C "C5'" . A   A 14 ? 0.7720 0.7761 1.3947 -0.0435 0.2338 -0.4408 14  A   A "C5'" 
296 C "C4'" . A   A 14 ? 1.4306 1.4294 2.0570 -0.0372 0.2271 -0.4395 14  A   A "C4'" 
297 O "O4'" . A   A 14 ? 1.5890 1.6139 2.2320 -0.0494 0.2359 -0.4568 14  A   A "O4'" 
298 C "C3'" . A   A 14 ? 1.6432 1.6385 2.3027 -0.0258 0.2119 -0.4455 14  A   A "C3'" 
299 O "O3'" . A   A 14 ? 1.7951 1.7607 2.4363 -0.0120 0.2005 -0.4261 14  A   A "O3'" 
300 C "C2'" . A   A 14 ? 1.4945 1.4973 2.1627 -0.0265 0.2110 -0.4519 14  A   A "C2'" 
301 O "O2'" . A   A 14 ? 1.1940 1.1706 1.8265 -0.0182 0.2072 -0.4307 14  A   A "O2'" 
302 C "C1'" . A   A 14 ? 1.7030 1.7302 2.3687 -0.0432 0.2270 -0.4636 14  A   A "C1'" 
303 N N9    . A   A 14 ? 2.0593 2.1190 2.7708 -0.0518 0.2291 -0.4904 14  A   A N9    
304 C C8    . A   A 14 ? 2.1268 2.2009 2.8608 -0.0535 0.2274 -0.5030 14  A   A C8    
305 N N7    . A   A 14 ? 2.1190 2.2225 2.8941 -0.0616 0.2294 -0.5269 14  A   A N7    
306 C C5    . A   A 14 ? 2.1654 2.2742 2.9458 -0.0652 0.2325 -0.5303 14  A   A C5    
307 C C6    . A   A 14 ? 2.1288 2.2650 2.9461 -0.0739 0.2357 -0.5518 14  A   A C6    
308 N N6    . A   A 14 ? 1.9990 2.1630 2.8559 -0.0802 0.2360 -0.5746 14  A   A N6    
309 N N1    . A   A 14 ? 2.0674 2.2012 2.8790 -0.0758 0.2386 -0.5491 14  A   A N1    
310 C C2    . A   A 14 ? 1.9599 2.0664 2.7321 -0.0693 0.2382 -0.5264 14  A   A C2    
311 N N3    . A   A 14 ? 1.9822 2.0618 2.7178 -0.0610 0.2352 -0.5049 14  A   A N3    
312 C C4    . A   A 14 ? 2.1235 2.2056 2.8651 -0.0594 0.2325 -0.5080 14  A   A C4    
313 P P     . G   A 15 ? 1.9034 1.8563 2.5653 0.0017  0.1831 -0.4243 15  G   A P     
314 O OP1   . G   A 15 ? 1.7823 1.7120 2.4310 0.0113  0.1743 -0.4088 15  G   A OP1   
315 O OP2   . G   A 15 ? 2.0006 1.9801 2.7118 -0.0019 0.1802 -0.4488 15  G   A OP2   
316 O "O5'" . G   A 15 ? 1.4359 1.3728 2.0705 0.0064  0.1812 -0.4103 15  G   A "O5'" 
317 C "C5'" . G   A 15 ? 0.8108 0.7550 1.4693 0.0091  0.1747 -0.4197 15  G   A "C5'" 
318 C "C4'" . G   A 15 ? 1.0226 0.9419 1.6524 0.0184  0.1679 -0.4005 15  G   A "C4'" 
319 O "O4'" . G   A 15 ? 0.9422 0.8360 1.5254 0.0221  0.1699 -0.3769 15  G   A "O4'" 
320 C "C3'" . G   A 15 ? 1.3335 1.2609 1.9564 0.0133  0.1742 -0.4040 15  G   A "C3'" 
321 O "O3'" . G   A 15 ? 1.5118 1.4574 2.1739 0.0128  0.1692 -0.4223 15  G   A "O3'" 
322 C "C2'" . G   A 15 ? 1.2525 1.1487 1.8339 0.0228  0.1689 -0.3787 15  G   A "C2'" 
323 O "O2'" . G   A 15 ? 0.7467 0.6295 1.3409 0.0344  0.1533 -0.3740 15  G   A "O2'" 
324 C "C1'" . G   A 15 ? 1.2389 1.1183 1.7918 0.0248  0.1706 -0.3630 15  G   A "C1'" 
325 N N9    . G   A 15 ? 1.0545 0.9354 1.5736 0.0158  0.1853 -0.3565 15  G   A N9    
326 C C8    . G   A 15 ? 0.9450 0.8446 1.4689 0.0044  0.1974 -0.3670 15  G   A C8    
327 N N7    . G   A 15 ? 0.7838 0.6829 1.2759 -0.0033 0.2092 -0.3594 15  G   A N7    
328 C C5    . G   A 15 ? 0.8411 0.7200 1.3051 0.0037  0.2050 -0.3427 15  G   A C5    
329 C C6    . G   A 15 ? 0.9284 0.7985 1.3529 -0.0001 0.2135 -0.3287 15  G   A C6    
330 O O6    . G   A 15 ? 1.2221 1.1007 1.6284 -0.0107 0.2263 -0.3279 15  G   A O6    
331 N N1    . G   A 15 ? 0.6621 0.5121 1.0676 0.0092  0.2057 -0.3143 15  G   A N1    
332 C C2    . G   A 15 ? 0.8586 0.6979 1.2806 0.0206  0.1913 -0.3132 15  G   A C2    
333 N N2    . G   A 15 ? 0.6392 0.4593 1.0363 0.0276  0.1861 -0.2976 15  G   A N2    
334 N N3    . G   A 15 ? 1.0162 0.8634 1.4755 0.0240  0.1831 -0.3259 15  G   A N3    
335 C C4    . G   A 15 ? 0.8514 0.7186 1.3310 0.0155  0.1904 -0.3406 15  G   A C4    
336 P P     . G   A 16 ? 1.3266 1.2928 1.9945 0.0030  0.1789 -0.4351 16  G   A P     
337 O OP1   . G   A 16 ? 1.6027 1.5884 2.3168 0.0034  0.1717 -0.4551 16  G   A OP1   
338 O OP2   . G   A 16 ? 1.3830 1.3640 2.0361 -0.0106 0.1953 -0.4396 16  G   A OP2   
339 O "O5'" . G   A 16 ? 1.1777 1.1195 1.8089 0.0099  0.1759 -0.4150 16  G   A "O5'" 
340 C "C5'" . G   A 16 ? 1.0268 0.9517 1.6628 0.0221  0.1614 -0.4069 16  G   A "C5'" 
341 C "C4'" . G   A 16 ? 1.1654 1.0684 1.7606 0.0264  0.1619 -0.3872 16  G   A "C4'" 
342 O "O4'" . G   A 16 ? 1.4656 1.3482 2.0194 0.0279  0.1659 -0.3672 16  G   A "O4'" 
343 C "C3'" . G   A 16 ? 1.2595 1.1763 1.8452 0.0166  0.1740 -0.3935 16  G   A "C3'" 
344 O "O3'" . G   A 16 ? 1.3446 1.2758 1.9591 0.0160  0.1704 -0.4078 16  G   A "O3'" 
345 C "C2'" . G   A 16 ? 1.2242 1.1139 1.7601 0.0211  0.1754 -0.3687 16  G   A "C2'" 
346 O "O2'" . G   A 16 ? 1.2058 1.0758 1.7370 0.0328  0.1624 -0.3574 16  G   A "O2'" 
347 C "C1'" . G   A 16 ? 1.3725 1.2481 1.8904 0.0242  0.1748 -0.3564 16  G   A "C1'" 
348 N N9    . G   A 16 ? 1.1377 1.0262 1.6417 0.0120  0.1901 -0.3599 16  G   A N9    
349 C C8    . G   A 16 ? 0.8600 0.7699 1.3857 0.0029  0.1973 -0.3755 16  G   A C8    
350 N N7    . G   A 16 ? 0.6367 0.5538 1.1405 -0.0077 0.2110 -0.3738 16  G   A N7    
351 C C5    . G   A 16 ? 0.9641 0.8635 1.4295 -0.0055 0.2132 -0.3562 16  G   A C5    
352 C C6    . G   A 16 ? 1.0047 0.9015 1.4330 -0.0135 0.2254 -0.3458 16  G   A C6    
353 O O6    . G   A 16 ? 0.9129 0.8219 1.3305 -0.0255 0.2380 -0.3485 16  G   A O6    
354 N N1    . G   A 16 ? 1.0335 0.9102 1.4330 -0.0068 0.2217 -0.3291 16  G   A N1    
355 C C2    . G   A 16 ? 0.8532 0.7137 1.2566 0.0056  0.2086 -0.3226 16  G   A C2    
356 N N2    . G   A 16 ? 0.6292 0.4714 0.9999 0.0100  0.2074 -0.3058 16  G   A N2    
357 N N3    . G   A 16 ? 0.8781 0.7405 1.3144 0.0128  0.1973 -0.3316 16  G   A N3    
358 C C4    . G   A 16 ? 0.9282 0.8102 1.3940 0.0068  0.2003 -0.3481 16  G   A C4    
359 P P     . U   A 17 ? 1.2250 1.1926 1.8718 0.0020  0.1811 -0.4340 17  U   A P     
360 O OP1   . U   A 17 ? 1.3772 1.3522 2.0546 0.0066  0.1716 -0.4448 17  U   A OP1   
361 O OP2   . U   A 17 ? 0.9809 0.9679 1.6506 -0.0054 0.1862 -0.4484 17  U   A OP2   
362 O "O5'" . U   A 17 ? 1.0273 0.9965 1.6391 -0.0078 0.1957 -0.4280 17  U   A "O5'" 
363 C "C5'" . U   A 17 ? 1.0868 1.0318 1.6598 -0.0018 0.1945 -0.4076 17  U   A "C5'" 
364 C "C4'" . U   A 17 ? 1.1259 1.0657 1.6583 -0.0099 0.2078 -0.3960 17  U   A "C4'" 
365 O "O4'" . U   A 17 ? 0.9773 0.9083 1.4952 -0.0093 0.2095 -0.3872 17  U   A "O4'" 
366 C "C3'" . U   A 17 ? 1.1660 1.1335 1.7048 -0.0265 0.2228 -0.4115 17  U   A "C3'" 
367 O "O3'" . U   A 17 ? 1.3251 1.2975 1.8617 -0.0292 0.2250 -0.4145 17  U   A "O3'" 
368 C "C2'" . U   A 17 ? 0.8596 0.8182 1.3595 -0.0323 0.2330 -0.3972 17  U   A "C2'" 
369 O "O2'" . U   A 17 ? 0.8021 0.7401 1.2617 -0.0292 0.2345 -0.3780 17  U   A "O2'" 
370 C "C1'" . U   A 17 ? 0.7817 0.7227 1.2788 -0.0221 0.2244 -0.3870 17  U   A "C1'" 
371 N N1    . U   A 17 ? 0.6667 0.6268 1.1860 -0.0301 0.2296 -0.4010 17  U   A N1    
372 C C2    . U   A 17 ? 0.8164 0.7822 1.3136 -0.0411 0.2423 -0.3978 17  U   A C2    
373 O O2    . U   A 17 ? 1.0939 1.0490 1.5546 -0.0442 0.2489 -0.3837 17  U   A O2    
374 N N3    . U   A 17 ? 0.7587 0.7430 1.2781 -0.0488 0.2468 -0.4115 17  U   A N3    
375 C C4    . U   A 17 ? 1.0449 1.0431 1.6063 -0.0464 0.2401 -0.4282 17  U   A C4    
376 O O4    . U   A 17 ? 1.3902 1.4044 1.9668 -0.0542 0.2454 -0.4391 17  U   A O4    
377 C C5    . U   A 17 ? 0.9090 0.9008 1.4919 -0.0349 0.2270 -0.4307 17  U   A C5    
378 C C6    . U   A 17 ? 0.8809 0.8546 1.4425 -0.0276 0.2224 -0.4174 17  U   A C6    
379 P P     . C   A 18 ? 1.0665 1.0730 1.6307 -0.0442 0.2347 -0.4383 18  C   A P     
380 O OP1   . C   A 18 ? 0.7721 0.7704 1.3157 -0.0435 0.2360 -0.4306 18  C   A OP1   
381 O OP2   . C   A 18 ? 0.9526 0.9819 1.5675 -0.0448 0.2292 -0.4609 18  C   A OP2   
382 O "O5'" . C   A 18 ? 1.0922 1.1123 1.6411 -0.0595 0.2498 -0.4407 18  C   A "O5'" 
383 C "C5'" . C   A 18 ? 0.9508 1.0032 1.5242 -0.0755 0.2597 -0.4622 18  C   A "C5'" 
384 C "C4'" . C   A 18 ? 0.9006 0.9569 1.4426 -0.0897 0.2738 -0.4565 18  C   A "C4'" 
385 O "O4'" . C   A 18 ? 0.9397 0.9829 1.4599 -0.0884 0.2756 -0.4439 18  C   A "O4'" 
386 C "C3'" . C   A 18 ? 1.0689 1.1588 1.6334 -0.1084 0.2846 -0.4784 18  C   A "C3'" 
387 O "O3'" . C   A 18 ? 1.3453 1.4356 1.8791 -0.1202 0.2951 -0.4716 18  C   A "O3'" 
388 C "C2'" . C   A 18 ? 1.0558 1.1530 1.6275 -0.1133 0.2878 -0.4826 18  C   A "C2'" 
389 O "O2'" . C   A 18 ? 0.9540 1.0743 1.5285 -0.1321 0.2998 -0.4946 18  C   A "O2'" 
390 C "C1'" . C   A 18 ? 1.0641 1.1300 1.5941 -0.1040 0.2858 -0.4568 18  C   A "C1'" 
391 N N1    . C   A 18 ? 1.0232 1.0855 1.5616 -0.0993 0.2824 -0.4560 18  C   A N1    
392 C C2    . C   A 18 ? 1.0483 1.1082 1.5629 -0.1073 0.2906 -0.4484 18  C   A C2    
393 O O2    . C   A 18 ? 1.1568 1.2164 1.6428 -0.1180 0.3000 -0.4415 18  C   A O2    
394 N N3    . C   A 18 ? 1.1634 1.2207 1.6863 -0.1034 0.2877 -0.4484 18  C   A N3    
395 C C4    . C   A 18 ? 1.2875 1.3444 1.8412 -0.0922 0.2769 -0.4555 18  C   A C4    
396 N N4    . C   A 18 ? 1.6560 1.7100 2.2160 -0.0889 0.2743 -0.4547 18  C   A N4    
397 C C5    . C   A 18 ? 1.0833 1.1425 1.6623 -0.0840 0.2678 -0.4633 18  C   A C5    
398 C C6    . C   A 18 ? 1.1515 1.2134 1.7218 -0.0879 0.2710 -0.4635 18  C   A C6    
399 P P     . U   A 19 ? 1.2630 1.3550 1.7921 -0.1220 0.2960 -0.4726 19  U   A P     
400 O OP1   . U   A 19 ? 1.2161 1.3113 1.7783 -0.1106 0.2851 -0.4824 19  U   A OP1   
401 O OP2   . U   A 19 ? 1.2635 1.3777 1.7908 -0.1421 0.3083 -0.4836 19  U   A OP2   
402 O "O5'" . U   A 19 ? 1.0704 1.1291 1.5510 -0.1126 0.2944 -0.4447 19  U   A "O5'" 
403 C "C5'" . U   A 19 ? 0.8496 0.8974 1.2911 -0.1200 0.3027 -0.4294 19  U   A "C5'" 
404 C "C4'" . U   A 19 ? 0.8783 0.8929 1.2816 -0.1063 0.2974 -0.4034 19  U   A "C4'" 
405 O "O4'" . U   A 19 ? 0.9785 0.9822 1.3495 -0.1111 0.3033 -0.3887 19  U   A "O4'" 
406 C "C3'" . U   A 19 ? 0.9911 0.9942 1.3708 -0.1049 0.2979 -0.3929 19  U   A "C3'" 
407 O "O3'" . U   A 19 ? 1.1744 1.1493 1.5371 -0.0869 0.2876 -0.3746 19  U   A "O3'" 
408 C "C2'" . U   A 19 ? 0.9777 0.9774 1.3206 -0.1181 0.3088 -0.3814 19  U   A "C2'" 
409 O "O2'" . U   A 19 ? 0.7719 0.7520 1.0790 -0.1153 0.3093 -0.3630 19  U   A "O2'" 
410 C "C1'" . U   A 19 ? 0.8811 0.8708 1.2126 -0.1151 0.3085 -0.3721 19  U   A "C1'" 
411 N N1    . U   A 19 ? 0.8237 0.8222 1.1396 -0.1317 0.3189 -0.3722 19  U   A N1    
412 C C2    . U   A 19 ? 0.8033 0.7833 1.0769 -0.1349 0.3229 -0.3519 19  U   A C2    
413 O O2    . U   A 19 ? 1.0110 0.9672 1.2573 -0.1242 0.3188 -0.3322 19  U   A O2    
414 N N3    . U   A 19 ? 0.9377 0.9284 1.2030 -0.1515 0.3314 -0.3558 19  U   A N3    
415 C C4    . U   A 19 ? 1.0192 1.0369 1.3136 -0.1651 0.3363 -0.3779 19  U   A C4    
416 O O4    . U   A 19 ? 1.0316 1.0558 1.3146 -0.1797 0.3429 -0.3798 19  U   A O4    
417 C C5    . U   A 19 ? 1.0728 1.1094 1.4106 -0.1608 0.3323 -0.3980 19  U   A C5    
418 C C6    . U   A 19 ? 1.0527 1.0789 1.3994 -0.1446 0.3238 -0.3944 19  U   A C6    
419 P P     . G   A 20 ? 1.3390 1.2987 1.6847 -0.0794 0.2834 -0.3642 20  G   A P     
420 O OP1   . G   A 20 ? 1.5144 1.4986 1.8813 -0.0913 0.2891 -0.3827 20  G   A OP1   
421 O OP2   . G   A 20 ? 1.0857 1.0204 1.3841 -0.0768 0.2855 -0.3390 20  G   A OP2   
422 O "O5'" . G   A 20 ? 1.3120 1.2594 1.6790 -0.0613 0.2681 -0.3644 20  G   A "O5'" 
423 C "C5'" . G   A 20 ? 1.1070 1.0742 1.5196 -0.0607 0.2632 -0.3861 20  G   A "C5'" 
424 C "C4'" . G   A 20 ? 1.0351 1.0017 1.4686 -0.0539 0.2562 -0.3899 20  G   A "C4'" 
425 O "O4'" . G   A 20 ? 1.0760 1.0532 1.5036 -0.0652 0.2661 -0.3924 20  G   A "O4'" 
426 C "C3'" . G   A 20 ? 1.2190 1.1542 1.6317 -0.0374 0.2449 -0.3691 20  G   A "C3'" 
427 O "O3'" . G   A 20 ? 1.3157 1.2428 1.7482 -0.0250 0.2316 -0.3710 20  G   A "O3'" 
428 C "C2'" . G   A 20 ? 1.1873 1.1237 1.6058 -0.0378 0.2452 -0.3699 20  G   A "C2'" 
429 O "O2'" . G   A 20 ? 1.0998 1.0476 1.5605 -0.0333 0.2369 -0.3857 20  G   A "O2'" 
430 C "C1'" . G   A 20 ? 1.1723 1.1322 1.5903 -0.0559 0.2604 -0.3806 20  G   A "C1'" 
431 N N9    . G   A 20 ? 1.0492 0.9973 1.4256 -0.0614 0.2690 -0.3633 20  G   A N9    
432 C C8    . G   A 20 ? 0.9972 0.9243 1.3331 -0.0583 0.2703 -0.3425 20  G   A C8    
433 N N7    . G   A 20 ? 0.9867 0.9102 1.2938 -0.0664 0.2791 -0.3320 20  G   A N7    
434 C C5    . G   A 20 ? 0.8590 0.8022 1.1885 -0.0754 0.2840 -0.3468 20  G   A C5    
435 C C6    . G   A 20 ? 0.9621 0.9109 1.2771 -0.0868 0.2933 -0.3445 20  G   A C6    
436 O O6    . G   A 20 ? 1.3270 1.2630 1.6055 -0.0908 0.2987 -0.3276 20  G   A O6    
437 N N1    . G   A 20 ? 0.9465 0.9168 1.2936 -0.0937 0.2955 -0.3633 20  G   A N1    
438 C C2    . G   A 20 ? 0.8645 0.8504 1.2543 -0.0901 0.2895 -0.3825 20  G   A C2    
439 N N2    . G   A 20 ? 0.7738 0.7809 1.1920 -0.0980 0.2926 -0.3997 20  G   A N2    
440 N N3    . G   A 20 ? 0.9404 0.9212 1.3441 -0.0796 0.2806 -0.3846 20  G   A N3    
441 C C4    . G   A 20 ? 0.9549 0.9139 1.3268 -0.0726 0.2782 -0.3662 20  G   A C4    
442 P P     . A   A 21 ? 1.5251 1.4178 1.9305 -0.0086 0.2193 -0.3477 21  A   A P     
443 O OP1   . A   A 21 ? 1.5854 1.4779 2.0223 0.0008  0.2061 -0.3558 21  A   A OP1   
444 O OP2   . A   A 21 ? 1.1741 1.0538 1.5384 -0.0109 0.2256 -0.3315 21  A   A OP2   
445 O "O5'" . A   A 21 ? 1.4838 1.3613 1.8784 -0.0023 0.2149 -0.3360 21  A   A "O5'" 
446 C "C5'" . A   A 21 ? 1.4647 1.3497 1.8933 0.0014  0.2077 -0.3472 21  A   A "C5'" 
447 C "C4'" . A   A 21 ? 1.2344 1.1011 1.6458 0.0080  0.2034 -0.3327 21  A   A "C4'" 
448 O "O4'" . A   A 21 ? 1.1101 0.9864 1.5068 -0.0031 0.2166 -0.3330 21  A   A "O4'" 
449 C "C3'" . A   A 21 ? 1.1584 0.9928 1.5316 0.0195  0.1955 -0.3068 21  A   A "C3'" 
450 O "O3'" . A   A 21 ? 0.9962 0.8164 1.3719 0.0286  0.1856 -0.2989 21  A   A "O3'" 
451 C "C2'" . A   A 21 ? 1.0579 0.8900 1.3939 0.0111  0.2084 -0.2958 21  A   A "C2'" 
452 O "O2'" . A   A 21 ? 0.8667 0.6723 1.1649 0.0188  0.2042 -0.2718 21  A   A "O2'" 
453 C "C1'" . A   A 21 ? 0.9688 0.8213 1.3228 0.0013  0.2170 -0.3097 21  A   A "C1'" 
454 N N9    . A   A 21 ? 0.8961 0.7576 1.2271 -0.0117 0.2321 -0.3074 21  A   A N9    
455 C C8    . A   A 21 ? 0.8581 0.7041 1.1476 -0.0125 0.2368 -0.2882 21  A   A C8    
456 N N7    . A   A 21 ? 0.6358 0.4922 0.9098 -0.0254 0.2502 -0.2880 21  A   A N7    
457 C C5    . A   A 21 ? 0.8685 0.7489 1.1757 -0.0336 0.2543 -0.3089 21  A   A C5    
458 C C6    . A   A 21 ? 1.0130 0.9128 1.3217 -0.0487 0.2669 -0.3180 21  A   A C6    
459 N N6    . A   A 21 ? 1.2566 1.1522 1.5312 -0.0575 0.2766 -0.3057 21  A   A N6    
460 N N1    . A   A 21 ? 0.8255 0.7484 1.1717 -0.0546 0.2682 -0.3393 21  A   A N1    
461 C C2    . A   A 21 ? 0.6851 0.6101 1.0644 -0.0452 0.2573 -0.3498 21  A   A C2    
462 N N3    . A   A 21 ? 0.6967 0.6036 1.0780 -0.0306 0.2446 -0.3421 21  A   A N3    
463 C C4    . A   A 21 ? 0.9022 0.7865 1.2453 -0.0253 0.2437 -0.3212 21  A   A C4    
464 P P     . G   A 22 ? 1.2440 1.0348 1.6050 0.0438  0.1694 -0.2797 22  G   A P     
465 O OP1   . G   A 22 ? 0.9447 0.7382 1.3397 0.0496  0.1588 -0.2882 22  G   A OP1   
466 O OP2   . G   A 22 ? 1.3602 1.1418 1.7058 0.0470  0.1670 -0.2724 22  G   A OP2   
467 O "O5'" . G   A 22 ? 1.3796 1.1498 1.6988 0.0464  0.1709 -0.2576 22  G   A "O5'" 
468 C "C5'" . G   A 22 ? 1.1075 0.8505 1.4028 0.0580  0.1586 -0.2364 22  G   A "C5'" 
469 C "C4'" . G   A 22 ? 0.9931 0.7239 1.2557 0.0577  0.1618 -0.2196 22  G   A "C4'" 
470 O "O4'" . G   A 22 ? 1.0230 0.7609 1.3021 0.0559  0.1629 -0.2268 22  G   A "O4'" 
471 C "C3'" . G   A 22 ? 0.7698 0.5088 1.0085 0.0470  0.1773 -0.2171 22  G   A "C3'" 
472 O "O3'" . G   A 22 ? 1.0175 0.7455 1.2297 0.0486  0.1769 -0.2039 22  G   A "O3'" 
473 C "C2'" . G   A 22 ? 0.8173 0.5510 1.0391 0.0455  0.1805 -0.2072 22  G   A "C2'" 
474 O "O2'" . G   A 22 ? 0.7819 0.4926 0.9722 0.0531  0.1726 -0.1836 22  G   A "O2'" 
475 C "C1'" . G   A 22 ? 0.8415 0.5788 1.0950 0.0499  0.1727 -0.2182 22  G   A "C1'" 
476 N N9    . G   A 22 ? 0.8213 0.5810 1.0964 0.0400  0.1834 -0.2358 22  G   A N9    
477 C C8    . G   A 22 ? 1.0103 0.7827 1.3240 0.0405  0.1793 -0.2530 22  G   A C8    
478 N N7    . G   A 22 ? 1.1248 0.9166 1.4524 0.0307  0.1895 -0.2663 22  G   A N7    
479 C C5    . G   A 22 ? 0.7755 0.5669 1.0709 0.0231  0.2014 -0.2570 22  G   A C5    
480 C C6    . G   A 22 ? 0.6156 0.4240 0.9083 0.0105  0.2157 -0.2641 22  G   A C6    
481 O O6    . G   A 22 ? 0.6166 0.4442 0.9350 0.0035  0.2207 -0.2806 22  G   A O6    
482 N N1    . G   A 22 ? 0.7848 0.5863 1.0399 0.0053  0.2247 -0.2493 22  G   A N1    
483 C C2    . G   A 22 ? 0.7567 0.5388 0.9822 0.0114  0.2205 -0.2305 22  G   A C2    
484 N N2    . G   A 22 ? 1.1692 0.9490 1.3620 0.0039  0.2311 -0.2180 22  G   A N2    
485 N N3    . G   A 22 ? 0.6290 0.3958 0.8572 0.0234  0.2069 -0.2241 22  G   A N3    
486 C C4    . G   A 22 ? 0.8043 0.5760 1.0673 0.0288  0.1979 -0.2378 22  G   A C4    
487 P P     . G   A 23 ? 1.3161 1.0593 1.5325 0.0402  0.1868 -0.2152 23  G   A P     
488 O OP1   . G   A 23 ? 1.5817 1.3068 1.7695 0.0457  0.1816 -0.1969 23  G   A OP1   
489 O OP2   . G   A 23 ? 1.1779 0.9392 1.4353 0.0386  0.1854 -0.2380 23  G   A OP2   
490 O "O5'" . G   A 23 ? 0.6314 0.3894 0.8331 0.0258  0.2048 -0.2173 23  G   A "O5'" 
491 C "C5'" . G   A 23 ? 0.9892 0.7350 1.1535 0.0239  0.2098 -0.1971 23  G   A "C5'" 
492 C "C4'" . G   A 23 ? 1.3894 1.1493 1.5459 0.0107  0.2252 -0.2005 23  G   A "C4'" 
493 O "O4'" . G   A 23 ? 1.4654 1.2348 1.6460 0.0103  0.2242 -0.2128 23  G   A "O4'" 
494 C "C3'" . G   A 23 ? 1.2015 0.9822 1.3610 -0.0037 0.2395 -0.2135 23  G   A "C3'" 
495 O "O3'" . G   A 23 ? 1.0919 0.8727 1.2214 -0.0146 0.2521 -0.2021 23  G   A "O3'" 
496 C "C2'" . G   A 23 ? 1.0197 0.8225 1.2150 -0.0095 0.2425 -0.2366 23  G   A "C2'" 
497 O "O2'" . G   A 23 ? 0.6639 0.4885 0.8614 -0.0259 0.2570 -0.2481 23  G   A "O2'" 
498 C "C1'" . G   A 23 ? 1.2628 1.0565 1.4561 -0.0040 0.2378 -0.2295 23  G   A "C1'" 
499 N N9    . G   A 23 ? 1.0926 0.9020 1.3220 -0.0052 0.2363 -0.2486 23  G   A N9    
500 C C8    . G   A 23 ? 1.0368 0.8494 1.3005 0.0024  0.2256 -0.2613 23  G   A C8    
501 N N7    . G   A 23 ? 1.0181 0.8488 1.3095 -0.0033 0.2290 -0.2778 23  G   A N7    
502 C C5    . G   A 23 ? 0.8797 0.7193 1.1530 -0.0154 0.2426 -0.2761 23  G   A C5    
503 C C6    . G   A 23 ? 0.7717 0.6310 1.0596 -0.0264 0.2514 -0.2889 23  G   A C6    
504 O O6    . G   A 23 ? 0.9691 0.8434 1.2909 -0.0277 0.2496 -0.3058 23  G   A O6    
505 N N1    . G   A 23 ? 0.6653 0.5264 0.9241 -0.0375 0.2637 -0.2805 23  G   A N1    
506 C C2    . G   A 23 ? 0.9035 0.7497 1.1247 -0.0381 0.2671 -0.2617 23  G   A C2    
507 N N2    . G   A 23 ? 0.9554 0.8061 1.1538 -0.0507 0.2788 -0.2560 23  G   A N2    
508 N N3    . G   A 23 ? 0.8864 0.7150 1.0943 -0.0277 0.2591 -0.2496 23  G   A N3    
509 C C4    . G   A 23 ? 0.9234 0.7499 1.1588 -0.0169 0.2472 -0.2579 23  G   A C4    
510 P P     . A   A 24 ? 1.3996 1.1672 1.4934 -0.0171 0.2563 -0.1830 24  A   A P     
511 O OP1   . A   A 24 ? 1.2539 1.0057 1.3494 -0.0027 0.2424 -0.1759 24  A   A OP1   
512 O OP2   . A   A 24 ? 1.5406 1.3260 1.6334 -0.0331 0.2695 -0.1934 24  A   A OP2   
513 O "O5'" . A   A 24 ? 1.5700 1.3226 1.6308 -0.0189 0.2604 -0.1606 24  A   A "O5'" 
514 C "C5'" . A   A 24 ? 1.5153 1.2657 1.5454 -0.0325 0.2731 -0.1488 24  A   A "C5'" 
515 C "C4'" . A   A 24 ? 1.4796 1.2247 1.4940 -0.0372 0.2779 -0.1385 24  A   A "C4'" 
516 O "O4'" . A   A 24 ? 1.1444 0.8674 1.1371 -0.0271 0.2718 -0.1155 24  A   A "O4'" 
517 C "C3'" . A   A 24 ? 1.5517 1.3120 1.5946 -0.0368 0.2767 -0.1561 24  A   A "C3'" 
518 O "O3'" . A   A 24 ? 1.5093 1.2715 1.5371 -0.0485 0.2859 -0.1517 24  A   A "O3'" 
519 C "C2'" . A   A 24 ? 1.2320 0.9776 1.2794 -0.0207 0.2641 -0.1475 24  A   A "C2'" 
520 O "O2'" . A   A 24 ? 1.2033 0.9539 1.2648 -0.0194 0.2625 -0.1540 24  A   A "O2'" 
521 C "C1'" . A   A 24 ? 1.1804 0.9041 1.1884 -0.0197 0.2657 -0.1193 24  A   A "C1'" 
522 N N9    . A   A 24 ? 1.7374 1.4455 1.7433 -0.0045 0.2525 -0.1069 24  A   A N9    
523 C C8    . A   A 24 ? 1.8351 1.5429 1.8686 0.0081  0.2375 -0.1176 24  A   A C8    
524 N N7    . A   A 24 ? 1.8332 1.5244 1.8561 0.0188  0.2263 -0.1011 24  A   A N7    
525 C C5    . A   A 24 ? 1.8716 1.5534 1.8567 0.0133  0.2364 -0.0781 24  A   A C5    
526 C C6    . A   A 24 ? 1.8702 1.5370 1.8262 0.0190  0.2335 -0.0531 24  A   A C6    
527 N N6    . A   A 24 ? 1.6628 1.3214 1.6262 0.0314  0.2174 -0.0479 24  A   A N6    
528 N N1    . A   A 24 ? 1.9572 1.6182 1.8741 0.0108  0.2479 -0.0333 24  A   A N1    
529 C C2    . A   A 24 ? 1.8879 1.5531 1.7978 -0.0034 0.2615 -0.0372 24  A   A C2    
530 N N3    . A   A 24 ? 1.9078 1.5879 1.8448 -0.0107 0.2642 -0.0608 24  A   A N3    
531 C C4    . A   A 24 ? 1.9138 1.6036 1.8871 -0.0012 0.2523 -0.0807 24  A   A C4    
532 P P     . G   A 25 ? 1.5748 1.3620 1.6272 -0.0603 0.2927 -0.1749 25  G   A P     
533 O OP1   . G   A 25 ? 1.3633 1.1649 1.4168 -0.0744 0.3006 -0.1857 25  G   A OP1   
534 O OP2   . G   A 25 ? 1.3926 1.1892 1.4801 -0.0504 0.2850 -0.1905 25  G   A OP2   
535 O "O5'" . G   A 25 ? 1.3293 1.1080 1.3584 -0.0673 0.2977 -0.1621 25  G   A "O5'" 
536 C "C5'" . G   A 25 ? 1.2250 0.9928 1.2527 -0.0571 0.2922 -0.1528 25  G   A "C5'" 
537 C "C4'" . G   A 25 ? 0.8822 0.6668 0.9341 -0.0605 0.2940 -0.1695 25  G   A "C4'" 
538 O "O4'" . G   A 25 ? 1.0030 0.7864 1.0788 -0.0461 0.2839 -0.1752 25  G   A "O4'" 
539 C "C3'" . G   A 25 ? 0.7587 0.5698 0.8377 -0.0720 0.2999 -0.1945 25  G   A "C3'" 
540 O "O3'" . G   A 25 ? 1.0383 0.8540 1.0991 -0.0886 0.3091 -0.1936 25  G   A "O3'" 
541 C "C2'" . G   A 25 ? 0.9330 0.7554 1.0400 -0.0687 0.2974 -0.2082 25  G   A "C2'" 
542 O "O2'" . G   A 25 ? 0.9754 0.7974 1.0674 -0.0778 0.3037 -0.2029 25  G   A "O2'" 
543 C "C1'" . G   A 25 ? 1.0448 0.8483 1.1513 -0.0504 0.2856 -0.1964 25  G   A "C1'" 
544 N N9    . G   A 25 ? 0.9911 0.8001 1.1320 -0.0398 0.2756 -0.2114 25  G   A N9    
545 C C8    . G   A 25 ? 0.9717 0.7700 1.1165 -0.0282 0.2656 -0.2081 25  G   A C8    
546 N N7    . G   A 25 ? 0.5860 0.3905 0.7646 -0.0211 0.2569 -0.2233 25  G   A N7    
547 C C5    . G   A 25 ? 0.7845 0.6055 0.9824 -0.0283 0.2621 -0.2375 25  G   A C5    
548 C C6    . G   A 25 ? 0.8078 0.6420 1.0447 -0.0262 0.2572 -0.2568 25  G   A C6    
549 O O6    . G   A 25 ? 0.6002 0.4334 0.8626 -0.0172 0.2466 -0.2650 25  G   A O6    
550 N N1    . G   A 25 ? 0.9478 0.7975 1.1924 -0.0366 0.2658 -0.2657 25  G   A N1    
551 C C2    . G   A 25 ? 0.8104 0.6611 1.0284 -0.0474 0.2768 -0.2571 25  G   A C2    
552 N N2    . G   A 25 ? 0.6473 0.5136 0.8780 -0.0566 0.2832 -0.2682 25  G   A N2    
553 N N3    . G   A 25 ? 0.9417 0.7795 1.1234 -0.0498 0.2810 -0.2389 25  G   A N3    
554 C C4    . G   A 25 ? 0.8404 0.6644 1.0152 -0.0397 0.2735 -0.2304 25  G   A C4    
555 P P     . G   A 26 ? 1.1551 0.9942 1.2329 -0.1027 0.3155 -0.2142 26  G   A P     
556 O OP1   . G   A 26 ? 1.5824 1.4158 1.6311 -0.1170 0.3213 -0.2062 26  G   A OP1   
557 O OP2   . G   A 26 ? 0.6422 0.4846 0.7349 -0.0956 0.3117 -0.2205 26  G   A OP2   
558 O "O5'" . G   A 26 ? 0.6644 0.5263 0.7739 -0.1087 0.3184 -0.2353 26  G   A "O5'" 
559 C "C5'" . G   A 26 ? 0.6859 0.5448 0.7847 -0.1133 0.3208 -0.2303 26  G   A "C5'" 
560 C "C4'" . G   A 26 ? 0.9686 0.8491 1.1019 -0.1166 0.3222 -0.2512 26  G   A "C4'" 
561 O "O4'" . G   A 26 ? 1.0866 0.9639 1.2416 -0.1007 0.3142 -0.2535 26  G   A "O4'" 
562 C "C3'" . G   A 26 ? 1.0154 0.9221 1.1779 -0.1277 0.3266 -0.2751 26  G   A "C3'" 
563 O "O3'" . G   A 26 ? 1.1107 1.0277 1.2640 -0.1453 0.3340 -0.2808 26  G   A "O3'" 
564 C "C2'" . G   A 26 ? 0.8724 0.7944 1.0754 -0.1217 0.3229 -0.2929 26  G   A "C2'" 
565 O "O2'" . G   A 26 ? 0.6823 0.6184 0.8958 -0.1321 0.3278 -0.3035 26  G   A "O2'" 
566 C "C1'" . G   A 26 ? 1.1470 1.0471 1.3428 -0.1029 0.3139 -0.2775 26  G   A "C1'" 
567 N N9    . G   A 26 ? 1.0798 0.9768 1.2954 -0.0893 0.3049 -0.2817 26  G   A N9    
568 C C8    . G   A 26 ? 0.7602 0.6423 0.9614 -0.0806 0.3001 -0.2703 26  G   A C8    
569 N N7    . G   A 26 ? 0.7745 0.6570 1.0018 -0.0693 0.2909 -0.2788 26  G   A N7    
570 C C5    . G   A 26 ? 0.7285 0.6266 0.9889 -0.0706 0.2897 -0.2960 26  G   A C5    
571 C C6    . G   A 26 ? 0.9456 0.8504 1.2437 -0.0622 0.2808 -0.3107 26  G   A C6    
572 O O6    . G   A 26 ? 1.4205 1.3184 1.7320 -0.0512 0.2710 -0.3119 26  G   A O6    
573 N N1    . G   A 26 ? 0.8214 0.7429 1.1438 -0.0683 0.2836 -0.3251 26  G   A N1    
574 C C2    . G   A 26 ? 0.8888 0.8190 1.2003 -0.0806 0.2933 -0.3256 26  G   A C2    
575 N N2    . G   A 26 ? 1.1384 1.0846 1.4779 -0.0847 0.2942 -0.3409 26  G   A N2    
576 N N3    . G   A 26 ? 0.8679 0.7916 1.1444 -0.0886 0.3012 -0.3122 26  G   A N3    
577 C C4    . G   A 26 ? 0.8959 0.8036 1.1492 -0.0829 0.2987 -0.2981 26  G   A C4    
578 P P     . U   A 27 ? 1.3366 1.2632 1.4855 -0.1586 0.3387 -0.2881 27  U   A P     
579 O OP1   . U   A 27 ? 1.5994 1.5269 1.7275 -0.1739 0.3437 -0.2870 27  U   A OP1   
580 O OP2   . U   A 27 ? 0.8563 0.7648 0.9862 -0.1488 0.3348 -0.2728 27  U   A OP2   
581 O "O5'" . U   A 27 ? 1.1285 1.0847 1.3233 -0.1634 0.3403 -0.3159 27  U   A "O5'" 
582 C "C5'" . U   A 27 ? 0.9009 0.8740 1.1239 -0.1665 0.3413 -0.3314 27  U   A "C5'" 
583 C "C4'" . U   A 27 ? 1.3352 1.3269 1.6022 -0.1610 0.3380 -0.3513 27  U   A "C4'" 
584 O "O4'" . U   A 27 ? 1.3517 1.3269 1.6212 -0.1415 0.3293 -0.3413 27  U   A "O4'" 
585 C "C3'" . U   A 27 ? 1.4842 1.4923 1.7682 -0.1683 0.3401 -0.3657 27  U   A "C3'" 
586 O "O3'" . U   A 27 ? 1.5453 1.5779 1.8468 -0.1861 0.3466 -0.3853 27  U   A "O3'" 
587 C "C2'" . U   A 27 ? 1.2286 1.2411 1.5459 -0.1540 0.3324 -0.3748 27  U   A "C2'" 
588 O "O2'" . U   A 27 ? 1.1211 1.1573 1.4794 -0.1583 0.3325 -0.3974 27  U   A "O2'" 
589 C "C1'" . U   A 27 ? 1.0806 1.0674 1.3811 -0.1365 0.3251 -0.3555 27  U   A "C1'" 
590 N N1    . U   A 27 ? 0.9111 0.8774 1.1942 -0.1234 0.3192 -0.3402 27  U   A N1    
591 C C2    . U   A 27 ? 0.6140 0.5844 0.9265 -0.1128 0.3115 -0.3503 27  U   A C2    
592 O O2    . U   A 27 ? 0.6373 0.6271 0.9871 -0.1149 0.3102 -0.3699 27  U   A O2    
593 N N3    . U   A 27 ? 0.6691 0.6199 0.9661 -0.1004 0.3049 -0.3366 27  U   A N3    
594 C C4    . U   A 27 ? 0.9973 0.9262 1.2530 -0.0978 0.3060 -0.3141 27  U   A C4    
595 O O4    . U   A 27 ? 1.0417 0.9550 1.2879 -0.0864 0.2994 -0.3038 27  U   A O4    
596 C C5    . U   A 27 ? 1.0644 0.9908 1.2918 -0.1095 0.3144 -0.3046 27  U   A C5    
597 C C6    . U   A 27 ? 1.0732 1.0175 1.3146 -0.1215 0.3202 -0.3177 27  U   A C6    
598 P P     . C   A 28 ? 1.2229 1.2649 1.5148 -0.2017 0.3522 -0.3911 28  C   A P     
599 O OP1   . C   A 28 ? 1.4591 1.5144 1.7494 -0.2193 0.3583 -0.4009 28  C   A OP1   
600 O OP2   . C   A 28 ? 0.6276 0.6443 0.8816 -0.1949 0.3504 -0.3685 28  C   A OP2   
601 O "O5'" . C   A 28 ? 0.9903 1.0558 1.3243 -0.2021 0.3512 -0.4132 28  C   A "O5'" 
602 C "C5'" . C   A 28 ? 1.0354 1.1178 1.4109 -0.1973 0.3479 -0.4303 28  C   A "C5'" 
603 C "C4'" . C   A 28 ? 1.2625 1.3522 1.6663 -0.1880 0.3426 -0.4399 28  C   A "C4'" 
604 O "O4'" . C   A 28 ? 1.1080 1.1715 1.4938 -0.1692 0.3352 -0.4205 28  C   A "O4'" 
605 C "C3'" . C   A 28 ? 1.2518 1.3543 1.6588 -0.1985 0.3465 -0.4491 28  C   A "C3'" 
606 O "O3'" . C   A 28 ? 1.4831 1.6079 1.9342 -0.1975 0.3436 -0.4707 28  C   A "O3'" 
607 C "C2'" . C   A 28 ? 1.0039 1.0807 1.3789 -0.1874 0.3432 -0.4277 28  C   A "C2'" 
608 O "O2'" . C   A 28 ? 1.2192 1.3033 1.6045 -0.1881 0.3425 -0.4349 28  C   A "O2'" 
609 C "C1'" . C   A 28 ? 0.7158 0.7746 1.0932 -0.1673 0.3343 -0.4168 28  C   A "C1'" 
610 N N1    . C   A 28 ? 0.7124 0.7406 1.0489 -0.1566 0.3316 -0.3904 28  C   A N1    
611 C C2    . C   A 28 ? 0.6739 0.6846 1.0095 -0.1384 0.3225 -0.3804 28  C   A C2    
612 O O2    . C   A 28 ? 0.7692 0.7900 1.1396 -0.1314 0.3165 -0.3944 28  C   A O2    
613 N N3    . C   A 28 ? 0.6111 0.5943 0.9093 -0.1290 0.3199 -0.3563 28  C   A N3    
614 C C4    . C   A 28 ? 0.8033 0.7758 1.0654 -0.1372 0.3260 -0.3417 28  C   A C4    
615 N N4    . C   A 28 ? 0.6226 0.5684 0.8484 -0.1284 0.3231 -0.3177 28  C   A N4    
616 C C5    . C   A 28 ? 0.8856 0.8746 1.1475 -0.1557 0.3345 -0.3515 28  C   A C5    
617 C C6    . C   A 28 ? 0.8039 0.8200 1.1026 -0.1648 0.3371 -0.3755 28  C   A C6    
618 P P     . A   A 29 ? 1.3054 1.4626 1.7838 -0.2168 0.3501 -0.4957 29  A   A P     
619 O OP1   . A   A 29 ? 1.2577 1.4104 1.7016 -0.2318 0.3573 -0.4884 29  A   A OP1   
620 O OP2   . A   A 29 ? 0.7118 0.8834 1.2262 -0.2108 0.3454 -0.5106 29  A   A OP2   
621 O "O5'" . A   A 29 ? 1.0713 1.2475 1.5773 -0.2236 0.3517 -0.5118 29  A   A "O5'" 
622 C "C5'" . A   A 29 ? 1.2106 1.3789 1.6939 -0.2295 0.3554 -0.5033 29  A   A "C5'" 
623 C "C4'" . A   A 29 ? 1.2527 1.4240 1.7587 -0.2215 0.3515 -0.5080 29  A   A "C4'" 
624 O "O4'" . A   A 29 ? 1.1365 1.2828 1.6311 -0.2012 0.3438 -0.4902 29  A   A "O4'" 
625 C "C3'" . A   A 29 ? 1.3838 1.5820 1.9414 -0.2220 0.3489 -0.5329 29  A   A "C3'" 
626 O "O3'" . A   A 29 ? 1.5754 1.7998 2.1513 -0.2405 0.3553 -0.5527 29  A   A "O3'" 
627 C "C2'" . A   A 29 ? 1.1383 1.3264 1.7078 -0.2064 0.3417 -0.5283 29  A   A "C2'" 
628 O "O2'" . A   A 29 ? 1.1658 1.3568 1.7299 -0.2141 0.3458 -0.5289 29  A   A "O2'" 
629 C "C1'" . A   A 29 ? 1.2343 1.3892 1.7660 -0.1915 0.3373 -0.5016 29  A   A "C1'" 
630 N N9    . A   A 29 ? 1.1183 1.2663 1.6639 -0.1764 0.3288 -0.5004 29  A   A N9    
631 C C8    . A   A 29 ? 0.9001 1.0374 1.4273 -0.1733 0.3281 -0.4912 29  A   A C8    
632 N N7    . A   A 29 ? 0.9212 1.0532 1.4662 -0.1591 0.3191 -0.4924 29  A   A N7    
633 C C5    . A   A 29 ? 0.9095 1.0487 1.4863 -0.1527 0.3133 -0.5027 29  A   A C5    
634 C C6    . A   A 29 ? 0.7313 0.8683 1.3374 -0.1381 0.3020 -0.5080 29  A   A C6    
635 N N6    . A   A 29 ? 0.6757 0.8027 1.2828 -0.1277 0.2950 -0.5037 29  A   A N6    
636 N N1    . A   A 29 ? 0.8469 0.9919 1.4811 -0.1348 0.2978 -0.5180 29  A   A N1    
637 C C2    . A   A 29 ? 0.9386 1.0939 1.5709 -0.1458 0.3051 -0.5223 29  A   A C2    
638 N N3    . A   A 29 ? 1.0414 1.1995 1.6468 -0.1602 0.3159 -0.5179 29  A   A N3    
639 C C4    . A   A 29 ? 1.1190 1.2684 1.6970 -0.1629 0.3193 -0.5078 29  A   A C4    
640 P P     . C   A 30 ? 1.5853 1.8411 2.2056 -0.2482 0.3556 -0.5792 30  C   A P     
641 O OP1   . C   A 30 ? 1.5779 1.8569 2.2098 -0.2681 0.3628 -0.5965 30  C   A OP1   
642 O OP2   . C   A 30 ? 1.7117 1.9610 2.3200 -0.2458 0.3551 -0.5735 30  C   A OP2   
643 O "O5'" . C   A 30 ? 1.2669 1.5277 1.9268 -0.2323 0.3468 -0.5878 30  C   A "O5'" 
644 C "C5'" . C   A 30 ? 0.9198 1.1949 1.6065 -0.2346 0.3463 -0.6005 30  C   A "C5'" 
645 C "C4'" . C   A 30 ? 0.9056 1.1816 1.6268 -0.2181 0.3364 -0.6065 30  C   A "C4'" 
646 O "O4'" . C   A 30 ? 0.9509 1.1987 1.6533 -0.1993 0.3286 -0.5868 30  C   A "O4'" 
647 C "C3'" . C   A 30 ? 1.1906 1.4924 1.9582 -0.2191 0.3331 -0.6294 30  C   A "C3'" 
648 O "O3'" . C   A 30 ? 1.5463 1.8777 2.3449 -0.2335 0.3378 -0.6521 30  C   A "O3'" 
649 C "C2'" . C   A 30 ? 1.0878 1.3762 1.8733 -0.1982 0.3209 -0.6250 30  C   A "C2'" 
650 O "O2'" . C   A 30 ? 1.3996 1.6947 2.2082 -0.1957 0.3181 -0.6328 30  C   A "O2'" 
651 C "C1'" . C   A 30 ? 0.9109 1.1637 1.6504 -0.1864 0.3186 -0.5965 30  C   A "C1'" 
652 N N1    . C   A 30 ? 0.9133 1.1520 1.6452 -0.1753 0.3126 -0.5879 30  C   A N1    
653 C C2    . C   A 30 ? 1.1184 1.3561 1.8812 -0.1607 0.3010 -0.5937 30  C   A C2    
654 O O2    . C   A 30 ? 1.1537 1.4023 1.9502 -0.1573 0.2959 -0.6062 30  C   A O2    
655 N N3    . C   A 30 ? 1.1750 1.3993 1.9306 -0.1507 0.2951 -0.5857 30  C   A N3    
656 C C4    . C   A 30 ? 1.4538 1.6664 2.1734 -0.1546 0.3007 -0.5725 30  C   A C4    
657 N N4    . C   A 30 ? 1.4434 1.6429 2.1571 -0.1444 0.2944 -0.5650 30  C   A N4    
658 C C5    . C   A 30 ? 1.4463 1.6597 2.1343 -0.1692 0.3124 -0.5661 30  C   A C5    
659 C C6    . C   A 30 ? 1.0206 1.2466 1.7155 -0.1793 0.3178 -0.5740 30  C   A C6    
660 P P     . U   A 31 ? 1.7069 2.0678 2.5492 -0.2375 0.3359 -0.6774 31  U   A P     
661 O OP1   . U   A 31 ? 1.6813 2.0567 2.5523 -0.2358 0.3332 -0.6918 31  U   A OP1   
662 O OP2   . U   A 31 ? 1.7756 2.1411 2.5927 -0.2486 0.3426 -0.6780 31  U   A OP2   
663 O "O5'" . U   A 31 ? 1.6951 2.0460 2.5540 -0.2200 0.3256 -0.6738 31  U   A "O5'" 
664 C "C5'" . U   A 31 ? 1.6316 2.0027 2.5273 -0.2195 0.3218 -0.6917 31  U   A "C5'" 
665 C "C4'" . U   A 31 ? 1.4326 1.7842 2.3329 -0.1991 0.3098 -0.6820 31  U   A "C4'" 
666 O "O4'" . U   A 31 ? 1.1631 1.4808 2.0159 -0.1901 0.3092 -0.6546 31  U   A "O4'" 
667 C "C3'" . U   A 31 ? 1.6750 2.0356 2.5930 -0.1970 0.3063 -0.6906 31  U   A "C3'" 
668 O "O3'" . U   A 31 ? 1.9410 2.3289 2.9100 -0.1980 0.3019 -0.7149 31  U   A "O3'" 
669 C "C2'" . U   A 31 ? 1.4579 1.7858 2.3535 -0.1778 0.2969 -0.6690 31  U   A "C2'" 
670 O "O2'" . U   A 31 ? 1.3649 1.6859 2.2848 -0.1629 0.2853 -0.6702 31  U   A "O2'" 
671 C "C1'" . U   A 31 ? 1.1227 1.4264 1.9695 -0.1787 0.3026 -0.6463 31  U   A "C1'" 
672 N N1    . U   A 31 ? 0.9991 1.2962 1.8092 -0.1877 0.3110 -0.6358 31  U   A N1    
673 C C2    . U   A 31 ? 1.3103 1.5862 2.0977 -0.1775 0.3069 -0.6205 31  U   A C2    
674 O O2    . U   A 31 ? 1.3753 1.6372 2.1716 -0.1613 0.2962 -0.6153 31  U   A O2    
675 N N3    . U   A 31 ? 1.3118 1.5830 2.0654 -0.1875 0.3155 -0.6116 31  U   A N3    
676 C C4    . U   A 31 ? 1.1108 1.3951 1.8506 -0.2066 0.3269 -0.6161 31  U   A C4    
677 O O4    . U   A 31 ? 0.9083 1.1853 1.6166 -0.2141 0.3329 -0.6065 31  U   A O4    
678 C C5    . U   A 31 ? 0.9449 1.2502 1.7095 -0.2161 0.3300 -0.6321 31  U   A C5    
679 C C6    . U   A 31 ? 0.7557 1.0664 1.5531 -0.2064 0.3225 -0.6409 31  U   A C6    
680 P P     . G   A 32 ? 1.8835 2.3010 2.8668 -0.2139 0.3098 -0.7361 32  G   A P     
681 O OP1   . G   A 32 ? 1.5827 1.9954 2.5236 -0.2261 0.3203 -0.7269 32  G   A OP1   
682 O OP2   . G   A 32 ? 1.9427 2.3772 2.9648 -0.2086 0.3028 -0.7540 32  G   A OP2   
683 O "O5'" . G   A 32 ? 2.0560 2.4787 3.0459 -0.2158 0.3111 -0.7414 32  G   A "O5'" 
684 C "C5'" . G   A 32 ? 2.2151 2.6519 3.2461 -0.2094 0.3038 -0.7579 32  G   A "C5'" 
685 C "C4'" . G   A 32 ? 2.4843 2.9178 3.5170 -0.2085 0.3039 -0.7560 32  G   A "C4'" 
686 O "O4'" . G   A 32 ? 2.4322 2.8438 3.4505 -0.2023 0.3014 -0.7370 32  G   A "O4'" 
687 C "C3'" . G   A 32 ? 2.8155 3.2618 3.8922 -0.2007 0.2953 -0.7721 32  G   A "C3'" 
688 O "O3'" . G   A 32 ? 3.4051 3.8570 4.4797 -0.2057 0.2994 -0.7765 32  G   A "O3'" 
689 C "C2'" . G   A 32 ? 2.5673 2.9983 3.6591 -0.1877 0.2852 -0.7622 32  G   A "C2'" 
690 O "O2'" . G   A 32 ? 2.5768 3.0113 3.6987 -0.1806 0.2779 -0.7695 32  G   A "O2'" 
691 C "C1'" . G   A 32 ? 2.3405 2.7470 3.3854 -0.1890 0.2909 -0.7385 32  G   A "C1'" 
692 N N9    . G   A 32 ? 2.1466 2.5206 3.1684 -0.1711 0.2817 -0.7172 32  G   A N9    
693 C C8    . G   A 32 ? 2.1905 2.5464 3.1804 -0.1675 0.2822 -0.7016 32  G   A C8    
694 N N7    . G   A 32 ? 2.1925 2.5203 3.1690 -0.1502 0.2719 -0.6845 32  G   A N7    
695 C C5    . G   A 32 ? 2.1583 2.4858 3.1596 -0.1422 0.2640 -0.6892 32  G   A C5    
696 C C6    . G   A 32 ? 2.2043 2.5072 3.2052 -0.1243 0.2510 -0.6767 32  G   A C6    
697 O O6    . G   A 32 ? 2.2045 2.4803 3.1824 -0.1118 0.2439 -0.6585 32  G   A O6    
698 N N1    . G   A 32 ? 2.3031 2.6152 3.3341 -0.1222 0.2464 -0.6874 32  G   A N1    
699 C C2    . G   A 32 ? 2.3573 2.6989 3.4153 -0.1354 0.2536 -0.7077 32  G   A C2    
700 N N2    . G   A 32 ? 2.3708 2.7166 3.4556 -0.1307 0.2474 -0.7153 32  G   A N2    
701 N N3    . G   A 32 ? 2.2464 2.6114 3.3053 -0.1523 0.2656 -0.7198 32  G   A N3    
702 C C4    . G   A 32 ? 2.1060 2.4620 3.1356 -0.1547 0.2701 -0.7093 32  G   A C4    
703 P P     . C   A 33 ? 3.9531 4.4264 5.0655 -0.2048 0.2959 -0.7988 33  C   A P     
704 O OP1   . C   A 33 ? 4.0774 4.5527 5.1794 -0.2109 0.3015 -0.7994 33  C   A OP1   
705 O OP2   . C   A 33 ? 4.0872 4.5770 5.2091 -0.2092 0.2975 -0.8127 33  C   A OP2   
706 O "O5'" . C   A 33 ? 4.1225 4.5923 5.2740 -0.1899 0.2823 -0.8018 33  C   A "O5'" 
707 C "C5'" . C   A 33 ? 4.1919 4.6782 5.3847 -0.1848 0.2748 -0.8211 33  C   A "C5'" 
708 C "C4'" . C   A 33 ? 4.1844 4.6676 5.4056 -0.1750 0.2656 -0.8234 33  C   A "C4'" 
709 O "O4'" . C   A 33 ? 4.1606 4.6226 5.3623 -0.1711 0.2645 -0.8038 33  C   A "O4'" 
710 C "C3'" . C   A 33 ? 4.1376 4.6241 5.4002 -0.1629 0.2516 -0.8324 33  C   A "C3'" 
711 O "O3'" . C   A 33 ? 4.0235 4.5303 5.3161 -0.1636 0.2494 -0.8533 33  C   A "O3'" 
712 C "C2'" . C   A 33 ? 4.1780 4.6510 5.4520 -0.1537 0.2435 -0.8238 33  C   A "C2'" 
713 O "O2'" . C   A 33 ? 4.2492 4.7314 5.5365 -0.1556 0.2446 -0.8339 33  C   A "O2'" 
714 C "C1'" . C   A 33 ? 4.1124 4.5674 5.3445 -0.1581 0.2513 -0.8029 33  C   A "C1'" 
715 N N1    . C   A 33 ? 3.9817 4.4139 5.1934 -0.1485 0.2457 -0.7854 33  C   A N1    
716 C C2    . C   A 33 ? 3.9688 4.3718 5.1716 -0.1307 0.2332 -0.7689 33  C   A C2    
717 O O2    . C   A 33 ? 4.0253 4.4256 5.2443 -0.1249 0.2271 -0.7709 33  C   A O2    
718 N N3    . C   A 33 ? 3.8708 4.2490 5.0471 -0.1208 0.2279 -0.7512 33  C   A N3    
719 C C4    . C   A 33 ? 3.7541 4.1356 4.9132 -0.1275 0.2346 -0.7495 33  C   A C4    
720 N N4    . C   A 33 ? 3.6708 4.0277 4.8043 -0.1173 0.2291 -0.7319 33  C   A N4    
721 C C5    . C   A 33 ? 3.7728 4.1836 4.9402 -0.1453 0.2472 -0.7659 33  C   A C5    
722 C C6    . C   A 33 ? 3.8619 4.2969 5.0556 -0.1551 0.2520 -0.7832 33  C   A C6    
723 P P     . G   A 34 ? 2.6854 3.2008 4.0026 -0.1585 0.2421 -0.8639 34  G   A P     
724 O OP1   . G   A 34 ? 2.2584 2.7923 3.5712 -0.1687 0.2509 -0.8775 34  G   A OP1   
725 O OP2   . G   A 34 ? 2.4073 2.9056 3.7124 -0.1526 0.2375 -0.8480 34  G   A OP2   
726 O "O5'" . G   A 34 ? 2.2918 2.8132 3.6553 -0.1475 0.2285 -0.8766 34  G   A "O5'" 
727 C "C5'" . G   A 34 ? 1.9521 2.4631 3.3372 -0.1351 0.2146 -0.8722 34  G   A "C5'" 
728 C "C4'" . G   A 34 ? 1.7941 2.2908 3.1864 -0.1272 0.2069 -0.8624 34  G   A "C4'" 
729 O "O4'" . G   A 34 ? 1.6671 2.1482 3.0214 -0.1315 0.2150 -0.8433 34  G   A "O4'" 
730 C "C3'" . G   A 34 ? 1.8551 2.3404 3.2719 -0.1137 0.1907 -0.8573 34  G   A "C3'" 
731 O "O3'" . G   A 34 ? 2.0964 2.5925 3.5542 -0.1070 0.1797 -0.8736 34  G   A "O3'" 
732 C "C2'" . G   A 34 ? 1.7624 2.2189 3.1493 -0.1062 0.1884 -0.8351 34  G   A "C2'" 
733 O "O2'" . G   A 34 ? 1.6208 2.0833 3.0300 -0.1052 0.1854 -0.8429 34  G   A "O2'" 
734 C "C1'" . G   A 34 ? 1.7515 2.2061 3.0972 -0.1183 0.2045 -0.8252 34  G   A "C1'" 
735 N N9    . G   A 34 ? 1.7401 2.1723 3.0462 -0.1146 0.2057 -0.8059 34  G   A N9    
736 C C8    . G   A 34 ? 1.6383 2.0809 2.9277 -0.1259 0.2169 -0.8076 34  G   A C8    
737 N N7    . G   A 34 ? 1.6709 2.0892 2.9253 -0.1195 0.2155 -0.7882 34  G   A N7    
738 C C5    . G   A 34 ? 1.5843 1.9740 2.8311 -0.1030 0.2027 -0.7724 34  G   A C5    
739 C C6    . G   A 34 ? 1.5879 1.9439 2.8011 -0.0903 0.1956 -0.7484 34  G   A C6    
740 O O6    . G   A 34 ? 1.3732 1.7166 2.5551 -0.0905 0.1994 -0.7358 34  G   A O6    
741 N N1    . G   A 34 ? 1.7080 2.0436 2.9261 -0.0764 0.1825 -0.7392 34  G   A N1    
742 C C2    . G   A 34 ? 1.6905 2.0361 2.9411 -0.0746 0.1769 -0.7510 34  G   A C2    
743 N N2    . G   A 34 ? 1.6741 1.9957 2.9232 -0.0606 0.1638 -0.7385 34  G   A N2    
744 N N3    . G   A 34 ? 1.7121 2.0890 2.9942 -0.0859 0.1836 -0.7733 34  G   A N3    
745 C C4    . G   A 34 ? 1.6388 2.0366 2.9173 -0.0999 0.1964 -0.7829 34  G   A C4    
746 P P     . C   A 35 ? 2.2644 2.7661 3.7476 -0.1004 0.1693 -0.8825 35  C   A P     
747 O OP1   . C   A 35 ? 2.4732 2.9923 3.9925 -0.0986 0.1641 -0.9035 35  C   A OP1   
748 O OP2   . C   A 35 ? 2.3934 2.8960 3.8494 -0.1073 0.1787 -0.8779 35  C   A OP2   
749 O "O5'" . C   A 35 ? 2.1502 2.6256 3.6342 -0.0851 0.1535 -0.8660 35  C   A "O5'" 
750 C "C5'" . C   A 35 ? 2.1152 2.5797 3.6138 -0.0756 0.1428 -0.8637 35  C   A "C5'" 
751 C "C4'" . C   A 35 ? 2.0372 2.4648 3.5117 -0.0597 0.1299 -0.8402 35  C   A "C4'" 
752 O "O4'" . C   A 35 ? 1.9297 2.3325 3.3515 -0.0601 0.1382 -0.8163 35  C   A "O4'" 
753 C "C3'" . C   A 35 ? 2.1932 2.6141 3.6709 -0.0528 0.1211 -0.8376 35  C   A "C3'" 
754 O "O3'" . C   A 35 ? 2.3791 2.8119 3.9028 -0.0466 0.1074 -0.8537 35  C   A "O3'" 
755 C "C2'" . C   A 35 ? 2.0239 2.4052 3.4569 -0.0416 0.1157 -0.8081 35  C   A "C2'" 
756 O "O2'" . C   A 35 ? 1.8561 2.2190 3.2986 -0.0294 0.1011 -0.8007 35  C   A "O2'" 
757 C "C1'" . C   A 35 ? 1.9558 2.3317 3.3511 -0.0500 0.1309 -0.7972 35  C   A "C1'" 
758 N N1    . C   A 35 ? 1.8416 2.2202 3.2071 -0.0586 0.1436 -0.7922 35  C   A N1    
759 C C2    . C   A 35 ? 1.6849 2.0345 3.0105 -0.0513 0.1414 -0.7692 35  C   A C2    
760 O O2    . C   A 35 ? 1.5107 1.8336 2.8271 -0.0380 0.1288 -0.7537 35  C   A O2    
761 N N3    . C   A 35 ? 1.8289 2.1802 3.1273 -0.0591 0.1528 -0.7645 35  C   A N3    
762 C C4    . C   A 35 ? 1.8392 2.2199 3.1486 -0.0741 0.1659 -0.7816 35  C   A C4    
763 N N4    . C   A 35 ? 1.7478 2.1289 3.0290 -0.0817 0.1766 -0.7760 35  C   A N4    
764 C C5    . C   A 35 ? 1.8908 2.3017 3.2405 -0.0822 0.1686 -0.8053 35  C   A C5    
765 C C6    . C   A 35 ? 1.9137 2.3223 3.2901 -0.0740 0.1573 -0.8097 35  C   A C6    
766 P P     . C   A 36 ? 2.4471 2.9025 3.9997 -0.0499 0.1055 -0.8714 36  C   A P     
767 O OP1   . C   A 36 ? 2.6448 3.1197 4.2502 -0.0471 0.0946 -0.8929 36  C   A OP1   
768 O OP2   . C   A 36 ? 2.4159 2.8908 3.9554 -0.0644 0.1226 -0.8783 36  C   A OP2   
769 O "O5'" . C   A 36 ? 2.3943 2.8202 3.9240 -0.0374 0.0945 -0.8517 36  C   A "O5'" 
770 C "C5'" . C   A 36 ? 2.3970 2.7962 3.9249 -0.0230 0.0786 -0.8378 36  C   A "C5'" 
771 C "C4'" . C   A 36 ? 2.4040 2.7728 3.8951 -0.0142 0.0734 -0.8143 36  C   A "C4'" 
772 O "O4'" . C   A 36 ? 2.2886 2.6392 3.7299 -0.0174 0.0853 -0.7943 36  C   A "O4'" 
773 C "C3'" . C   A 36 ? 2.4569 2.8348 3.9515 -0.0161 0.0741 -0.8199 36  C   A "C3'" 
774 O "O3'" . C   A 36 ? 2.5411 2.9262 4.0739 -0.0093 0.0594 -0.8317 36  C   A "O3'" 
775 C "C2'" . C   A 36 ? 2.3175 2.6638 3.7604 -0.0111 0.0761 -0.7926 36  C   A "C2'" 
776 O "O2'" . C   A 36 ? 2.2677 2.5861 3.7048 0.0031  0.0598 -0.7769 36  C   A "O2'" 
777 C "C1'" . C   A 36 ? 2.1808 2.5185 3.5923 -0.0161 0.0878 -0.7814 36  C   A "C1'" 
778 N N1    . C   A 36 ? 1.9078 2.2615 3.3010 -0.0299 0.1062 -0.7859 36  C   A N1    
779 C C2    . C   A 36 ? 1.5736 1.9130 2.9283 -0.0307 0.1124 -0.7707 36  C   A C2    
780 O O2    . C   A 36 ? 1.3195 1.6333 2.6561 -0.0197 0.1025 -0.7538 36  C   A O2    
781 N N3    . C   A 36 ? 1.4618 1.8156 2.7995 -0.0438 0.1289 -0.7747 36  C   A N3    
782 C C4    . C   A 36 ? 1.5077 1.8892 2.8652 -0.0560 0.1392 -0.7928 36  C   A C4    
783 N N4    . C   A 36 ? 1.3884 1.7834 2.7279 -0.0693 0.1550 -0.7958 36  C   A N4    
784 C C5    . C   A 36 ? 1.6764 2.0733 3.0731 -0.0555 0.1333 -0.8086 36  C   A C5    
785 C C6    . C   A 36 ? 1.8201 2.2022 3.2332 -0.0422 0.1171 -0.8045 36  C   A C6    
786 K K     . K   B .  ? 0.8144 0.6849 1.1621 -0.0198 0.2408 -0.3089 101 K   A K     
787 C C01   . J0D C .  ? 1.0644 0.8407 1.4032 0.0385  0.1799 -0.2565 102 J0D A C01   
788 C C03   . J0D C .  ? 0.9596 0.7699 1.3494 0.0272  0.1882 -0.2869 102 J0D A C03   
789 C C04   . J0D C .  ? 1.0326 0.8444 1.4547 0.0340  0.1764 -0.2960 102 J0D A C04   
790 C C05   . J0D C .  ? 1.2281 1.0583 1.6909 0.0312  0.1749 -0.3152 102 J0D A C05   
791 C C06   . J0D C .  ? 1.2430 1.0902 1.7141 0.0217  0.1851 -0.3258 102 J0D A C06   
792 C C07   . J0D C .  ? 1.1600 1.0053 1.5976 0.0147  0.1971 -0.3164 102 J0D A C07   
793 C C08   . J0D C .  ? 1.0405 0.8673 1.4376 0.0174  0.1986 -0.2969 102 J0D A C08   
794 C C10   . J0D C .  ? 1.1269 0.9225 1.4498 0.0212  0.2022 -0.2610 102 J0D A C10   
795 C C11   . J0D C .  ? 1.0025 0.7843 1.2867 0.0214  0.2057 -0.2427 102 J0D A C11   
796 C C12   . J0D C .  ? 0.7276 0.5160 0.9835 0.0097  0.2213 -0.2368 102 J0D A C12   
797 C C13   . J0D C .  ? 0.6018 0.4050 0.8631 0.0000  0.2314 -0.2452 102 J0D A C13   
798 C C14   . J0D C .  ? 0.6142 0.4235 0.8504 -0.0116 0.2453 -0.2397 102 J0D A C14   
799 C C16   . J0D C .  ? 0.6817 0.4687 0.8821 -0.0040 0.2403 -0.2176 102 J0D A C16   
800 C C17   . J0D C .  ? 0.6493 0.4289 0.8177 -0.0075 0.2463 -0.2029 102 J0D A C17   
801 C C18   . J0D C .  ? 0.6307 0.3964 0.7911 0.0013  0.2377 -0.1937 102 J0D A C18   
802 C C19   . J0D C .  ? 0.6512 0.4098 0.8343 0.0135  0.2227 -0.1987 102 J0D A C19   
803 C C20   . J0D C .  ? 0.7384 0.5037 0.9524 0.0166  0.2170 -0.2126 102 J0D A C20   
804 C C21   . J0D C .  ? 0.7577 0.5378 0.9810 0.0078  0.2261 -0.2223 102 J0D A C21   
805 C C22   . J0D C .  ? 0.7501 0.5573 0.9315 -0.0267 0.2636 -0.2200 102 J0D A C22   
806 N N02   . J0D C .  ? 1.0469 0.8405 1.3961 0.0290  0.1904 -0.2677 102 J0D A N02   
807 N N15   . J0D C .  ? 0.6469 0.4481 0.8539 -0.0134 0.2493 -0.2262 102 J0D A N15   
808 S S09   . J0D C .  ? 1.1157 0.9343 1.4652 0.0114  0.2105 -0.2796 102 J0D A S09   
# 
loop_
_pdbx_poly_seq_scheme.asym_id 
_pdbx_poly_seq_scheme.entity_id 
_pdbx_poly_seq_scheme.seq_id 
_pdbx_poly_seq_scheme.mon_id 
_pdbx_poly_seq_scheme.ndb_seq_num 
_pdbx_poly_seq_scheme.pdb_seq_num 
_pdbx_poly_seq_scheme.auth_seq_num 
_pdbx_poly_seq_scheme.pdb_mon_id 
_pdbx_poly_seq_scheme.auth_mon_id 
_pdbx_poly_seq_scheme.pdb_strand_id 
_pdbx_poly_seq_scheme.pdb_ins_code 
_pdbx_poly_seq_scheme.hetero 
A 1 1  G 1  1  1  G G A . n 
A 1 2  G 2  2  2  G G A . n 
A 1 3  C 3  3  3  C C A . n 
A 1 4  G 4  4  4  G G A . n 
A 1 5  C 5  5  5  C C A . n 
A 1 6  G 6  6  6  G G A . n 
A 1 7  A 7  7  7  A A A . n 
A 1 8  G 8  8  8  G G A . n 
A 1 9  G 9  9  9  G G A . n 
A 1 10 A 10 10 10 A A A . n 
A 1 11 A 11 11 11 A A A . n 
A 1 12 G 12 12 12 G G A . n 
A 1 13 G 13 13 13 G G A . n 
A 1 14 A 14 14 14 A A A . n 
A 1 15 G 15 15 15 G G A . n 
A 1 16 G 16 16 16 G G A . n 
A 1 17 U 17 17 17 U U A . n 
A 1 18 C 18 18 18 C C A . n 
A 1 19 U 19 19 19 U U A . n 
A 1 20 G 20 20 20 G G A . n 
A 1 21 A 21 21 21 A A A . n 
A 1 22 G 22 22 22 G G A . n 
A 1 23 G 23 23 23 G G A . n 
A 1 24 A 24 24 24 A A A . n 
A 1 25 G 25 25 25 G G A . n 
A 1 26 G 26 26 26 G G A . n 
A 1 27 U 27 27 27 U U A . n 
A 1 28 C 28 28 28 C C A . n 
A 1 29 A 29 29 29 A A A . n 
A 1 30 C 30 30 30 C C A . n 
A 1 31 U 31 31 31 U U A . n 
A 1 32 G 32 32 32 G G A . n 
A 1 33 C 33 33 33 C C A . n 
A 1 34 G 34 34 34 G G A . n 
A 1 35 C 35 35 35 C C A . n 
A 1 36 C 36 36 36 C C A . n 
# 
loop_
_pdbx_nonpoly_scheme.asym_id 
_pdbx_nonpoly_scheme.entity_id 
_pdbx_nonpoly_scheme.mon_id 
_pdbx_nonpoly_scheme.ndb_seq_num 
_pdbx_nonpoly_scheme.pdb_seq_num 
_pdbx_nonpoly_scheme.auth_seq_num 
_pdbx_nonpoly_scheme.pdb_mon_id 
_pdbx_nonpoly_scheme.auth_mon_id 
_pdbx_nonpoly_scheme.pdb_strand_id 
_pdbx_nonpoly_scheme.pdb_ins_code 
B 2 K   1 101 1 K   K   A . 
C 3 J0D 1 102 1 J0D MBQ A . 
# 
_pdbx_struct_assembly.id                   1 
_pdbx_struct_assembly.details              author_defined_assembly 
_pdbx_struct_assembly.method_details       ? 
_pdbx_struct_assembly.oligomeric_details   dimeric 
_pdbx_struct_assembly.oligomeric_count     2 
# 
_pdbx_struct_assembly_gen.assembly_id       1 
_pdbx_struct_assembly_gen.oper_expression   1,2 
_pdbx_struct_assembly_gen.asym_id_list      A,B,C 
# 
loop_
_pdbx_struct_oper_list.id 
_pdbx_struct_oper_list.type 
_pdbx_struct_oper_list.name 
_pdbx_struct_oper_list.symmetry_operation 
_pdbx_struct_oper_list.matrix[1][1] 
_pdbx_struct_oper_list.matrix[1][2] 
_pdbx_struct_oper_list.matrix[1][3] 
_pdbx_struct_oper_list.vector[1] 
_pdbx_struct_oper_list.matrix[2][1] 
_pdbx_struct_oper_list.matrix[2][2] 
_pdbx_struct_oper_list.matrix[2][3] 
_pdbx_struct_oper_list.vector[2] 
_pdbx_struct_oper_list.matrix[3][1] 
_pdbx_struct_oper_list.matrix[3][2] 
_pdbx_struct_oper_list.matrix[3][3] 
_pdbx_struct_oper_list.vector[3] 
1 'identity operation'         1_555 x,y,z  1.0000000000  0.0000000000  0.0000000000 0.0000000000  0.0000000000  1.0000000000 0.0000000000  0.0000000000 0.0000000000 0.0000000000  1.0000000000  0.0000000000   
2 'crystal symmetry operation' 4_555 y,x,-z -0.6208622880 -0.7767996892 0.1054147158 17.4995062366 -0.7767996892 0.5915529844 -0.2159798824 6.2607952237 0.1054147158 -0.2159798824 -0.9706906964 -16.8035265158 
# 
_pdbx_struct_special_symmetry.id              1 
_pdbx_struct_special_symmetry.PDB_model_num   1 
_pdbx_struct_special_symmetry.auth_asym_id    A 
_pdbx_struct_special_symmetry.auth_comp_id    J0D 
_pdbx_struct_special_symmetry.auth_seq_id     102 
_pdbx_struct_special_symmetry.PDB_ins_code    ? 
_pdbx_struct_special_symmetry.label_asym_id   C 
_pdbx_struct_special_symmetry.label_comp_id   J0D 
_pdbx_struct_special_symmetry.label_seq_id    . 
# 
loop_
_pdbx_struct_conn_angle.id 
_pdbx_struct_conn_angle.ptnr1_label_atom_id 
_pdbx_struct_conn_angle.ptnr1_label_alt_id 
_pdbx_struct_conn_angle.ptnr1_label_asym_id 
_pdbx_struct_conn_angle.ptnr1_label_comp_id 
_pdbx_struct_conn_angle.ptnr1_label_seq_id 
_pdbx_struct_conn_angle.ptnr1_auth_atom_id 
_pdbx_struct_conn_angle.ptnr1_auth_asym_id 
_pdbx_struct_conn_angle.ptnr1_auth_comp_id 
_pdbx_struct_conn_angle.ptnr1_auth_seq_id 
_pdbx_struct_conn_angle.ptnr1_PDB_ins_code 
_pdbx_struct_conn_angle.ptnr1_symmetry 
_pdbx_struct_conn_angle.ptnr2_label_atom_id 
_pdbx_struct_conn_angle.ptnr2_label_alt_id 
_pdbx_struct_conn_angle.ptnr2_label_asym_id 
_pdbx_struct_conn_angle.ptnr2_label_comp_id 
_pdbx_struct_conn_angle.ptnr2_label_seq_id 
_pdbx_struct_conn_angle.ptnr2_auth_atom_id 
_pdbx_struct_conn_angle.ptnr2_auth_asym_id 
_pdbx_struct_conn_angle.ptnr2_auth_comp_id 
_pdbx_struct_conn_angle.ptnr2_auth_seq_id 
_pdbx_struct_conn_angle.ptnr2_PDB_ins_code 
_pdbx_struct_conn_angle.ptnr2_symmetry 
_pdbx_struct_conn_angle.ptnr3_label_atom_id 
_pdbx_struct_conn_angle.ptnr3_label_alt_id 
_pdbx_struct_conn_angle.ptnr3_label_asym_id 
_pdbx_struct_conn_angle.ptnr3_label_comp_id 
_pdbx_struct_conn_angle.ptnr3_label_seq_id 
_pdbx_struct_conn_angle.ptnr3_auth_atom_id 
_pdbx_struct_conn_angle.ptnr3_auth_asym_id 
_pdbx_struct_conn_angle.ptnr3_auth_comp_id 
_pdbx_struct_conn_angle.ptnr3_auth_seq_id 
_pdbx_struct_conn_angle.ptnr3_PDB_ins_code 
_pdbx_struct_conn_angle.ptnr3_symmetry 
_pdbx_struct_conn_angle.value 
_pdbx_struct_conn_angle.value_esd 
1  O6 ? A G 12 ? A G 12 ? 1_555 K ? B K . ? A K 101 ? 1_555 O6 ? A G 13 ? A G 13 ? 1_555 77.7  ? 
2  O6 ? A G 12 ? A G 12 ? 1_555 K ? B K . ? A K 101 ? 1_555 O6 ? A G 15 ? A G 15 ? 1_555 76.7  ? 
3  O6 ? A G 13 ? A G 13 ? 1_555 K ? B K . ? A K 101 ? 1_555 O6 ? A G 15 ? A G 15 ? 1_555 82.9  ? 
4  O6 ? A G 12 ? A G 12 ? 1_555 K ? B K . ? A K 101 ? 1_555 O6 ? A G 16 ? A G 16 ? 1_555 159.0 ? 
5  O6 ? A G 13 ? A G 13 ? 1_555 K ? B K . ? A K 101 ? 1_555 O6 ? A G 16 ? A G 16 ? 1_555 88.5  ? 
6  O6 ? A G 15 ? A G 15 ? 1_555 K ? B K . ? A K 101 ? 1_555 O6 ? A G 16 ? A G 16 ? 1_555 85.9  ? 
7  O6 ? A G 12 ? A G 12 ? 1_555 K ? B K . ? A K 101 ? 1_555 O6 ? A G 22 ? A G 22 ? 1_555 108.4 ? 
8  O6 ? A G 13 ? A G 13 ? 1_555 K ? B K . ? A K 101 ? 1_555 O6 ? A G 22 ? A G 22 ? 1_555 170.1 ? 
9  O6 ? A G 15 ? A G 15 ? 1_555 K ? B K . ? A K 101 ? 1_555 O6 ? A G 22 ? A G 22 ? 1_555 105.9 ? 
10 O6 ? A G 16 ? A G 16 ? 1_555 K ? B K . ? A K 101 ? 1_555 O6 ? A G 22 ? A G 22 ? 1_555 87.6  ? 
11 O6 ? A G 12 ? A G 12 ? 1_555 K ? B K . ? A K 101 ? 1_555 O6 ? A G 23 ? A G 23 ? 1_555 138.3 ? 
12 O6 ? A G 13 ? A G 13 ? 1_555 K ? B K . ? A K 101 ? 1_555 O6 ? A G 23 ? A G 23 ? 1_555 105.0 ? 
13 O6 ? A G 15 ? A G 15 ? 1_555 K ? B K . ? A K 101 ? 1_555 O6 ? A G 23 ? A G 23 ? 1_555 144.8 ? 
14 O6 ? A G 16 ? A G 16 ? 1_555 K ? B K . ? A K 101 ? 1_555 O6 ? A G 23 ? A G 23 ? 1_555 60.5  ? 
15 O6 ? A G 22 ? A G 22 ? 1_555 K ? B K . ? A K 101 ? 1_555 O6 ? A G 23 ? A G 23 ? 1_555 65.2  ? 
16 O6 ? A G 12 ? A G 12 ? 1_555 K ? B K . ? A K 101 ? 1_555 O6 ? A G 25 ? A G 25 ? 1_555 68.1  ? 
17 O6 ? A G 13 ? A G 13 ? 1_555 K ? B K . ? A K 101 ? 1_555 O6 ? A G 25 ? A G 25 ? 1_555 110.4 ? 
18 O6 ? A G 15 ? A G 15 ? 1_555 K ? B K . ? A K 101 ? 1_555 O6 ? A G 25 ? A G 25 ? 1_555 137.8 ? 
19 O6 ? A G 16 ? A G 16 ? 1_555 K ? B K . ? A K 101 ? 1_555 O6 ? A G 25 ? A G 25 ? 1_555 132.4 ? 
20 O6 ? A G 22 ? A G 22 ? 1_555 K ? B K . ? A K 101 ? 1_555 O6 ? A G 25 ? A G 25 ? 1_555 66.3  ? 
21 O6 ? A G 23 ? A G 23 ? 1_555 K ? B K . ? A K 101 ? 1_555 O6 ? A G 25 ? A G 25 ? 1_555 72.3  ? 
22 O6 ? A G 12 ? A G 12 ? 1_555 K ? B K . ? A K 101 ? 1_555 O6 ? A G 26 ? A G 26 ? 1_555 93.9  ? 
23 O6 ? A G 13 ? A G 13 ? 1_555 K ? B K . ? A K 101 ? 1_555 O6 ? A G 26 ? A G 26 ? 1_555 55.4  ? 
24 O6 ? A G 15 ? A G 15 ? 1_555 K ? B K . ? A K 101 ? 1_555 O6 ? A G 26 ? A G 26 ? 1_555 138.3 ? 
25 O6 ? A G 16 ? A G 16 ? 1_555 K ? B K . ? A K 101 ? 1_555 O6 ? A G 26 ? A G 26 ? 1_555 91.2  ? 
26 O6 ? A G 22 ? A G 22 ? 1_555 K ? B K . ? A K 101 ? 1_555 O6 ? A G 26 ? A G 26 ? 1_555 115.6 ? 
27 O6 ? A G 23 ? A G 23 ? 1_555 K ? B K . ? A K 101 ? 1_555 O6 ? A G 26 ? A G 26 ? 1_555 58.9  ? 
28 O6 ? A G 25 ? A G 25 ? 1_555 K ? B K . ? A K 101 ? 1_555 O6 ? A G 26 ? A G 26 ? 1_555 68.4  ? 
# 
loop_
_pdbx_audit_revision_history.ordinal 
_pdbx_audit_revision_history.data_content_type 
_pdbx_audit_revision_history.major_revision 
_pdbx_audit_revision_history.minor_revision 
_pdbx_audit_revision_history.revision_date 
1 'Structure model' 1 0 2019-07-31 
2 'Structure model' 1 1 2019-08-28 
3 'Structure model' 1 2 2023-10-11 
# 
_pdbx_audit_revision_details.ordinal             1 
_pdbx_audit_revision_details.revision_ordinal    1 
_pdbx_audit_revision_details.data_content_type   'Structure model' 
_pdbx_audit_revision_details.provider            repository 
_pdbx_audit_revision_details.type                'Initial release' 
_pdbx_audit_revision_details.description         ? 
_pdbx_audit_revision_details.details             ? 
# 
loop_
_pdbx_audit_revision_group.ordinal 
_pdbx_audit_revision_group.revision_ordinal 
_pdbx_audit_revision_group.data_content_type 
_pdbx_audit_revision_group.group 
1 2 'Structure model' 'Data collection'        
2 2 'Structure model' 'Database references'    
3 3 'Structure model' 'Data collection'        
4 3 'Structure model' 'Database references'    
5 3 'Structure model' 'Refinement description' 
# 
loop_
_pdbx_audit_revision_category.ordinal 
_pdbx_audit_revision_category.revision_ordinal 
_pdbx_audit_revision_category.data_content_type 
_pdbx_audit_revision_category.category 
1 2 'Structure model' citation                      
2 3 'Structure model' chem_comp_atom                
3 3 'Structure model' chem_comp_bond                
4 3 'Structure model' database_2                    
5 3 'Structure model' pdbx_initial_refinement_model 
# 
loop_
_pdbx_audit_revision_item.ordinal 
_pdbx_audit_revision_item.revision_ordinal 
_pdbx_audit_revision_item.data_content_type 
_pdbx_audit_revision_item.item 
1 2 'Structure model' '_citation.journal_volume'            
2 2 'Structure model' '_citation.page_first'                
3 3 'Structure model' '_database_2.pdbx_DOI'                
4 3 'Structure model' '_database_2.pdbx_database_accession' 
# 
_pdbx_refine_tls.pdbx_refine_id   'X-RAY DIFFRACTION' 
_pdbx_refine_tls.id               1 
_pdbx_refine_tls.details          ? 
_pdbx_refine_tls.method           refined 
_pdbx_refine_tls.origin_x         -0.0499 
_pdbx_refine_tls.origin_y         -0.0142 
_pdbx_refine_tls.origin_z         0.0770 
_pdbx_refine_tls.T[1][1]          0.6065 
_pdbx_refine_tls.T[2][2]          0.5367 
_pdbx_refine_tls.T[3][3]          1.4244 
_pdbx_refine_tls.T[1][2]          -0.0153 
_pdbx_refine_tls.T[1][3]          0.4233 
_pdbx_refine_tls.T[2][3]          -0.8109 
_pdbx_refine_tls.L[1][1]          0.1879 
_pdbx_refine_tls.L[2][2]          0.0974 
_pdbx_refine_tls.L[3][3]          0.2469 
_pdbx_refine_tls.L[1][2]          0.1134 
_pdbx_refine_tls.L[1][3]          0.0476 
_pdbx_refine_tls.L[2][3]          0.1080 
_pdbx_refine_tls.S[1][1]          0.2689 
_pdbx_refine_tls.S[2][2]          -0.5911 
_pdbx_refine_tls.S[3][3]          0.5631 
_pdbx_refine_tls.S[1][2]          -0.6022 
_pdbx_refine_tls.S[1][3]          1.0222 
_pdbx_refine_tls.S[2][3]          0.8514 
_pdbx_refine_tls.S[2][1]          0.0255 
_pdbx_refine_tls.S[3][1]          0.0220 
_pdbx_refine_tls.S[3][2]          -0.3579 
# 
loop_
_pdbx_refine_tls_group.pdbx_refine_id 
_pdbx_refine_tls_group.id 
_pdbx_refine_tls_group.refine_tls_id 
_pdbx_refine_tls_group.beg_auth_asym_id 
_pdbx_refine_tls_group.beg_auth_seq_id 
_pdbx_refine_tls_group.end_auth_asym_id 
_pdbx_refine_tls_group.end_auth_seq_id 
_pdbx_refine_tls_group.selection_details 
_pdbx_refine_tls_group.beg_label_asym_id 
_pdbx_refine_tls_group.beg_label_seq_id 
_pdbx_refine_tls_group.end_label_asym_id 
_pdbx_refine_tls_group.end_label_seq_id 
_pdbx_refine_tls_group.selection 
'X-RAY DIFFRACTION' 1 1 A 1 A 36 all ? ? ? ? ? 
'X-RAY DIFFRACTION' 2 1 D 1 D 1  all ? ? ? ? ? 
'X-RAY DIFFRACTION' 3 1 C 1 C 1  all ? ? ? ? ? 
# 
_pdbx_phasing_MR.entry_id                     6E84 
_pdbx_phasing_MR.method_rotation              ? 
_pdbx_phasing_MR.method_translation           ? 
_pdbx_phasing_MR.model_details                ? 
_pdbx_phasing_MR.R_factor                     ? 
_pdbx_phasing_MR.R_rigid_body                 ? 
_pdbx_phasing_MR.correlation_coeff_Fo_to_Fc   ? 
_pdbx_phasing_MR.correlation_coeff_Io_to_Ic   ? 
_pdbx_phasing_MR.d_res_high_rotation          4.720 
_pdbx_phasing_MR.d_res_low_rotation           64.290 
_pdbx_phasing_MR.d_res_high_translation       4.720 
_pdbx_phasing_MR.d_res_low_translation        64.290 
_pdbx_phasing_MR.packing                      ? 
_pdbx_phasing_MR.reflns_percent_rotation      ? 
_pdbx_phasing_MR.reflns_percent_translation   ? 
_pdbx_phasing_MR.sigma_F_rotation             ? 
_pdbx_phasing_MR.sigma_F_translation          ? 
_pdbx_phasing_MR.sigma_I_rotation             ? 
_pdbx_phasing_MR.sigma_I_translation          ? 
# 
_phasing.method   MR 
# 
loop_
_software.citation_id 
_software.classification 
_software.compiler_name 
_software.compiler_version 
_software.contact_author 
_software.contact_author_email 
_software.date 
_software.description 
_software.dependencies 
_software.hardware 
_software.language 
_software.location 
_software.mods 
_software.name 
_software.os 
_software.os_version 
_software.type 
_software.version 
_software.pdbx_ordinal 
? refinement        ? ? ? ? ? ? ? ? ? ? ? PHENIX      ? ? ? .      1 
? 'data scaling'    ? ? ? ? ? ? ? ? ? ? ? Aimless     ? ? ? 0.5.27 2 
? phasing           ? ? ? ? ? ? ? ? ? ? ? PHASER      ? ? ? 2.7.16 3 
? 'data extraction' ? ? ? ? ? ? ? ? ? ? ? PDB_EXTRACT ? ? ? 3.24   4 
? 'data reduction'  ? ? ? ? ? ? ? ? ? ? ? DIALS       ? ? ? .      5 
# 
loop_
_pdbx_validate_close_contact.id 
_pdbx_validate_close_contact.PDB_model_num 
_pdbx_validate_close_contact.auth_atom_id_1 
_pdbx_validate_close_contact.auth_asym_id_1 
_pdbx_validate_close_contact.auth_comp_id_1 
_pdbx_validate_close_contact.auth_seq_id_1 
_pdbx_validate_close_contact.PDB_ins_code_1 
_pdbx_validate_close_contact.label_alt_id_1 
_pdbx_validate_close_contact.auth_atom_id_2 
_pdbx_validate_close_contact.auth_asym_id_2 
_pdbx_validate_close_contact.auth_comp_id_2 
_pdbx_validate_close_contact.auth_seq_id_2 
_pdbx_validate_close_contact.PDB_ins_code_2 
_pdbx_validate_close_contact.label_alt_id_2 
_pdbx_validate_close_contact.dist 
1 1 "O2'" A A 10 ? ? "O2'" A G 26 ? ? 2.05 
2 1 "O2'" A A 7  ? ? "O2'" A C 30 ? ? 2.16 
# 
loop_
_pdbx_validate_rmsd_angle.id 
_pdbx_validate_rmsd_angle.PDB_model_num 
_pdbx_validate_rmsd_angle.auth_atom_id_1 
_pdbx_validate_rmsd_angle.auth_asym_id_1 
_pdbx_validate_rmsd_angle.auth_comp_id_1 
_pdbx_validate_rmsd_angle.auth_seq_id_1 
_pdbx_validate_rmsd_angle.PDB_ins_code_1 
_pdbx_validate_rmsd_angle.label_alt_id_1 
_pdbx_validate_rmsd_angle.auth_atom_id_2 
_pdbx_validate_rmsd_angle.auth_asym_id_2 
_pdbx_validate_rmsd_angle.auth_comp_id_2 
_pdbx_validate_rmsd_angle.auth_seq_id_2 
_pdbx_validate_rmsd_angle.PDB_ins_code_2 
_pdbx_validate_rmsd_angle.label_alt_id_2 
_pdbx_validate_rmsd_angle.auth_atom_id_3 
_pdbx_validate_rmsd_angle.auth_asym_id_3 
_pdbx_validate_rmsd_angle.auth_comp_id_3 
_pdbx_validate_rmsd_angle.auth_seq_id_3 
_pdbx_validate_rmsd_angle.PDB_ins_code_3 
_pdbx_validate_rmsd_angle.label_alt_id_3 
_pdbx_validate_rmsd_angle.angle_value 
_pdbx_validate_rmsd_angle.angle_target_value 
_pdbx_validate_rmsd_angle.angle_deviation 
_pdbx_validate_rmsd_angle.angle_standard_deviation 
_pdbx_validate_rmsd_angle.linker_flag 
1 1 N3    A G 15 ? ? C4    A G 15 ? ? C5 A G 15 ? ? 125.05 128.60 -3.55 0.50 N 
2 1 N3    A G 15 ? ? C4    A G 15 ? ? N9 A G 15 ? ? 130.20 126.00 4.20  0.60 N 
3 1 N1    A G 16 ? ? C6    A G 16 ? ? O6 A G 16 ? ? 115.37 119.90 -4.53 0.60 N 
4 1 C5    A G 16 ? ? C6    A G 16 ? ? O6 A G 16 ? ? 133.75 128.60 5.15  0.60 N 
5 1 N1    A A 21 ? ? C6    A A 21 ? ? N6 A A 21 ? ? 122.79 118.60 4.19  0.60 N 
6 1 "O4'" A G 23 ? ? "C1'" A G 23 ? ? N9 A G 23 ? ? 113.52 108.50 5.02  0.70 N 
7 1 C5    A G 25 ? ? C6    A G 25 ? ? N1 A G 25 ? ? 108.15 111.50 -3.35 0.50 N 
# 
loop_
_chem_comp_atom.comp_id 
_chem_comp_atom.atom_id 
_chem_comp_atom.type_symbol 
_chem_comp_atom.pdbx_aromatic_flag 
_chem_comp_atom.pdbx_stereo_config 
_chem_comp_atom.pdbx_ordinal 
A   OP3    O N N 1   
A   P      P N N 2   
A   OP1    O N N 3   
A   OP2    O N N 4   
A   "O5'"  O N N 5   
A   "C5'"  C N N 6   
A   "C4'"  C N R 7   
A   "O4'"  O N N 8   
A   "C3'"  C N S 9   
A   "O3'"  O N N 10  
A   "C2'"  C N R 11  
A   "O2'"  O N N 12  
A   "C1'"  C N R 13  
A   N9     N Y N 14  
A   C8     C Y N 15  
A   N7     N Y N 16  
A   C5     C Y N 17  
A   C6     C Y N 18  
A   N6     N N N 19  
A   N1     N Y N 20  
A   C2     C Y N 21  
A   N3     N Y N 22  
A   C4     C Y N 23  
A   HOP3   H N N 24  
A   HOP2   H N N 25  
A   "H5'"  H N N 26  
A   "H5''" H N N 27  
A   "H4'"  H N N 28  
A   "H3'"  H N N 29  
A   "HO3'" H N N 30  
A   "H2'"  H N N 31  
A   "HO2'" H N N 32  
A   "H1'"  H N N 33  
A   H8     H N N 34  
A   H61    H N N 35  
A   H62    H N N 36  
A   H2     H N N 37  
C   OP3    O N N 38  
C   P      P N N 39  
C   OP1    O N N 40  
C   OP2    O N N 41  
C   "O5'"  O N N 42  
C   "C5'"  C N N 43  
C   "C4'"  C N R 44  
C   "O4'"  O N N 45  
C   "C3'"  C N S 46  
C   "O3'"  O N N 47  
C   "C2'"  C N R 48  
C   "O2'"  O N N 49  
C   "C1'"  C N R 50  
C   N1     N N N 51  
C   C2     C N N 52  
C   O2     O N N 53  
C   N3     N N N 54  
C   C4     C N N 55  
C   N4     N N N 56  
C   C5     C N N 57  
C   C6     C N N 58  
C   HOP3   H N N 59  
C   HOP2   H N N 60  
C   "H5'"  H N N 61  
C   "H5''" H N N 62  
C   "H4'"  H N N 63  
C   "H3'"  H N N 64  
C   "HO3'" H N N 65  
C   "H2'"  H N N 66  
C   "HO2'" H N N 67  
C   "H1'"  H N N 68  
C   H41    H N N 69  
C   H42    H N N 70  
C   H5     H N N 71  
C   H6     H N N 72  
G   OP3    O N N 73  
G   P      P N N 74  
G   OP1    O N N 75  
G   OP2    O N N 76  
G   "O5'"  O N N 77  
G   "C5'"  C N N 78  
G   "C4'"  C N R 79  
G   "O4'"  O N N 80  
G   "C3'"  C N S 81  
G   "O3'"  O N N 82  
G   "C2'"  C N R 83  
G   "O2'"  O N N 84  
G   "C1'"  C N R 85  
G   N9     N Y N 86  
G   C8     C Y N 87  
G   N7     N Y N 88  
G   C5     C Y N 89  
G   C6     C N N 90  
G   O6     O N N 91  
G   N1     N N N 92  
G   C2     C N N 93  
G   N2     N N N 94  
G   N3     N N N 95  
G   C4     C Y N 96  
G   HOP3   H N N 97  
G   HOP2   H N N 98  
G   "H5'"  H N N 99  
G   "H5''" H N N 100 
G   "H4'"  H N N 101 
G   "H3'"  H N N 102 
G   "HO3'" H N N 103 
G   "H2'"  H N N 104 
G   "HO2'" H N N 105 
G   "H1'"  H N N 106 
G   H8     H N N 107 
G   H1     H N N 108 
G   H21    H N N 109 
G   H22    H N N 110 
J0D C01    C N N 111 
J0D C03    C Y N 112 
J0D C04    C Y N 113 
J0D C05    C Y N 114 
J0D C06    C Y N 115 
J0D C07    C Y N 116 
J0D C08    C Y N 117 
J0D C10    C N N 118 
J0D C11    C N N 119 
J0D C12    C Y N 120 
J0D C13    C Y N 121 
J0D C14    C Y N 122 
J0D C16    C Y N 123 
J0D C17    C Y N 124 
J0D C18    C Y N 125 
J0D C19    C Y N 126 
J0D C20    C Y N 127 
J0D C21    C Y N 128 
J0D C22    C N N 129 
J0D N02    N N N 130 
J0D N15    N Y N 131 
J0D S09    S N N 132 
J0D H1     H N N 133 
J0D H2     H N N 134 
J0D H3     H N N 135 
J0D H4     H N N 136 
J0D H5     H N N 137 
J0D H6     H N N 138 
J0D H7     H N N 139 
J0D H8     H N N 140 
J0D H10    H N N 141 
J0D H11    H N N 142 
J0D H12    H N N 143 
J0D H13    H N N 144 
J0D H14    H N N 145 
J0D H15    H N N 146 
J0D H16    H N N 147 
J0D H17    H N N 148 
J0D H18    H N N 149 
K   K      K N N 150 
U   OP3    O N N 151 
U   P      P N N 152 
U   OP1    O N N 153 
U   OP2    O N N 154 
U   "O5'"  O N N 155 
U   "C5'"  C N N 156 
U   "C4'"  C N R 157 
U   "O4'"  O N N 158 
U   "C3'"  C N S 159 
U   "O3'"  O N N 160 
U   "C2'"  C N R 161 
U   "O2'"  O N N 162 
U   "C1'"  C N R 163 
U   N1     N N N 164 
U   C2     C N N 165 
U   O2     O N N 166 
U   N3     N N N 167 
U   C4     C N N 168 
U   O4     O N N 169 
U   C5     C N N 170 
U   C6     C N N 171 
U   HOP3   H N N 172 
U   HOP2   H N N 173 
U   "H5'"  H N N 174 
U   "H5''" H N N 175 
U   "H4'"  H N N 176 
U   "H3'"  H N N 177 
U   "HO3'" H N N 178 
U   "H2'"  H N N 179 
U   "HO2'" H N N 180 
U   "H1'"  H N N 181 
U   H3     H N N 182 
U   H5     H N N 183 
U   H6     H N N 184 
# 
loop_
_chem_comp_bond.comp_id 
_chem_comp_bond.atom_id_1 
_chem_comp_bond.atom_id_2 
_chem_comp_bond.value_order 
_chem_comp_bond.pdbx_aromatic_flag 
_chem_comp_bond.pdbx_stereo_config 
_chem_comp_bond.pdbx_ordinal 
A   OP3   P      sing N N 1   
A   OP3   HOP3   sing N N 2   
A   P     OP1    doub N N 3   
A   P     OP2    sing N N 4   
A   P     "O5'"  sing N N 5   
A   OP2   HOP2   sing N N 6   
A   "O5'" "C5'"  sing N N 7   
A   "C5'" "C4'"  sing N N 8   
A   "C5'" "H5'"  sing N N 9   
A   "C5'" "H5''" sing N N 10  
A   "C4'" "O4'"  sing N N 11  
A   "C4'" "C3'"  sing N N 12  
A   "C4'" "H4'"  sing N N 13  
A   "O4'" "C1'"  sing N N 14  
A   "C3'" "O3'"  sing N N 15  
A   "C3'" "C2'"  sing N N 16  
A   "C3'" "H3'"  sing N N 17  
A   "O3'" "HO3'" sing N N 18  
A   "C2'" "O2'"  sing N N 19  
A   "C2'" "C1'"  sing N N 20  
A   "C2'" "H2'"  sing N N 21  
A   "O2'" "HO2'" sing N N 22  
A   "C1'" N9     sing N N 23  
A   "C1'" "H1'"  sing N N 24  
A   N9    C8     sing Y N 25  
A   N9    C4     sing Y N 26  
A   C8    N7     doub Y N 27  
A   C8    H8     sing N N 28  
A   N7    C5     sing Y N 29  
A   C5    C6     sing Y N 30  
A   C5    C4     doub Y N 31  
A   C6    N6     sing N N 32  
A   C6    N1     doub Y N 33  
A   N6    H61    sing N N 34  
A   N6    H62    sing N N 35  
A   N1    C2     sing Y N 36  
A   C2    N3     doub Y N 37  
A   C2    H2     sing N N 38  
A   N3    C4     sing Y N 39  
C   OP3   P      sing N N 40  
C   OP3   HOP3   sing N N 41  
C   P     OP1    doub N N 42  
C   P     OP2    sing N N 43  
C   P     "O5'"  sing N N 44  
C   OP2   HOP2   sing N N 45  
C   "O5'" "C5'"  sing N N 46  
C   "C5'" "C4'"  sing N N 47  
C   "C5'" "H5'"  sing N N 48  
C   "C5'" "H5''" sing N N 49  
C   "C4'" "O4'"  sing N N 50  
C   "C4'" "C3'"  sing N N 51  
C   "C4'" "H4'"  sing N N 52  
C   "O4'" "C1'"  sing N N 53  
C   "C3'" "O3'"  sing N N 54  
C   "C3'" "C2'"  sing N N 55  
C   "C3'" "H3'"  sing N N 56  
C   "O3'" "HO3'" sing N N 57  
C   "C2'" "O2'"  sing N N 58  
C   "C2'" "C1'"  sing N N 59  
C   "C2'" "H2'"  sing N N 60  
C   "O2'" "HO2'" sing N N 61  
C   "C1'" N1     sing N N 62  
C   "C1'" "H1'"  sing N N 63  
C   N1    C2     sing N N 64  
C   N1    C6     sing N N 65  
C   C2    O2     doub N N 66  
C   C2    N3     sing N N 67  
C   N3    C4     doub N N 68  
C   C4    N4     sing N N 69  
C   C4    C5     sing N N 70  
C   N4    H41    sing N N 71  
C   N4    H42    sing N N 72  
C   C5    C6     doub N N 73  
C   C5    H5     sing N N 74  
C   C6    H6     sing N N 75  
G   OP3   P      sing N N 76  
G   OP3   HOP3   sing N N 77  
G   P     OP1    doub N N 78  
G   P     OP2    sing N N 79  
G   P     "O5'"  sing N N 80  
G   OP2   HOP2   sing N N 81  
G   "O5'" "C5'"  sing N N 82  
G   "C5'" "C4'"  sing N N 83  
G   "C5'" "H5'"  sing N N 84  
G   "C5'" "H5''" sing N N 85  
G   "C4'" "O4'"  sing N N 86  
G   "C4'" "C3'"  sing N N 87  
G   "C4'" "H4'"  sing N N 88  
G   "O4'" "C1'"  sing N N 89  
G   "C3'" "O3'"  sing N N 90  
G   "C3'" "C2'"  sing N N 91  
G   "C3'" "H3'"  sing N N 92  
G   "O3'" "HO3'" sing N N 93  
G   "C2'" "O2'"  sing N N 94  
G   "C2'" "C1'"  sing N N 95  
G   "C2'" "H2'"  sing N N 96  
G   "O2'" "HO2'" sing N N 97  
G   "C1'" N9     sing N N 98  
G   "C1'" "H1'"  sing N N 99  
G   N9    C8     sing Y N 100 
G   N9    C4     sing Y N 101 
G   C8    N7     doub Y N 102 
G   C8    H8     sing N N 103 
G   N7    C5     sing Y N 104 
G   C5    C6     sing N N 105 
G   C5    C4     doub Y N 106 
G   C6    O6     doub N N 107 
G   C6    N1     sing N N 108 
G   N1    C2     sing N N 109 
G   N1    H1     sing N N 110 
G   C2    N2     sing N N 111 
G   C2    N3     doub N N 112 
G   N2    H21    sing N N 113 
G   N2    H22    sing N N 114 
G   N3    C4     sing N N 115 
J0D C22   N15    sing N N 116 
J0D C14   N15    doub Y N 117 
J0D C14   C13    sing Y N 118 
J0D N15   C16    sing Y N 119 
J0D C13   C12    doub Y N 120 
J0D S09   C08    sing N N 121 
J0D S09   C10    sing N N 122 
J0D C07   C08    doub Y N 123 
J0D C07   C06    sing Y N 124 
J0D C16   C17    doub Y N 125 
J0D C16   C21    sing Y N 126 
J0D C08   C03    sing Y N 127 
J0D C12   C21    sing Y N 128 
J0D C12   C11    sing N N 129 
J0D C17   C18    sing Y N 130 
J0D C06   C05    doub Y N 131 
J0D C21   C20    doub Y N 132 
J0D C10   C11    doub N Z 133 
J0D C10   N02    sing N N 134 
J0D C03   N02    sing N N 135 
J0D C03   C04    doub Y N 136 
J0D C18   C19    doub Y N 137 
J0D C05   C04    sing Y N 138 
J0D N02   C01    sing N N 139 
J0D C20   C19    sing Y N 140 
J0D C01   H1     sing N N 141 
J0D C01   H2     sing N N 142 
J0D C01   H3     sing N N 143 
J0D C04   H4     sing N N 144 
J0D C05   H5     sing N N 145 
J0D C06   H6     sing N N 146 
J0D C07   H7     sing N N 147 
J0D C11   H8     sing N N 148 
J0D C13   H10    sing N N 149 
J0D C14   H11    sing N N 150 
J0D C17   H12    sing N N 151 
J0D C18   H13    sing N N 152 
J0D C19   H14    sing N N 153 
J0D C20   H15    sing N N 154 
J0D C22   H16    sing N N 155 
J0D C22   H17    sing N N 156 
J0D C22   H18    sing N N 157 
U   OP3   P      sing N N 158 
U   OP3   HOP3   sing N N 159 
U   P     OP1    doub N N 160 
U   P     OP2    sing N N 161 
U   P     "O5'"  sing N N 162 
U   OP2   HOP2   sing N N 163 
U   "O5'" "C5'"  sing N N 164 
U   "C5'" "C4'"  sing N N 165 
U   "C5'" "H5'"  sing N N 166 
U   "C5'" "H5''" sing N N 167 
U   "C4'" "O4'"  sing N N 168 
U   "C4'" "C3'"  sing N N 169 
U   "C4'" "H4'"  sing N N 170 
U   "O4'" "C1'"  sing N N 171 
U   "C3'" "O3'"  sing N N 172 
U   "C3'" "C2'"  sing N N 173 
U   "C3'" "H3'"  sing N N 174 
U   "O3'" "HO3'" sing N N 175 
U   "C2'" "O2'"  sing N N 176 
U   "C2'" "C1'"  sing N N 177 
U   "C2'" "H2'"  sing N N 178 
U   "O2'" "HO2'" sing N N 179 
U   "C1'" N1     sing N N 180 
U   "C1'" "H1'"  sing N N 181 
U   N1    C2     sing N N 182 
U   N1    C6     sing N N 183 
U   C2    O2     doub N N 184 
U   C2    N3     sing N N 185 
U   N3    C4     sing N N 186 
U   N3    H3     sing N N 187 
U   C4    O4     doub N N 188 
U   C4    C5     sing N N 189 
U   C5    C6     doub N N 190 
U   C5    H5     sing N N 191 
U   C6    H6     sing N N 192 
# 
loop_
_ndb_struct_conf_na.entry_id 
_ndb_struct_conf_na.feature 
6E84 'double helix'         
6E84 'hairpin loop'         
6E84 'mismatched base pair' 
6E84 'quadruple helix'      
# 
loop_
_ndb_struct_na_base_pair.model_number 
_ndb_struct_na_base_pair.i_label_asym_id 
_ndb_struct_na_base_pair.i_label_comp_id 
_ndb_struct_na_base_pair.i_label_seq_id 
_ndb_struct_na_base_pair.i_symmetry 
_ndb_struct_na_base_pair.j_label_asym_id 
_ndb_struct_na_base_pair.j_label_comp_id 
_ndb_struct_na_base_pair.j_label_seq_id 
_ndb_struct_na_base_pair.j_symmetry 
_ndb_struct_na_base_pair.shear 
_ndb_struct_na_base_pair.stretch 
_ndb_struct_na_base_pair.stagger 
_ndb_struct_na_base_pair.buckle 
_ndb_struct_na_base_pair.propeller 
_ndb_struct_na_base_pair.opening 
_ndb_struct_na_base_pair.pair_number 
_ndb_struct_na_base_pair.pair_name 
_ndb_struct_na_base_pair.i_auth_asym_id 
_ndb_struct_na_base_pair.i_auth_seq_id 
_ndb_struct_na_base_pair.i_PDB_ins_code 
_ndb_struct_na_base_pair.j_auth_asym_id 
_ndb_struct_na_base_pair.j_auth_seq_id 
_ndb_struct_na_base_pair.j_PDB_ins_code 
_ndb_struct_na_base_pair.hbond_type_28 
_ndb_struct_na_base_pair.hbond_type_12 
1 A G 1  1_555 A C 36 1_555 -0.556 0.356  0.387  1.744   1.165   2.834   1  A_G1:C36_A  A 1  ? A 36 ? 19 1 
1 A G 2  1_555 A C 35 1_555 0.592  0.460  -0.172 -5.731  -15.070 19.150  2  A_G2:C35_A  A 2  ? A 35 ? ?  1 
1 A G 4  1_555 A C 33 1_555 -0.114 -1.127 1.034  -15.782 -7.595  -9.211  3  A_G4:C33_A  A 4  ? A 33 ? 19 1 
1 A C 5  1_555 A G 32 1_555 0.883  -0.436 0.402  14.952  -5.371  9.230   4  A_C5:G32_A  A 5  ? A 32 ? 19 1 
1 A G 6  1_555 A A 14 1_555 5.175  -6.123 0.471  -51.806 -25.151 134.133 5  A_G6:A14_A  A 6  ? A 14 ? ?  ? 
1 A G 9  1_555 A C 18 1_555 -0.157 -0.409 -0.633 -25.093 -1.027  2.798   6  A_G9:C18_A  A 9  ? A 18 ? 19 1 
1 A G 13 1_555 A G 26 1_555 -1.121 -2.934 -0.550 -2.902  4.505   99.254  7  A_G13:G26_A A 13 ? A 26 ? 6  3 
1 A G 12 1_555 A G 25 1_555 -1.399 -3.129 -1.489 -5.484  -3.107  88.874  8  A_G12:G25_A A 12 ? A 25 ? 6  3 
1 A G 15 1_555 A G 22 1_555 2.620  3.546  -0.340 -9.046  7.823   -77.884 9  A_G15:G22_A A 15 ? A 22 ? 6  3 
1 A G 16 1_555 A G 23 1_555 1.573  3.853  0.500  -8.304  4.264   -86.192 10 A_G16:G23_A A 16 ? A 23 ? 6  3 
1 A U 27 1_555 A A 21 1_555 -0.423 1.793  -0.485 -17.836 3.148   -48.228 11 A_U27:A21_A A 27 ? A 21 ? ?  ? 
1 A C 28 1_555 A G 20 1_555 1.530  0.078  -0.047 30.508  10.888  14.045  12 A_C28:G20_A A 28 ? A 20 ? ?  1 
# 
loop_
_ndb_struct_na_base_pair_step.model_number 
_ndb_struct_na_base_pair_step.i_label_asym_id_1 
_ndb_struct_na_base_pair_step.i_label_comp_id_1 
_ndb_struct_na_base_pair_step.i_label_seq_id_1 
_ndb_struct_na_base_pair_step.i_symmetry_1 
_ndb_struct_na_base_pair_step.j_label_asym_id_1 
_ndb_struct_na_base_pair_step.j_label_comp_id_1 
_ndb_struct_na_base_pair_step.j_label_seq_id_1 
_ndb_struct_na_base_pair_step.j_symmetry_1 
_ndb_struct_na_base_pair_step.i_label_asym_id_2 
_ndb_struct_na_base_pair_step.i_label_comp_id_2 
_ndb_struct_na_base_pair_step.i_label_seq_id_2 
_ndb_struct_na_base_pair_step.i_symmetry_2 
_ndb_struct_na_base_pair_step.j_label_asym_id_2 
_ndb_struct_na_base_pair_step.j_label_comp_id_2 
_ndb_struct_na_base_pair_step.j_label_seq_id_2 
_ndb_struct_na_base_pair_step.j_symmetry_2 
_ndb_struct_na_base_pair_step.shift 
_ndb_struct_na_base_pair_step.slide 
_ndb_struct_na_base_pair_step.rise 
_ndb_struct_na_base_pair_step.tilt 
_ndb_struct_na_base_pair_step.roll 
_ndb_struct_na_base_pair_step.twist 
_ndb_struct_na_base_pair_step.x_displacement 
_ndb_struct_na_base_pair_step.y_displacement 
_ndb_struct_na_base_pair_step.helical_rise 
_ndb_struct_na_base_pair_step.inclination 
_ndb_struct_na_base_pair_step.tip 
_ndb_struct_na_base_pair_step.helical_twist 
_ndb_struct_na_base_pair_step.step_number 
_ndb_struct_na_base_pair_step.step_name 
_ndb_struct_na_base_pair_step.i_auth_asym_id_1 
_ndb_struct_na_base_pair_step.i_auth_seq_id_1 
_ndb_struct_na_base_pair_step.i_PDB_ins_code_1 
_ndb_struct_na_base_pair_step.j_auth_asym_id_1 
_ndb_struct_na_base_pair_step.j_auth_seq_id_1 
_ndb_struct_na_base_pair_step.j_PDB_ins_code_1 
_ndb_struct_na_base_pair_step.i_auth_asym_id_2 
_ndb_struct_na_base_pair_step.i_auth_seq_id_2 
_ndb_struct_na_base_pair_step.i_PDB_ins_code_2 
_ndb_struct_na_base_pair_step.j_auth_asym_id_2 
_ndb_struct_na_base_pair_step.j_auth_seq_id_2 
_ndb_struct_na_base_pair_step.j_PDB_ins_code_2 
1 A G 1  1_555 A C 36 1_555 A G 2  1_555 A C 35 1_555 0.326  -1.274 3.408 4.884   10.643   39.913   -2.929 0.059  3.004 15.200  
-6.974  41.528   1 AA_G1G2:C35C36_AA   A 1  ? A 36 ? A 2  ? A 35 ? 
1 A G 2  1_555 A C 35 1_555 A G 4  1_555 A C 33 1_555 -0.384 -4.192 6.027 -11.274 16.948   52.124   -6.139 -0.687 4.555 18.505  
12.310  55.697   2 AA_G2G4:C33C35_AA   A 2  ? A 35 ? A 4  ? A 33 ? 
1 A G 4  1_555 A C 33 1_555 A C 5  1_555 A G 32 1_555 2.923  -1.237 2.553 10.843  -7.415   40.342   -1.009 -3.019 3.363 -10.423 
-15.241 42.342   3 AA_G4C5:G32C33_AA   A 4  ? A 33 ? A 5  ? A 32 ? 
1 A C 5  1_555 A G 32 1_555 A G 6  1_555 A A 14 1_555 -0.147 3.093  4.417 28.450  6.001    -32.559  -4.954 3.454  3.027 -8.828  
41.851  -43.388  4 AA_C5G6:A14G32_AA   A 5  ? A 32 ? A 6  ? A 14 ? 
1 A G 9  1_555 A C 18 1_555 A G 13 1_555 A G 26 1_555 6.643  0.897  0.254 32.697  -138.225 8.940    0.914  -3.407 0.675 -86.089 
-20.364 142.160  5 AA_G9G13:G26C18_AA  A 9  ? A 18 ? A 13 ? A 26 ? 
1 A G 12 1_555 A G 25 1_555 A G 15 1_555 A G 22 1_555 1.580  3.056  0.819 -10.915 15.052   -175.971 -1.531 0.789  0.810 -7.530  
-5.461  -176.024 6 AA_G12G15:G22G25_AA A 12 ? A 25 ? A 15 ? A 22 ? 
1 A G 15 1_555 A G 22 1_555 A G 16 1_555 A G 23 1_555 -0.178 -1.394 3.135 1.841   2.438    25.606   -3.761 0.880  2.972 5.477   
-4.135  25.784   7 AA_G15G16:G23G22_AA A 15 ? A 22 ? A 16 ? A 23 ? 
1 A G 16 1_555 A G 23 1_555 A U 27 1_555 A A 21 1_555 1.762  -0.562 3.944 14.795  3.070    -155.127 0.276  0.959  3.895 -1.571  
7.573   -155.346 8 AA_G16U27:A21G23_AA A 16 ? A 23 ? A 27 ? A 21 ? 
1 A U 27 1_555 A A 21 1_555 A C 28 1_555 A G 20 1_555 1.157  1.152  2.240 -2.561  7.618    13.345   -0.135 -5.746 2.293 29.533  
9.927   15.569   9 AA_U27C28:G20A21_AA A 27 ? A 21 ? A 28 ? A 20 ? 
# 
loop_
_pdbx_entity_nonpoly.entity_id 
_pdbx_entity_nonpoly.name 
_pdbx_entity_nonpoly.comp_id 
2 'POTASSIUM ION'                                                                  K   
3 '1-methyl-4-[(Z)-(3-methyl-1,3-benzothiazol-2(3H)-ylidene)methyl]quinolin-1-ium' J0D 
# 
_pdbx_initial_refinement_model.id               1 
_pdbx_initial_refinement_model.entity_id_list   ? 
_pdbx_initial_refinement_model.type             'experimental model' 
_pdbx_initial_refinement_model.source_name      PDB 
_pdbx_initial_refinement_model.accession_code   6E81 
_pdbx_initial_refinement_model.details          ? 
# 
_pdbx_struct_assembly_auth_evidence.id                     1 
_pdbx_struct_assembly_auth_evidence.assembly_id            1 
_pdbx_struct_assembly_auth_evidence.experimental_support   'equilibrium centrifugation' 
_pdbx_struct_assembly_auth_evidence.details                ? 
# 
